data_9NOD
# 
_entry.id   9NOD 
# 
_audit_conform.dict_name       mmcif_pdbx.dic 
_audit_conform.dict_version    5.406 
_audit_conform.dict_location   http://mmcif.pdb.org/dictionaries/ascii/mmcif_pdbx.dic 
# 
loop_
_database_2.database_id 
_database_2.database_code 
_database_2.pdbx_database_accession 
_database_2.pdbx_DOI 
PDB   9NOD         pdb_00009nod 10.2210/pdb9nod/pdb 
WWPDB D_1000293876 ?            ?                   
# 
_pdbx_audit_revision_history.ordinal             1 
_pdbx_audit_revision_history.data_content_type   'Structure model' 
_pdbx_audit_revision_history.major_revision      1 
_pdbx_audit_revision_history.minor_revision      0 
_pdbx_audit_revision_history.revision_date       2025-09-10 
_pdbx_audit_revision_history.part_number         ? 
# 
_pdbx_audit_revision_details.ordinal             1 
_pdbx_audit_revision_details.revision_ordinal    1 
_pdbx_audit_revision_details.data_content_type   'Structure model' 
_pdbx_audit_revision_details.provider            repository 
_pdbx_audit_revision_details.type                'Initial release' 
_pdbx_audit_revision_details.description         ? 
_pdbx_audit_revision_details.details             ? 
# 
_database_PDB_caveat.id     1 
_database_PDB_caveat.text   'The reported B-factor values are very high, more than eight times the Wilson B-factor.' 
# 
_pdbx_database_status.status_code                     REL 
_pdbx_database_status.status_code_sf                  REL 
_pdbx_database_status.status_code_mr                  ? 
_pdbx_database_status.entry_id                        9NOD 
_pdbx_database_status.recvd_initial_deposition_date   2025-03-09 
_pdbx_database_status.SG_entry                        N 
_pdbx_database_status.deposit_site                    RCSB 
_pdbx_database_status.process_site                    RCSB 
_pdbx_database_status.status_code_cs                  ? 
_pdbx_database_status.status_code_nmr_data            ? 
_pdbx_database_status.methods_development_category    ? 
_pdbx_database_status.pdb_format_compatible           Y 
# 
_pdbx_contact_author.id                 2 
_pdbx_contact_author.email              rs17@nyu.edu 
_pdbx_contact_author.name_first         Ruojie 
_pdbx_contact_author.name_last          Sha 
_pdbx_contact_author.name_mi            ? 
_pdbx_contact_author.role               'principal investigator/group leader' 
_pdbx_contact_author.identifier_ORCID   0000-0002-0807-734X 
# 
loop_
_audit_author.name 
_audit_author.pdbx_ordinal 
_audit_author.identifier_ORCID 
'Horvath, A.'   1 0009-0008-5770-8014 
'Woloszyn, K.'  2 0000-0003-1200-583X 
'Vecchioni, S.' 3 0000-0001-8243-650X 
'Ohayon, Y.P.'  4 0000-0001-7500-4282 
'Sha, R.'       5 0000-0002-0807-734X 
# 
_citation.abstract                  ? 
_citation.abstract_id_CAS           ? 
_citation.book_id_ISBN              ? 
_citation.book_publisher            ? 
_citation.book_publisher_city       ? 
_citation.book_title                ? 
_citation.coordinate_linkage        ? 
_citation.country                   ? 
_citation.database_id_Medline       ? 
_citation.details                   ? 
_citation.id                        primary 
_citation.journal_abbrev            'To Be Published' 
_citation.journal_id_ASTM           ? 
_citation.journal_id_CSD            0353 
_citation.journal_id_ISSN           ? 
_citation.journal_full              ? 
_citation.journal_issue             ? 
_citation.journal_volume            ? 
_citation.language                  ? 
_citation.page_first                ? 
_citation.page_last                 ? 
_citation.title                     'Shifted tensegrity triangles' 
_citation.year                      ? 
_citation.database_id_CSD           ? 
_citation.pdbx_database_id_DOI      ? 
_citation.pdbx_database_id_PubMed   ? 
_citation.pdbx_database_id_patent   ? 
_citation.unpublished_flag          ? 
# 
loop_
_citation_author.citation_id 
_citation_author.name 
_citation_author.ordinal 
_citation_author.identifier_ORCID 
primary 'Horvath, A.'   1 0009-0008-5770-8014 
primary 'Woloszyn, K.'  2 0000-0003-1200-583X 
primary 'Vecchioni, S.' 3 0000-0001-8243-650X 
primary 'Ohayon, Y.P.'  4 0000-0001-7500-4282 
primary 'Sha, R.'       5 0000-0002-0807-734X 
# 
loop_
_entity.id 
_entity.type 
_entity.src_method 
_entity.pdbx_description 
_entity.formula_weight 
_entity.pdbx_number_of_molecules 
_entity.pdbx_ec 
_entity.pdbx_mutation 
_entity.pdbx_fragment 
_entity.details 
1 polymer syn 
;DNA (5'-D(*AP*AP*AP*TP*TP*CP*TP*CP*TP*AP*CP*TP*GP*TP*GP*GP*AP*T)-3')
;
5505.589 1 ? ? ? ? 
2 polymer syn 
;DNA (5'-D(*TP*CP*AP*TP*CP*CP*T)-3')
;
2048.373 1 ? ? ? ? 
3 polymer syn 
;DNA (5'-D(P*GP*GP*AP*CP*AP*GP*TP*AP*GP*AP*GP*AP*AP*T)-3')
;
4377.879 1 ? ? ? ? 
4 polymer syn 
;DNA (5'-D(*AP*CP*C)-3')
;
846.613  1 ? ? ? ? 
# 
loop_
_entity_poly.entity_id 
_entity_poly.type 
_entity_poly.nstd_linkage 
_entity_poly.nstd_monomer 
_entity_poly.pdbx_seq_one_letter_code 
_entity_poly.pdbx_seq_one_letter_code_can 
_entity_poly.pdbx_strand_id 
_entity_poly.pdbx_target_identifier 
1 polydeoxyribonucleotide no no '(DA)(DA)(DA)(DT)(DT)(DC)(DT)(DC)(DT)(DA)(DC)(DT)(DG)(DT)(DG)(DG)(DA)(DT)' AAATTCTCTACTGTGGAT A ? 
2 polydeoxyribonucleotide no no '(DT)(DC)(DA)(DT)(DC)(DC)(DT)'                                             TCATCCT            B ? 
3 polydeoxyribonucleotide no no '(DG)(DG)(DA)(DC)(DA)(DG)(DT)(DA)(DG)(DA)(DG)(DA)(DA)(DT)'                 GGACAGTAGAGAAT     C ? 
4 polydeoxyribonucleotide no no '(DA)(DC)(DC)'                                                             ACC                D ? 
# 
loop_
_entity_poly_seq.entity_id 
_entity_poly_seq.num 
_entity_poly_seq.mon_id 
_entity_poly_seq.hetero 
1 1  DA n 
1 2  DA n 
1 3  DA n 
1 4  DT n 
1 5  DT n 
1 6  DC n 
1 7  DT n 
1 8  DC n 
1 9  DT n 
1 10 DA n 
1 11 DC n 
1 12 DT n 
1 13 DG n 
1 14 DT n 
1 15 DG n 
1 16 DG n 
1 17 DA n 
1 18 DT n 
2 1  DT n 
2 2  DC n 
2 3  DA n 
2 4  DT n 
2 5  DC n 
2 6  DC n 
2 7  DT n 
3 1  DG n 
3 2  DG n 
3 3  DA n 
3 4  DC n 
3 5  DA n 
3 6  DG n 
3 7  DT n 
3 8  DA n 
3 9  DG n 
3 10 DA n 
3 11 DG n 
3 12 DA n 
3 13 DA n 
3 14 DT n 
4 1  DA n 
4 2  DC n 
4 3  DC n 
# 
loop_
_pdbx_entity_src_syn.entity_id 
_pdbx_entity_src_syn.pdbx_src_id 
_pdbx_entity_src_syn.pdbx_alt_source_flag 
_pdbx_entity_src_syn.pdbx_beg_seq_num 
_pdbx_entity_src_syn.pdbx_end_seq_num 
_pdbx_entity_src_syn.organism_scientific 
_pdbx_entity_src_syn.organism_common_name 
_pdbx_entity_src_syn.ncbi_taxonomy_id 
_pdbx_entity_src_syn.details 
1 1 sample 1 18 'synthetic construct' ? 32630 ? 
2 1 sample 1 7  'synthetic construct' ? 32630 ? 
3 1 sample 1 14 'synthetic construct' ? 32630 ? 
4 1 sample 1 3  'synthetic construct' ? 32630 ? 
# 
loop_
_chem_comp.id 
_chem_comp.type 
_chem_comp.mon_nstd_flag 
_chem_comp.name 
_chem_comp.pdbx_synonyms 
_chem_comp.formula 
_chem_comp.formula_weight 
DA 'DNA linking' y "2'-DEOXYADENOSINE-5'-MONOPHOSPHATE" ? 'C10 H14 N5 O6 P' 331.222 
DC 'DNA linking' y "2'-DEOXYCYTIDINE-5'-MONOPHOSPHATE"  ? 'C9 H14 N3 O7 P'  307.197 
DG 'DNA linking' y "2'-DEOXYGUANOSINE-5'-MONOPHOSPHATE" ? 'C10 H14 N5 O7 P' 347.221 
DT 'DNA linking' y "THYMIDINE-5'-MONOPHOSPHATE"         ? 'C10 H15 N2 O8 P' 322.208 
# 
loop_
_pdbx_poly_seq_scheme.asym_id 
_pdbx_poly_seq_scheme.entity_id 
_pdbx_poly_seq_scheme.seq_id 
_pdbx_poly_seq_scheme.mon_id 
_pdbx_poly_seq_scheme.ndb_seq_num 
_pdbx_poly_seq_scheme.pdb_seq_num 
_pdbx_poly_seq_scheme.auth_seq_num 
_pdbx_poly_seq_scheme.pdb_mon_id 
_pdbx_poly_seq_scheme.auth_mon_id 
_pdbx_poly_seq_scheme.pdb_strand_id 
_pdbx_poly_seq_scheme.pdb_ins_code 
_pdbx_poly_seq_scheme.hetero 
A 1 1  DA 1  -3 -3 DA DA A . n 
A 1 2  DA 2  -2 -2 DA DA A . n 
A 1 3  DA 3  -1 -1 DA DA A . n 
A 1 4  DT 4  0  0  DT DT A . n 
A 1 5  DT 5  1  1  DT DT A . n 
A 1 6  DC 6  2  2  DC DC A . n 
A 1 7  DT 7  3  3  DT DT A . n 
A 1 8  DC 8  4  4  DC DC A . n 
A 1 9  DT 9  5  5  DT DT A . n 
A 1 10 DA 10 6  6  DA DA A . n 
A 1 11 DC 11 7  7  DC DC A . n 
A 1 12 DT 12 8  8  DT DT A . n 
A 1 13 DG 13 9  9  DG DG A . n 
A 1 14 DT 14 10 10 DT DT A . n 
A 1 15 DG 15 11 11 DG DG A . n 
A 1 16 DG 16 12 12 DG DG A . n 
A 1 17 DA 17 13 13 DA DA A . n 
A 1 18 DT 18 14 14 DT DT A . n 
B 2 1  DT 1  5  5  DT DT B . n 
B 2 2  DC 2  6  6  DC DC B . n 
B 2 3  DA 3  7  7  DA DA B . n 
B 2 4  DT 4  8  8  DT DT B . n 
B 2 5  DC 5  9  9  DC DC B . n 
B 2 6  DC 6  10 10 DC DC B . n 
B 2 7  DT 7  11 11 DT DT B . n 
C 3 1  DG 1  1  1  DG DG C . n 
C 3 2  DG 2  2  2  DG DG C . n 
C 3 3  DA 3  3  3  DA DA C . n 
C 3 4  DC 4  4  4  DC DC C . n 
C 3 5  DA 5  5  5  DA DA C . n 
C 3 6  DG 6  6  6  DG DG C . n 
C 3 7  DT 7  7  7  DT DT C . n 
C 3 8  DA 8  8  8  DA DA C . n 
C 3 9  DG 9  9  9  DG DG C . n 
C 3 10 DA 10 10 10 DA DA C . n 
C 3 11 DG 11 11 11 DG DG C . n 
C 3 12 DA 12 12 12 DA DA C . n 
C 3 13 DA 13 13 13 DA DA C . n 
C 3 14 DT 14 14 14 DT DT C . n 
D 4 1  DA 1  1  1  DA DA D . n 
D 4 2  DC 2  2  2  DC DC D . n 
D 4 3  DC 3  3  3  DC DC D . n 
# 
loop_
_software.citation_id 
_software.classification 
_software.compiler_name 
_software.compiler_version 
_software.contact_author 
_software.contact_author_email 
_software.date 
_software.description 
_software.dependencies 
_software.hardware 
_software.language 
_software.location 
_software.mods 
_software.name 
_software.os 
_software.os_version 
_software.type 
_software.version 
_software.pdbx_ordinal 
? refinement       ? ? ? ? ? ? ? ? ? ? ? PHENIX    ? ? ? 1.21.1_5286 1 
? 'data reduction' ? ? ? ? ? ? ? ? ? ? ? autoPROC  ? ? ? .           2 
? 'data scaling'   ? ? ? ? ? ? ? ? ? ? ? STARANISO ? ? ? .           3 
? phasing          ? ? ? ? ? ? ? ? ? ? ? PHASER    ? ? ? .           4 
# 
_cell.angle_alpha                  90.000 
_cell.angle_alpha_esd              ? 
_cell.angle_beta                   90.000 
_cell.angle_beta_esd               ? 
_cell.angle_gamma                  120.000 
_cell.angle_gamma_esd              ? 
_cell.entry_id                     9NOD 
_cell.details                      ? 
_cell.formula_units_Z              ? 
_cell.length_a                     89.487 
_cell.length_a_esd                 ? 
_cell.length_b                     89.487 
_cell.length_b_esd                 ? 
_cell.length_c                     139.818 
_cell.length_c_esd                 ? 
_cell.volume                       969646.904 
_cell.volume_esd                   ? 
_cell.Z_PDB                        9 
_cell.reciprocal_angle_alpha       ? 
_cell.reciprocal_angle_beta        ? 
_cell.reciprocal_angle_gamma       ? 
_cell.reciprocal_angle_alpha_esd   ? 
_cell.reciprocal_angle_beta_esd    ? 
_cell.reciprocal_angle_gamma_esd   ? 
_cell.reciprocal_length_a          ? 
_cell.reciprocal_length_b          ? 
_cell.reciprocal_length_c          ? 
_cell.reciprocal_length_a_esd      ? 
_cell.reciprocal_length_b_esd      ? 
_cell.reciprocal_length_c_esd      ? 
_cell.pdbx_unique_axis             ? 
_cell.pdbx_esd_method              ? 
# 
_symmetry.entry_id                         9NOD 
_symmetry.cell_setting                     ? 
_symmetry.Int_Tables_number                146 
_symmetry.space_group_name_Hall            'R 3' 
_symmetry.space_group_name_H-M             'H 3' 
_symmetry.pdbx_full_space_group_name_H-M   ? 
# 
_exptl.absorpt_coefficient_mu     ? 
_exptl.absorpt_correction_T_max   ? 
_exptl.absorpt_correction_T_min   ? 
_exptl.absorpt_correction_type    ? 
_exptl.absorpt_process_details    ? 
_exptl.entry_id                   9NOD 
_exptl.crystals_number            1 
_exptl.details                    ? 
_exptl.method                     'X-RAY DIFFRACTION' 
_exptl.method_details             ? 
# 
_exptl_crystal.colour                       ? 
_exptl_crystal.density_diffrn               ? 
_exptl_crystal.density_Matthews             ? 
_exptl_crystal.density_method               ? 
_exptl_crystal.density_percent_sol          ? 
_exptl_crystal.description                  ? 
_exptl_crystal.F_000                        ? 
_exptl_crystal.id                           1 
_exptl_crystal.preparation                  ? 
_exptl_crystal.size_max                     ? 
_exptl_crystal.size_mid                     ? 
_exptl_crystal.size_min                     ? 
_exptl_crystal.size_rad                     ? 
_exptl_crystal.colour_lustre                ? 
_exptl_crystal.colour_modifier              ? 
_exptl_crystal.colour_primary               ? 
_exptl_crystal.density_meas                 ? 
_exptl_crystal.density_meas_esd             ? 
_exptl_crystal.density_meas_gt              ? 
_exptl_crystal.density_meas_lt              ? 
_exptl_crystal.density_meas_temp            ? 
_exptl_crystal.density_meas_temp_esd        ? 
_exptl_crystal.density_meas_temp_gt         ? 
_exptl_crystal.density_meas_temp_lt         ? 
_exptl_crystal.pdbx_crystal_image_url       ? 
_exptl_crystal.pdbx_crystal_image_format    ? 
_exptl_crystal.pdbx_mosaicity               ? 
_exptl_crystal.pdbx_mosaicity_esd           ? 
_exptl_crystal.pdbx_mosaic_method           ? 
_exptl_crystal.pdbx_mosaic_block_size       ? 
_exptl_crystal.pdbx_mosaic_block_size_esd   ? 
# 
_exptl_crystal_grow.apparatus       ? 
_exptl_crystal_grow.atmosphere      ? 
_exptl_crystal_grow.crystal_id      1 
_exptl_crystal_grow.details         ? 
_exptl_crystal_grow.method          'VAPOR DIFFUSION, HANGING DROP' 
_exptl_crystal_grow.method_ref      ? 
_exptl_crystal_grow.pH              ? 
_exptl_crystal_grow.pressure        ? 
_exptl_crystal_grow.pressure_esd    ? 
_exptl_crystal_grow.seeding         ? 
_exptl_crystal_grow.seeding_ref     ? 
_exptl_crystal_grow.temp_details    '338-293 at 0.4/hr' 
_exptl_crystal_grow.temp_esd        ? 
_exptl_crystal_grow.time            ? 
_exptl_crystal_grow.pdbx_details    '100 mM MOPS, 1.25 M magnesium sulfate' 
_exptl_crystal_grow.pdbx_pH_range   ? 
_exptl_crystal_grow.temp            293 
# 
_diffrn.ambient_environment              ? 
_diffrn.ambient_temp                     100 
_diffrn.ambient_temp_details             ? 
_diffrn.ambient_temp_esd                 ? 
_diffrn.crystal_id                       1 
_diffrn.crystal_support                  ? 
_diffrn.crystal_treatment                ? 
_diffrn.details                          ? 
_diffrn.id                               1 
_diffrn.ambient_pressure                 ? 
_diffrn.ambient_pressure_esd             ? 
_diffrn.ambient_pressure_gt              ? 
_diffrn.ambient_pressure_lt              ? 
_diffrn.ambient_temp_gt                  ? 
_diffrn.ambient_temp_lt                  ? 
_diffrn.pdbx_serial_crystal_experiment   N 
# 
_diffrn_detector.details                      ? 
_diffrn_detector.detector                     PIXEL 
_diffrn_detector.diffrn_id                    1 
_diffrn_detector.type                         'DECTRIS EIGER X 9M' 
_diffrn_detector.area_resol_mean              ? 
_diffrn_detector.dtime                        ? 
_diffrn_detector.pdbx_frames_total            ? 
_diffrn_detector.pdbx_collection_time_total   ? 
_diffrn_detector.pdbx_collection_date         2023-07-24 
_diffrn_detector.pdbx_frequency               ? 
_diffrn_detector.id                           ? 
_diffrn_detector.number_of_axes               ? 
# 
_diffrn_radiation.collimation                      ? 
_diffrn_radiation.diffrn_id                        1 
_diffrn_radiation.filter_edge                      ? 
_diffrn_radiation.inhomogeneity                    ? 
_diffrn_radiation.monochromator                    ? 
_diffrn_radiation.polarisn_norm                    ? 
_diffrn_radiation.polarisn_ratio                   ? 
_diffrn_radiation.probe                            ? 
_diffrn_radiation.type                             ? 
_diffrn_radiation.xray_symbol                      ? 
_diffrn_radiation.wavelength_id                    1 
_diffrn_radiation.pdbx_monochromatic_or_laue_m_l   M 
_diffrn_radiation.pdbx_wavelength_list             ? 
_diffrn_radiation.pdbx_wavelength                  ? 
_diffrn_radiation.pdbx_diffrn_protocol             'SINGLE WAVELENGTH' 
_diffrn_radiation.pdbx_analyzer                    ? 
_diffrn_radiation.pdbx_scattering_type             x-ray 
# 
_diffrn_radiation_wavelength.id           1 
_diffrn_radiation_wavelength.wavelength   0.979338 
_diffrn_radiation_wavelength.wt           1.0 
# 
_diffrn_source.current                     ? 
_diffrn_source.details                     ? 
_diffrn_source.diffrn_id                   1 
_diffrn_source.power                       ? 
_diffrn_source.size                        ? 
_diffrn_source.source                      SYNCHROTRON 
_diffrn_source.target                      ? 
_diffrn_source.type                        'APS BEAMLINE 17-ID' 
_diffrn_source.voltage                     ? 
_diffrn_source.take-off_angle              ? 
_diffrn_source.pdbx_wavelength_list        0.979338 
_diffrn_source.pdbx_wavelength             ? 
_diffrn_source.pdbx_synchrotron_beamline   17-ID 
_diffrn_source.pdbx_synchrotron_site       APS 
# 
_reflns.B_iso_Wilson_estimate                          163.19 
_reflns.entry_id                                       9NOD 
_reflns.data_reduction_details                         ? 
_reflns.data_reduction_method                          ? 
_reflns.d_resolution_high                              7.230 
_reflns.d_resolution_low                               67.782 
_reflns.details                                        ? 
_reflns.limit_h_max                                    ? 
_reflns.limit_h_min                                    ? 
_reflns.limit_k_max                                    ? 
_reflns.limit_k_min                                    ? 
_reflns.limit_l_max                                    ? 
_reflns.limit_l_min                                    ? 
_reflns.number_all                                     ? 
_reflns.number_obs                                     446 
_reflns.observed_criterion                             ? 
_reflns.observed_criterion_F_max                       ? 
_reflns.observed_criterion_F_min                       ? 
_reflns.observed_criterion_I_max                       ? 
_reflns.observed_criterion_I_min                       ? 
_reflns.observed_criterion_sigma_F                     ? 
_reflns.observed_criterion_sigma_I                     ? 
_reflns.percent_possible_obs                           80.7 
_reflns.R_free_details                                 ? 
_reflns.Rmerge_F_all                                   ? 
_reflns.Rmerge_F_obs                                   ? 
_reflns.Friedel_coverage                               ? 
_reflns.number_gt                                      ? 
_reflns.threshold_expression                           ? 
_reflns.pdbx_redundancy                                5.1 
_reflns.pdbx_netI_over_av_sigmaI                       ? 
_reflns.pdbx_netI_over_sigmaI                          4.3 
_reflns.pdbx_res_netI_over_av_sigmaI_2                 ? 
_reflns.pdbx_res_netI_over_sigmaI_2                    ? 
_reflns.pdbx_chi_squared                               ? 
_reflns.pdbx_scaling_rejects                           ? 
_reflns.pdbx_d_res_high_opt                            ? 
_reflns.pdbx_d_res_low_opt                             ? 
_reflns.pdbx_d_res_opt_method                          ? 
_reflns.phase_calculation_details                      ? 
_reflns.pdbx_Rrim_I_all                                ? 
_reflns.pdbx_Rpim_I_all                                ? 
_reflns.pdbx_d_opt                                     ? 
_reflns.pdbx_number_measured_all                       ? 
_reflns.pdbx_diffrn_id                                 1 
_reflns.pdbx_ordinal                                   1 
_reflns.pdbx_CC_half                                   0.996 
_reflns.pdbx_CC_star                                   ? 
_reflns.pdbx_R_split                                   ? 
_reflns.pdbx_Rmerge_I_obs                              ? 
_reflns.pdbx_Rmerge_I_all                              ? 
_reflns.pdbx_Rsym_value                                ? 
_reflns.pdbx_CC_split_method                           ? 
_reflns.pdbx_aniso_diffraction_limit_axis_1_ortho[1]   ? 
_reflns.pdbx_aniso_diffraction_limit_axis_1_ortho[2]   ? 
_reflns.pdbx_aniso_diffraction_limit_axis_1_ortho[3]   ? 
_reflns.pdbx_aniso_diffraction_limit_axis_2_ortho[1]   ? 
_reflns.pdbx_aniso_diffraction_limit_axis_2_ortho[2]   ? 
_reflns.pdbx_aniso_diffraction_limit_axis_2_ortho[3]   ? 
_reflns.pdbx_aniso_diffraction_limit_axis_3_ortho[1]   ? 
_reflns.pdbx_aniso_diffraction_limit_axis_3_ortho[2]   ? 
_reflns.pdbx_aniso_diffraction_limit_axis_3_ortho[3]   ? 
_reflns.pdbx_aniso_diffraction_limit_1                 ? 
_reflns.pdbx_aniso_diffraction_limit_2                 ? 
_reflns.pdbx_aniso_diffraction_limit_3                 ? 
_reflns.pdbx_aniso_B_tensor_eigenvector_1_ortho[1]     ? 
_reflns.pdbx_aniso_B_tensor_eigenvector_1_ortho[2]     ? 
_reflns.pdbx_aniso_B_tensor_eigenvector_1_ortho[3]     ? 
_reflns.pdbx_aniso_B_tensor_eigenvector_2_ortho[1]     ? 
_reflns.pdbx_aniso_B_tensor_eigenvector_2_ortho[2]     ? 
_reflns.pdbx_aniso_B_tensor_eigenvector_2_ortho[3]     ? 
_reflns.pdbx_aniso_B_tensor_eigenvector_3_ortho[1]     ? 
_reflns.pdbx_aniso_B_tensor_eigenvector_3_ortho[2]     ? 
_reflns.pdbx_aniso_B_tensor_eigenvector_3_ortho[3]     ? 
_reflns.pdbx_aniso_B_tensor_eigenvalue_1               ? 
_reflns.pdbx_aniso_B_tensor_eigenvalue_2               ? 
_reflns.pdbx_aniso_B_tensor_eigenvalue_3               ? 
_reflns.pdbx_orthogonalization_convention              ? 
_reflns.pdbx_percent_possible_ellipsoidal              ? 
_reflns.pdbx_percent_possible_spherical                ? 
_reflns.pdbx_percent_possible_ellipsoidal_anomalous    ? 
_reflns.pdbx_percent_possible_spherical_anomalous      ? 
_reflns.pdbx_redundancy_anomalous                      ? 
_reflns.pdbx_CC_half_anomalous                         ? 
_reflns.pdbx_absDiff_over_sigma_anomalous              ? 
_reflns.pdbx_percent_possible_anomalous                ? 
_reflns.pdbx_observed_signal_threshold                 ? 
_reflns.pdbx_signal_type                               ? 
_reflns.pdbx_signal_details                            ? 
_reflns.pdbx_signal_software_id                        ? 
# 
loop_
_reflns_shell.d_res_high 
_reflns_shell.d_res_low 
_reflns_shell.meanI_over_sigI_all 
_reflns_shell.meanI_over_sigI_obs 
_reflns_shell.number_measured_all 
_reflns_shell.number_measured_obs 
_reflns_shell.number_possible 
_reflns_shell.number_unique_all 
_reflns_shell.number_unique_obs 
_reflns_shell.percent_possible_obs 
_reflns_shell.Rmerge_F_all 
_reflns_shell.Rmerge_F_obs 
_reflns_shell.meanI_over_sigI_gt 
_reflns_shell.meanI_over_uI_all 
_reflns_shell.meanI_over_uI_gt 
_reflns_shell.number_measured_gt 
_reflns_shell.number_unique_gt 
_reflns_shell.percent_possible_gt 
_reflns_shell.Rmerge_F_gt 
_reflns_shell.Rmerge_I_gt 
_reflns_shell.pdbx_redundancy 
_reflns_shell.pdbx_chi_squared 
_reflns_shell.pdbx_netI_over_sigmaI_all 
_reflns_shell.pdbx_netI_over_sigmaI_obs 
_reflns_shell.pdbx_Rrim_I_all 
_reflns_shell.pdbx_Rpim_I_all 
_reflns_shell.pdbx_rejects 
_reflns_shell.pdbx_ordinal 
_reflns_shell.pdbx_diffrn_id 
_reflns_shell.pdbx_CC_half 
_reflns_shell.pdbx_CC_star 
_reflns_shell.pdbx_R_split 
_reflns_shell.percent_possible_all 
_reflns_shell.Rmerge_I_all 
_reflns_shell.Rmerge_I_obs 
_reflns_shell.pdbx_Rsym_value 
_reflns_shell.pdbx_percent_possible_ellipsoidal 
_reflns_shell.pdbx_percent_possible_spherical 
_reflns_shell.pdbx_percent_possible_ellipsoidal_anomalous 
_reflns_shell.pdbx_percent_possible_spherical_anomalous 
_reflns_shell.pdbx_redundancy_anomalous 
_reflns_shell.pdbx_CC_half_anomalous 
_reflns_shell.pdbx_absDiff_over_sigma_anomalous 
_reflns_shell.pdbx_percent_possible_anomalous 
7.230  10.032 ? ? ? ? ? ? 223 ? ? ? ? ? ? ? ? ? ? ? ? ? ? ? ? ? ? 1 1 0.716 ? ? ? ? ? ? ? ? ? ? ? ? ? ? 
10.084 67.782 ? ? ? ? ? ? 223 ? ? ? ? ? ? ? ? ? ? ? ? ? ? ? ? ? ? 2 1 0.996 ? ? ? ? ? ? ? ? ? ? ? ? ? ? 
# 
_refine.aniso_B[1][1]                            ? 
_refine.aniso_B[1][2]                            ? 
_refine.aniso_B[1][3]                            ? 
_refine.aniso_B[2][2]                            ? 
_refine.aniso_B[2][3]                            ? 
_refine.aniso_B[3][3]                            ? 
_refine.B_iso_max                                ? 
_refine.B_iso_mean                               535.93 
_refine.B_iso_min                                ? 
_refine.correlation_coeff_Fo_to_Fc               ? 
_refine.correlation_coeff_Fo_to_Fc_free          ? 
_refine.details                                  ? 
_refine.diff_density_max                         ? 
_refine.diff_density_max_esd                     ? 
_refine.diff_density_min                         ? 
_refine.diff_density_min_esd                     ? 
_refine.diff_density_rms                         ? 
_refine.diff_density_rms_esd                     ? 
_refine.entry_id                                 9NOD 
_refine.pdbx_refine_id                           'X-RAY DIFFRACTION' 
_refine.ls_abs_structure_details                 ? 
_refine.ls_abs_structure_Flack                   ? 
_refine.ls_abs_structure_Flack_esd               ? 
_refine.ls_abs_structure_Rogers                  ? 
_refine.ls_abs_structure_Rogers_esd              ? 
_refine.ls_d_res_high                            7.23 
_refine.ls_d_res_low                             37.34 
_refine.ls_extinction_coef                       ? 
_refine.ls_extinction_coef_esd                   ? 
_refine.ls_extinction_expression                 ? 
_refine.ls_extinction_method                     ? 
_refine.ls_goodness_of_fit_all                   ? 
_refine.ls_goodness_of_fit_all_esd               ? 
_refine.ls_goodness_of_fit_obs                   ? 
_refine.ls_goodness_of_fit_obs_esd               ? 
_refine.ls_hydrogen_treatment                    ? 
_refine.ls_matrix_type                           ? 
_refine.ls_number_constraints                    ? 
_refine.ls_number_parameters                     ? 
_refine.ls_number_reflns_all                     ? 
_refine.ls_number_reflns_obs                     433 
_refine.ls_number_reflns_R_free                  27 
_refine.ls_number_reflns_R_work                  406 
_refine.ls_number_restraints                     ? 
_refine.ls_percent_reflns_obs                    72.29 
_refine.ls_percent_reflns_R_free                 6.24 
_refine.ls_R_factor_all                          ? 
_refine.ls_R_factor_obs                          0.2411 
_refine.ls_R_factor_R_free                       0.2616 
_refine.ls_R_factor_R_free_error                 ? 
_refine.ls_R_factor_R_free_error_details         ? 
_refine.ls_R_factor_R_work                       0.2323 
_refine.ls_R_Fsqd_factor_obs                     ? 
_refine.ls_R_I_factor_obs                        ? 
_refine.ls_redundancy_reflns_all                 ? 
_refine.ls_redundancy_reflns_obs                 ? 
_refine.ls_restrained_S_all                      ? 
_refine.ls_restrained_S_obs                      ? 
_refine.ls_shift_over_esd_max                    ? 
_refine.ls_shift_over_esd_mean                   ? 
_refine.ls_structure_factor_coef                 ? 
_refine.ls_weighting_details                     ? 
_refine.ls_weighting_scheme                      ? 
_refine.ls_wR_factor_all                         ? 
_refine.ls_wR_factor_obs                         ? 
_refine.ls_wR_factor_R_free                      ? 
_refine.ls_wR_factor_R_work                      ? 
_refine.occupancy_max                            ? 
_refine.occupancy_min                            ? 
_refine.solvent_model_details                    'FLAT BULK SOLVENT MODEL' 
_refine.solvent_model_param_bsol                 ? 
_refine.solvent_model_param_ksol                 ? 
_refine.correlation_coeff_I_to_Fcsqd_work        ? 
_refine.correlation_coeff_I_to_Fcsqd_free        ? 
_refine.pdbx_R_complete                          ? 
_refine.ls_R_factor_gt                           ? 
_refine.ls_goodness_of_fit_gt                    ? 
_refine.ls_goodness_of_fit_ref                   ? 
_refine.ls_shift_over_su_max                     ? 
_refine.ls_shift_over_su_max_lt                  ? 
_refine.ls_shift_over_su_mean                    ? 
_refine.ls_shift_over_su_mean_lt                 ? 
_refine.pdbx_ls_sigma_I                          ? 
_refine.pdbx_ls_sigma_F                          2.01 
_refine.pdbx_ls_sigma_Fsqd                       ? 
_refine.pdbx_data_cutoff_high_absF               ? 
_refine.pdbx_data_cutoff_high_rms_absF           ? 
_refine.pdbx_data_cutoff_low_absF                ? 
_refine.pdbx_isotropic_thermal_model             ? 
_refine.pdbx_ls_cross_valid_method               'FREE R-VALUE' 
_refine.pdbx_method_to_determine_struct          'MOLECULAR REPLACEMENT' 
_refine.pdbx_starting_model                      ? 
_refine.pdbx_stereochemistry_target_values       'GeoStd + Monomer Library + CDL v1.2' 
_refine.pdbx_R_Free_selection_details            ? 
_refine.pdbx_stereochem_target_val_spec_case     ? 
_refine.pdbx_overall_ESU_R                       ? 
_refine.pdbx_overall_ESU_R_Free                  ? 
_refine.pdbx_solvent_vdw_probe_radii             1.1000 
_refine.pdbx_solvent_ion_probe_radii             ? 
_refine.pdbx_solvent_shrinkage_radii             0.9000 
_refine.pdbx_real_space_R                        ? 
_refine.pdbx_density_correlation                 ? 
_refine.pdbx_pd_number_of_powder_patterns        ? 
_refine.pdbx_pd_number_of_points                 ? 
_refine.pdbx_pd_meas_number_of_points            ? 
_refine.pdbx_pd_proc_ls_prof_R_factor            ? 
_refine.pdbx_pd_proc_ls_prof_wR_factor           ? 
_refine.pdbx_pd_Marquardt_correlation_coeff      ? 
_refine.pdbx_pd_Fsqrd_R_factor                   ? 
_refine.pdbx_pd_ls_matrix_band_width             ? 
_refine.pdbx_overall_phase_error                 35.9172 
_refine.pdbx_overall_SU_R_free_Cruickshank_DPI   ? 
_refine.pdbx_overall_SU_R_free_Blow_DPI          ? 
_refine.pdbx_overall_SU_R_Blow_DPI               ? 
_refine.pdbx_TLS_residual_ADP_flag               ? 
_refine.pdbx_diffrn_id                           1 
_refine.overall_SU_B                             ? 
_refine.overall_SU_ML                            1.6052 
_refine.overall_SU_R_Cruickshank_DPI             ? 
_refine.overall_SU_R_free                        ? 
_refine.overall_FOM_free_R_set                   ? 
_refine.overall_FOM_work_R_set                   ? 
_refine.pdbx_average_fsc_overall                 ? 
_refine.pdbx_average_fsc_work                    ? 
_refine.pdbx_average_fsc_free                    ? 
# 
_refine_hist.pdbx_refine_id                   'X-RAY DIFFRACTION' 
_refine_hist.cycle_id                         LAST 
_refine_hist.details                          ? 
_refine_hist.d_res_high                       7.23 
_refine_hist.d_res_low                        37.34 
_refine_hist.number_atoms_solvent             0 
_refine_hist.number_atoms_total               851 
_refine_hist.number_reflns_all                ? 
_refine_hist.number_reflns_obs                ? 
_refine_hist.number_reflns_R_free             ? 
_refine_hist.number_reflns_R_work             ? 
_refine_hist.R_factor_all                     ? 
_refine_hist.R_factor_obs                     ? 
_refine_hist.R_factor_R_free                  ? 
_refine_hist.R_factor_R_work                  ? 
_refine_hist.pdbx_number_residues_total       ? 
_refine_hist.pdbx_B_iso_mean_ligand           ? 
_refine_hist.pdbx_B_iso_mean_solvent          ? 
_refine_hist.pdbx_number_atoms_protein        0 
_refine_hist.pdbx_number_atoms_nucleic_acid   851 
_refine_hist.pdbx_number_atoms_ligand         0 
_refine_hist.pdbx_number_atoms_lipid          ? 
_refine_hist.pdbx_number_atoms_carb           ? 
_refine_hist.pdbx_pseudo_atom_details         ? 
# 
loop_
_refine_ls_restr.pdbx_refine_id 
_refine_ls_restr.criterion 
_refine_ls_restr.dev_ideal 
_refine_ls_restr.dev_ideal_target 
_refine_ls_restr.number 
_refine_ls_restr.rejects 
_refine_ls_restr.type 
_refine_ls_restr.weight 
_refine_ls_restr.pdbx_restraint_function 
'X-RAY DIFFRACTION' ? 0.0048  ? 952  ? f_bond_d           ? ? 
'X-RAY DIFFRACTION' ? 0.6962  ? 1461 ? f_angle_d          ? ? 
'X-RAY DIFFRACTION' ? 0.0360  ? 165  ? f_chiral_restr     ? ? 
'X-RAY DIFFRACTION' ? 0.0036  ? 42   ? f_plane_restr      ? ? 
'X-RAY DIFFRACTION' ? 36.5936 ? 453  ? f_dihedral_angle_d ? ? 
# 
_refine_ls_shell.pdbx_refine_id                      'X-RAY DIFFRACTION' 
_refine_ls_shell.d_res_high                          7.23 
_refine_ls_shell.d_res_low                           37.34 
_refine_ls_shell.number_reflns_all                   ? 
_refine_ls_shell.number_reflns_obs                   ? 
_refine_ls_shell.number_reflns_R_free                27 
_refine_ls_shell.number_reflns_R_work                406 
_refine_ls_shell.percent_reflns_obs                  72.29 
_refine_ls_shell.percent_reflns_R_free               ? 
_refine_ls_shell.R_factor_all                        ? 
_refine_ls_shell.R_factor_obs                        ? 
_refine_ls_shell.R_factor_R_free_error               ? 
_refine_ls_shell.R_factor_R_work                     0.2323 
_refine_ls_shell.redundancy_reflns_all               ? 
_refine_ls_shell.redundancy_reflns_obs               ? 
_refine_ls_shell.wR_factor_all                       ? 
_refine_ls_shell.wR_factor_obs                       ? 
_refine_ls_shell.wR_factor_R_free                    ? 
_refine_ls_shell.wR_factor_R_work                    ? 
_refine_ls_shell.pdbx_R_complete                     ? 
_refine_ls_shell.correlation_coeff_Fo_to_Fc          ? 
_refine_ls_shell.correlation_coeff_Fo_to_Fc_free     ? 
_refine_ls_shell.correlation_coeff_I_to_Fcsqd_work   ? 
_refine_ls_shell.correlation_coeff_I_to_Fcsqd_free   ? 
_refine_ls_shell.pdbx_total_number_of_bins_used      ? 
_refine_ls_shell.pdbx_phase_error                    ? 
_refine_ls_shell.pdbx_fsc_work                       ? 
_refine_ls_shell.pdbx_fsc_free                       ? 
_refine_ls_shell.R_factor_R_free                     0.2616 
# 
_struct.entry_id                     9NOD 
_struct.title                        
'[4,3,12-2] Shifted tensegrity triangle with an (arm,center,arm) distribution of (4,3,12) base pairs and 2 nt sticky ends' 
_struct.pdbx_model_details           ? 
_struct.pdbx_formula_weight          ? 
_struct.pdbx_formula_weight_method   ? 
_struct.pdbx_model_type_details      ? 
_struct.pdbx_CASP_flag               N 
# 
_struct_keywords.entry_id        9NOD 
_struct_keywords.text            'tensegrity triangle, DNA' 
_struct_keywords.pdbx_keywords   DNA 
# 
loop_
_struct_asym.id 
_struct_asym.pdbx_blank_PDB_chainid_flag 
_struct_asym.pdbx_modified 
_struct_asym.entity_id 
_struct_asym.details 
A N N 1 ? 
B N N 2 ? 
C N N 3 ? 
D N N 4 ? 
# 
loop_
_struct_ref.id 
_struct_ref.db_name 
_struct_ref.db_code 
_struct_ref.pdbx_db_accession 
_struct_ref.pdbx_db_isoform 
_struct_ref.entity_id 
_struct_ref.pdbx_seq_one_letter_code 
_struct_ref.pdbx_align_begin 
1 PDB 9NOD 9NOD ? 1 ? 1 
2 PDB 9NOD 9NOD ? 2 ? 1 
3 PDB 9NOD 9NOD ? 3 ? 1 
4 PDB 9NOD 9NOD ? 4 ? 1 
# 
loop_
_struct_ref_seq.align_id 
_struct_ref_seq.ref_id 
_struct_ref_seq.pdbx_PDB_id_code 
_struct_ref_seq.pdbx_strand_id 
_struct_ref_seq.seq_align_beg 
_struct_ref_seq.pdbx_seq_align_beg_ins_code 
_struct_ref_seq.seq_align_end 
_struct_ref_seq.pdbx_seq_align_end_ins_code 
_struct_ref_seq.pdbx_db_accession 
_struct_ref_seq.db_align_beg 
_struct_ref_seq.pdbx_db_align_beg_ins_code 
_struct_ref_seq.db_align_end 
_struct_ref_seq.pdbx_db_align_end_ins_code 
_struct_ref_seq.pdbx_auth_seq_align_beg 
_struct_ref_seq.pdbx_auth_seq_align_end 
1 1 9NOD A 1 ? 18 ? 9NOD -3 ? 14 ? -3 14 
2 2 9NOD B 1 ? 7  ? 9NOD 5  ? 11 ? 5  11 
3 3 9NOD C 1 ? 14 ? 9NOD 1  ? 14 ? 1  14 
4 4 9NOD D 1 ? 3  ? 9NOD 1  ? 3  ? 1  3  
# 
_pdbx_struct_assembly.id                   1 
_pdbx_struct_assembly.details              author_defined_assembly 
_pdbx_struct_assembly.method_details       ? 
_pdbx_struct_assembly.oligomeric_details   dodecameric 
_pdbx_struct_assembly.oligomeric_count     12 
# 
loop_
_pdbx_struct_assembly_gen.assembly_id 
_pdbx_struct_assembly_gen.oper_expression 
_pdbx_struct_assembly_gen.asym_id_list 
1 1 A,B,C,D 
1 2 A,B,C,D 
1 3 A,B,C,D 
# 
_pdbx_struct_assembly_auth_evidence.id                     1 
_pdbx_struct_assembly_auth_evidence.assembly_id            1 
_pdbx_struct_assembly_auth_evidence.experimental_support   'native gel electrophoresis' 
_pdbx_struct_assembly_auth_evidence.details                ? 
# 
loop_
_pdbx_struct_oper_list.id 
_pdbx_struct_oper_list.type 
_pdbx_struct_oper_list.name 
_pdbx_struct_oper_list.symmetry_operation 
_pdbx_struct_oper_list.matrix[1][1] 
_pdbx_struct_oper_list.matrix[1][2] 
_pdbx_struct_oper_list.matrix[1][3] 
_pdbx_struct_oper_list.vector[1] 
_pdbx_struct_oper_list.matrix[2][1] 
_pdbx_struct_oper_list.matrix[2][2] 
_pdbx_struct_oper_list.matrix[2][3] 
_pdbx_struct_oper_list.vector[2] 
_pdbx_struct_oper_list.matrix[3][1] 
_pdbx_struct_oper_list.matrix[3][2] 
_pdbx_struct_oper_list.matrix[3][3] 
_pdbx_struct_oper_list.vector[3] 
1 'identity operation'         1_555 x,y,z     1.0000000000  0.0000000000  0.0000000000 0.0000000000   0.0000000000  1.0000000000  0.0000000000 0.0000000000  0.0000000000 0.0000000000 1.0000000000 0.0000000000   
2 'crystal symmetry operation' 2_555 -y,x-y,z  -0.3043355777 0.9373919551  0.1693404222 -22.4195853131 -0.5623613659 -0.3202944341 0.7623392747 29.2799904314 0.7688494978 0.1367764524 0.6246300119 -2.3528942309  
3 'crystal symmetry operation' 3_555 -x+y,-x,z -0.3043355777 -0.5623613659 0.7688494978 11.4518795102  0.9373919551  -0.3202944341 0.1367764524 30.7159774016 0.1693404222 0.7623392747 0.6246300119 -17.0550562732 
# 
loop_
_struct_conn.id 
_struct_conn.conn_type_id 
_struct_conn.pdbx_leaving_atom_flag 
_struct_conn.pdbx_PDB_id 
_struct_conn.ptnr1_label_asym_id 
_struct_conn.ptnr1_label_comp_id 
_struct_conn.ptnr1_label_seq_id 
_struct_conn.ptnr1_label_atom_id 
_struct_conn.pdbx_ptnr1_label_alt_id 
_struct_conn.pdbx_ptnr1_PDB_ins_code 
_struct_conn.pdbx_ptnr1_standard_comp_id 
_struct_conn.ptnr1_symmetry 
_struct_conn.ptnr2_label_asym_id 
_struct_conn.ptnr2_label_comp_id 
_struct_conn.ptnr2_label_seq_id 
_struct_conn.ptnr2_label_atom_id 
_struct_conn.pdbx_ptnr2_label_alt_id 
_struct_conn.pdbx_ptnr2_PDB_ins_code 
_struct_conn.ptnr1_auth_asym_id 
_struct_conn.ptnr1_auth_comp_id 
_struct_conn.ptnr1_auth_seq_id 
_struct_conn.ptnr2_auth_asym_id 
_struct_conn.ptnr2_auth_comp_id 
_struct_conn.ptnr2_auth_seq_id 
_struct_conn.ptnr2_symmetry 
_struct_conn.pdbx_ptnr3_label_atom_id 
_struct_conn.pdbx_ptnr3_label_seq_id 
_struct_conn.pdbx_ptnr3_label_comp_id 
_struct_conn.pdbx_ptnr3_label_asym_id 
_struct_conn.pdbx_ptnr3_label_alt_id 
_struct_conn.pdbx_ptnr3_PDB_ins_code 
_struct_conn.details 
_struct_conn.pdbx_dist_value 
_struct_conn.pdbx_value_order 
_struct_conn.pdbx_role 
hydrog1  hydrog ? ? A DA 3  N1 ? ? ? 1_555 C DT 14 N3 ? ? A DA -1 C DT 14 1_555 ? ? ? ? ? ? WATSON-CRICK ? ? ? 
hydrog2  hydrog ? ? A DA 3  N6 ? ? ? 1_555 C DT 14 O4 ? ? A DA -1 C DT 14 1_555 ? ? ? ? ? ? WATSON-CRICK ? ? ? 
hydrog3  hydrog ? ? A DT 4  N3 ? ? ? 1_555 C DA 13 N1 ? ? A DT 0  C DA 13 1_555 ? ? ? ? ? ? WATSON-CRICK ? ? ? 
hydrog4  hydrog ? ? A DT 4  O4 ? ? ? 1_555 C DA 13 N6 ? ? A DT 0  C DA 13 1_555 ? ? ? ? ? ? WATSON-CRICK ? ? ? 
hydrog5  hydrog ? ? A DT 5  N3 ? ? ? 1_555 C DA 12 N1 ? ? A DT 1  C DA 12 1_555 ? ? ? ? ? ? WATSON-CRICK ? ? ? 
hydrog6  hydrog ? ? A DT 5  O4 ? ? ? 1_555 C DA 12 N6 ? ? A DT 1  C DA 12 1_555 ? ? ? ? ? ? WATSON-CRICK ? ? ? 
hydrog7  hydrog ? ? A DC 6  N3 ? ? ? 1_555 C DG 11 N1 ? ? A DC 2  C DG 11 1_555 ? ? ? ? ? ? WATSON-CRICK ? ? ? 
hydrog8  hydrog ? ? A DC 6  N4 ? ? ? 1_555 C DG 11 O6 ? ? A DC 2  C DG 11 1_555 ? ? ? ? ? ? WATSON-CRICK ? ? ? 
hydrog9  hydrog ? ? A DC 6  O2 ? ? ? 1_555 C DG 11 N2 ? ? A DC 2  C DG 11 1_555 ? ? ? ? ? ? WATSON-CRICK ? ? ? 
hydrog10 hydrog ? ? A DT 7  N3 ? ? ? 1_555 C DA 10 N1 ? ? A DT 3  C DA 10 1_555 ? ? ? ? ? ? 'DT-DA PAIR' ? ? ? 
hydrog11 hydrog ? ? A DC 8  N3 ? ? ? 1_555 C DG 9  N1 ? ? A DC 4  C DG 9  1_555 ? ? ? ? ? ? WATSON-CRICK ? ? ? 
hydrog12 hydrog ? ? A DC 8  N4 ? ? ? 1_555 C DG 9  O6 ? ? A DC 4  C DG 9  1_555 ? ? ? ? ? ? WATSON-CRICK ? ? ? 
hydrog13 hydrog ? ? A DC 8  O2 ? ? ? 1_555 C DG 9  N2 ? ? A DC 4  C DG 9  1_555 ? ? ? ? ? ? WATSON-CRICK ? ? ? 
hydrog14 hydrog ? ? A DT 9  N3 ? ? ? 1_555 C DA 8  N1 ? ? A DT 5  C DA 8  1_555 ? ? ? ? ? ? WATSON-CRICK ? ? ? 
hydrog15 hydrog ? ? A DT 9  O4 ? ? ? 1_555 C DA 8  N6 ? ? A DT 5  C DA 8  1_555 ? ? ? ? ? ? WATSON-CRICK ? ? ? 
hydrog16 hydrog ? ? A DA 10 N1 ? ? ? 1_555 C DT 7  N3 ? ? A DA 6  C DT 7  1_555 ? ? ? ? ? ? WATSON-CRICK ? ? ? 
hydrog17 hydrog ? ? A DA 10 N6 ? ? ? 1_555 C DT 7  O4 ? ? A DA 6  C DT 7  1_555 ? ? ? ? ? ? WATSON-CRICK ? ? ? 
hydrog18 hydrog ? ? A DC 11 N3 ? ? ? 1_555 C DG 6  N1 ? ? A DC 7  C DG 6  1_555 ? ? ? ? ? ? WATSON-CRICK ? ? ? 
hydrog19 hydrog ? ? A DC 11 N4 ? ? ? 1_555 C DG 6  O6 ? ? A DC 7  C DG 6  1_555 ? ? ? ? ? ? WATSON-CRICK ? ? ? 
hydrog20 hydrog ? ? A DC 11 O2 ? ? ? 1_555 C DG 6  N2 ? ? A DC 7  C DG 6  1_555 ? ? ? ? ? ? WATSON-CRICK ? ? ? 
hydrog21 hydrog ? ? A DT 12 N3 ? ? ? 1_555 C DA 5  N1 ? ? A DT 8  C DA 5  1_555 ? ? ? ? ? ? WATSON-CRICK ? ? ? 
hydrog22 hydrog ? ? A DT 12 O4 ? ? ? 1_555 C DA 5  N6 ? ? A DT 8  C DA 5  1_555 ? ? ? ? ? ? WATSON-CRICK ? ? ? 
hydrog23 hydrog ? ? A DG 13 N1 ? ? ? 1_555 C DC 4  N3 ? ? A DG 9  C DC 4  1_555 ? ? ? ? ? ? WATSON-CRICK ? ? ? 
hydrog24 hydrog ? ? A DG 13 N2 ? ? ? 1_555 C DC 4  O2 ? ? A DG 9  C DC 4  1_555 ? ? ? ? ? ? WATSON-CRICK ? ? ? 
hydrog25 hydrog ? ? A DG 13 O6 ? ? ? 1_555 C DC 4  N4 ? ? A DG 9  C DC 4  1_555 ? ? ? ? ? ? WATSON-CRICK ? ? ? 
hydrog26 hydrog ? ? A DT 14 N3 ? ? ? 1_555 C DA 3  N1 ? ? A DT 10 C DA 3  1_555 ? ? ? ? ? ? WATSON-CRICK ? ? ? 
hydrog27 hydrog ? ? A DT 14 O4 ? ? ? 1_555 C DA 3  N6 ? ? A DT 10 C DA 3  1_555 ? ? ? ? ? ? WATSON-CRICK ? ? ? 
hydrog28 hydrog ? ? A DG 15 N1 ? ? ? 1_555 B DC 6  N3 ? ? A DG 11 B DC 10 1_555 ? ? ? ? ? ? WATSON-CRICK ? ? ? 
hydrog29 hydrog ? ? A DG 15 N2 ? ? ? 1_555 B DC 6  O2 ? ? A DG 11 B DC 10 1_555 ? ? ? ? ? ? WATSON-CRICK ? ? ? 
hydrog30 hydrog ? ? A DG 15 O6 ? ? ? 1_555 B DC 6  N4 ? ? A DG 11 B DC 10 1_555 ? ? ? ? ? ? WATSON-CRICK ? ? ? 
hydrog31 hydrog ? ? A DG 16 N1 ? ? ? 1_555 B DC 5  N3 ? ? A DG 12 B DC 9  1_555 ? ? ? ? ? ? WATSON-CRICK ? ? ? 
hydrog32 hydrog ? ? A DG 16 N2 ? ? ? 1_555 B DC 5  O2 ? ? A DG 12 B DC 9  1_555 ? ? ? ? ? ? WATSON-CRICK ? ? ? 
hydrog33 hydrog ? ? A DG 16 O6 ? ? ? 1_555 B DC 5  N4 ? ? A DG 12 B DC 9  1_555 ? ? ? ? ? ? WATSON-CRICK ? ? ? 
hydrog34 hydrog ? ? A DA 17 N1 ? ? ? 1_555 B DT 4  N3 ? ? A DA 13 B DT 8  1_555 ? ? ? ? ? ? WATSON-CRICK ? ? ? 
hydrog35 hydrog ? ? A DA 17 N6 ? ? ? 1_555 B DT 4  O4 ? ? A DA 13 B DT 8  1_555 ? ? ? ? ? ? WATSON-CRICK ? ? ? 
hydrog36 hydrog ? ? A DT 18 N3 ? ? ? 1_555 B DA 3  N1 ? ? A DT 14 B DA 7  1_555 ? ? ? ? ? ? WATSON-CRICK ? ? ? 
hydrog37 hydrog ? ? A DT 18 O4 ? ? ? 1_555 B DA 3  N6 ? ? A DT 14 B DA 7  1_555 ? ? ? ? ? ? WATSON-CRICK ? ? ? 
hydrog38 hydrog ? ? B DT 7  N3 ? ? ? 1_555 D DA 1  N1 ? ? B DT 11 D DA 1  1_555 ? ? ? ? ? ? WATSON-CRICK ? ? ? 
hydrog39 hydrog ? ? B DT 7  O4 ? ? ? 1_555 D DA 1  N6 ? ? B DT 11 D DA 1  1_555 ? ? ? ? ? ? WATSON-CRICK ? ? ? 
hydrog40 hydrog ? ? C DG 1  N1 ? ? ? 1_555 D DC 3  N3 ? ? C DG 1  D DC 3  1_555 ? ? ? ? ? ? WATSON-CRICK ? ? ? 
hydrog41 hydrog ? ? C DG 1  N2 ? ? ? 1_555 D DC 3  O2 ? ? C DG 1  D DC 3  1_555 ? ? ? ? ? ? WATSON-CRICK ? ? ? 
hydrog42 hydrog ? ? C DG 1  O6 ? ? ? 1_555 D DC 3  N4 ? ? C DG 1  D DC 3  1_555 ? ? ? ? ? ? WATSON-CRICK ? ? ? 
hydrog43 hydrog ? ? C DG 2  N1 ? ? ? 1_555 D DC 2  N3 ? ? C DG 2  D DC 2  1_555 ? ? ? ? ? ? WATSON-CRICK ? ? ? 
hydrog44 hydrog ? ? C DG 2  N2 ? ? ? 1_555 D DC 2  O2 ? ? C DG 2  D DC 2  1_555 ? ? ? ? ? ? WATSON-CRICK ? ? ? 
hydrog45 hydrog ? ? C DG 2  O6 ? ? ? 1_555 D DC 2  N4 ? ? C DG 2  D DC 2  1_555 ? ? ? ? ? ? WATSON-CRICK ? ? ? 
# 
_struct_conn_type.id          hydrog 
_struct_conn_type.criteria    ? 
_struct_conn_type.reference   ? 
# 
_pdbx_entry_details.entry_id                   9NOD 
_pdbx_entry_details.compound_details           ? 
_pdbx_entry_details.source_details             ? 
_pdbx_entry_details.nonpolymer_details         ? 
_pdbx_entry_details.sequence_details           ? 
_pdbx_entry_details.has_ligand_of_interest     ? 
_pdbx_entry_details.has_protein_modification   N 
# 
loop_
_pdbx_validate_rmsd_angle.id 
_pdbx_validate_rmsd_angle.PDB_model_num 
_pdbx_validate_rmsd_angle.auth_atom_id_1 
_pdbx_validate_rmsd_angle.auth_asym_id_1 
_pdbx_validate_rmsd_angle.auth_comp_id_1 
_pdbx_validate_rmsd_angle.auth_seq_id_1 
_pdbx_validate_rmsd_angle.PDB_ins_code_1 
_pdbx_validate_rmsd_angle.label_alt_id_1 
_pdbx_validate_rmsd_angle.auth_atom_id_2 
_pdbx_validate_rmsd_angle.auth_asym_id_2 
_pdbx_validate_rmsd_angle.auth_comp_id_2 
_pdbx_validate_rmsd_angle.auth_seq_id_2 
_pdbx_validate_rmsd_angle.PDB_ins_code_2 
_pdbx_validate_rmsd_angle.label_alt_id_2 
_pdbx_validate_rmsd_angle.auth_atom_id_3 
_pdbx_validate_rmsd_angle.auth_asym_id_3 
_pdbx_validate_rmsd_angle.auth_comp_id_3 
_pdbx_validate_rmsd_angle.auth_seq_id_3 
_pdbx_validate_rmsd_angle.PDB_ins_code_3 
_pdbx_validate_rmsd_angle.label_alt_id_3 
_pdbx_validate_rmsd_angle.angle_value 
_pdbx_validate_rmsd_angle.angle_target_value 
_pdbx_validate_rmsd_angle.angle_deviation 
_pdbx_validate_rmsd_angle.angle_standard_deviation 
_pdbx_validate_rmsd_angle.linker_flag 
1 1 "O4'" A DA -1 ? ? "C1'" A DA -1 ? ? N9 A DA -1 ? ? 110.10 108.30 1.80 0.30 N 
2 1 "O4'" A DT 0  ? ? "C1'" A DT 0  ? ? N1 A DT 0  ? ? 111.32 108.30 3.02 0.30 N 
# 
loop_
_space_group_symop.id 
_space_group_symop.operation_xyz 
1 x,y,z                 
2 -y,x-y,z              
3 -x+y,-x,z             
4 x+1/3,y+2/3,z+2/3     
5 -y+1/3,x-y+2/3,z+2/3  
6 -x+y+1/3,-x+2/3,z+2/3 
7 x+2/3,y+1/3,z+1/3     
8 -y+2/3,x-y+1/3,z+1/3  
9 -x+y+2/3,-x+1/3,z+1/3 
# 
loop_
_pdbx_refine_tls.id 
_pdbx_refine_tls.pdbx_refine_id 
_pdbx_refine_tls.details 
_pdbx_refine_tls.method 
_pdbx_refine_tls.origin_x 
_pdbx_refine_tls.origin_y 
_pdbx_refine_tls.origin_z 
_pdbx_refine_tls.T[1][1] 
_pdbx_refine_tls.T[1][1]_esd 
_pdbx_refine_tls.T[1][2] 
_pdbx_refine_tls.T[1][2]_esd 
_pdbx_refine_tls.T[1][3] 
_pdbx_refine_tls.T[1][3]_esd 
_pdbx_refine_tls.T[2][2] 
_pdbx_refine_tls.T[2][2]_esd 
_pdbx_refine_tls.T[2][3] 
_pdbx_refine_tls.T[2][3]_esd 
_pdbx_refine_tls.T[3][3] 
_pdbx_refine_tls.T[3][3]_esd 
_pdbx_refine_tls.L[1][1] 
_pdbx_refine_tls.L[1][1]_esd 
_pdbx_refine_tls.L[1][2] 
_pdbx_refine_tls.L[1][2]_esd 
_pdbx_refine_tls.L[1][3] 
_pdbx_refine_tls.L[1][3]_esd 
_pdbx_refine_tls.L[2][2] 
_pdbx_refine_tls.L[2][2]_esd 
_pdbx_refine_tls.L[2][3] 
_pdbx_refine_tls.L[2][3]_esd 
_pdbx_refine_tls.L[3][3] 
_pdbx_refine_tls.L[3][3]_esd 
_pdbx_refine_tls.S[1][1] 
_pdbx_refine_tls.S[1][1]_esd 
_pdbx_refine_tls.S[1][2] 
_pdbx_refine_tls.S[1][2]_esd 
_pdbx_refine_tls.S[1][3] 
_pdbx_refine_tls.S[1][3]_esd 
_pdbx_refine_tls.S[2][1] 
_pdbx_refine_tls.S[2][1]_esd 
_pdbx_refine_tls.S[2][2] 
_pdbx_refine_tls.S[2][2]_esd 
_pdbx_refine_tls.S[2][3] 
_pdbx_refine_tls.S[2][3]_esd 
_pdbx_refine_tls.S[3][1] 
_pdbx_refine_tls.S[3][1]_esd 
_pdbx_refine_tls.S[3][2] 
_pdbx_refine_tls.S[3][2]_esd 
_pdbx_refine_tls.S[3][3] 
_pdbx_refine_tls.S[3][3]_esd 
1 'X-RAY DIFFRACTION' ? refined 0.4439194577   -23.391896281  -11.8631319609 13.20508064   ? 0.96844600977  ? -0.31825833139 ? 7.95593580696 ? -0.18004959879  ? 2.98586462399  ? 1.154808294718  ? 0.13217192024  ? 0.86530717622   ? 2.5921055844   ? -1.537712463468 ? 1.69841295934  ? 0.269191104499  ? -0.972280068713 ? 0.523962895872  ? -0.429838885628 ? -0.37412304521  ? 1.01941631081   ? -0.207762544777 ? -0.148761490828 ? -1.383464855475 ? 
2 'X-RAY DIFFRACTION' ? refined -8.58598776283 -8.0731107026  -4.9969511601  12.5463754415 ? -0.350080384   ? -2.36930106119 ? 3.33689740423 ? -2.46224165970  ? 9.45836456942  ? 0.640715115830  ? 0.252493648446 ? 0.643774223323  ? 0.072306051638 ? 0.240856226907  ? 0.66352659501  ? -1.99780961751  ? 0.1036599424    ? 0.954703481607  ? 0.46866407739   ? 1.410460588006  ? 1.70701994780   ? 0.169545834869  ? 0.093587589973  ? -0.203596589902 ? 
3 'X-RAY DIFFRACTION' ? refined 5.9032356954   7.7895718175   5.95419000006  4.87008040859 ? -4.43988247880 ? 1.200968574763 ? 8.71922311249 ? -0.132617553074 ? 2.39984881816  ? 0.58542836940   ? -0.28153729713 ? -0.507639549424 ? 0.569059605968 ? 0.030997182413  ? 1.7624106102   ? -0.026984544756 ? -0.453389056214 ? -0.541818724156 ? 0.871132746851  ? -0.688803636094 ? -0.079406004365 ? 0.345283349154  ? -0.42532932057  ? 0.093889327378  ? 
4 'X-RAY DIFFRACTION' ? refined 12.1807914486  16.76249608295 10.83439850202 5.56110546728 ? 2.01819478075  ? 0.60580029634  ? 0.99707897870 ? -3.98172003376  ? 0.966921404470 ? 0.232463077020  ? 0.386104315715 ? -0.625720873725 ? 0.60653456257  ? -0.868584413253 ? 1.167416863575 ? -1.302721901393 ? -1.59558915008  ? 0.170613942051  ? 0.74450878670   ? -1.164861367294 ? -0.126521893443 ? -1.30534990169  ? -1.305825727    ? -0.1838044677   ? 
5 'X-RAY DIFFRACTION' ? refined -6.03960404353 -4.4483134946  -2.807199919   3.52889694036 ? -0.13924990297 ? 0.24470893616  ? 5.8365628531  ? -5.8834087815   ? 6.77716031921  ? -0.021730970909 ? 0.048880742890 ? 0.065400753688  ? 2.40564307075  ? -0.032746495821 ? 4.00078490600  ? 2.63154139484   ? -0.08516755289  ? -2.79756140730  ? 1.78464744171   ? -0.100651548342 ? 0.694047019189  ? -2.23492930435  ? 4.07970216592   ? -0.690046616129 ? 
6 'X-RAY DIFFRACTION' ? refined -1.05537952516 16.26092046845 1.1261139597   3.42527250013 ? 0.51009604964  ? -2.70349500427 ? 5.16569290705 ? -0.82087418026  ? 10.84465533595 ? 10.90939899850  ? 1.99084811977  ? 1.8883638970    ? 0.34269252549  ? 0.33841336411   ? 0.3383740664   ? -1.50169988048  ? 0.661478124749  ? -0.04243298315  ? 0.25249730353   ? 2.19140992124   ? 3.67978705428   ? -0.283155900871 ? -3.4385901496   ? -1.062105259591 ? 
# 
loop_
_pdbx_refine_tls_group.id 
_pdbx_refine_tls_group.pdbx_refine_id 
_pdbx_refine_tls_group.refine_tls_id 
_pdbx_refine_tls_group.beg_label_asym_id 
_pdbx_refine_tls_group.beg_label_seq_id 
_pdbx_refine_tls_group.beg_auth_asym_id 
_pdbx_refine_tls_group.beg_auth_seq_id 
_pdbx_refine_tls_group.beg_PDB_ins_code 
_pdbx_refine_tls_group.end_label_asym_id 
_pdbx_refine_tls_group.end_label_seq_id 
_pdbx_refine_tls_group.end_auth_asym_id 
_pdbx_refine_tls_group.end_auth_seq_id 
_pdbx_refine_tls_group.end_PDB_ins_code 
_pdbx_refine_tls_group.selection 
_pdbx_refine_tls_group.selection_details 
1 'X-RAY DIFFRACTION' 1 A ? A -3 ? A ? A 1  ? ? 
;chain 'A' and (resid -3 through 1 )
;
2 'X-RAY DIFFRACTION' 2 A ? A 2  ? A ? A 6  ? ? 
;chain 'A' and (resid 2 through 6 )
;
3 'X-RAY DIFFRACTION' 3 A ? A 7  ? A ? A 14 ? ? 
;chain 'A' and (resid 7 through 14 )
;
4 'X-RAY DIFFRACTION' 4 B ? B 5  ? B ? B 11 ? ? 
;chain 'B' and (resid 5 through 11 )
;
5 'X-RAY DIFFRACTION' 5 C ? C 1  ? C ? C 14 ? ? 
;chain 'C' and (resid 1 through 14 )
;
6 'X-RAY DIFFRACTION' 6 D ? D 1  ? D ? D 3  ? ? 
;chain 'D' and (resid 1 through 3 )
;
# 
loop_
_chem_comp_atom.comp_id 
_chem_comp_atom.atom_id 
_chem_comp_atom.type_symbol 
_chem_comp_atom.pdbx_aromatic_flag 
_chem_comp_atom.pdbx_stereo_config 
_chem_comp_atom.pdbx_ordinal 
DA OP3    O N N 1   
DA P      P N N 2   
DA OP1    O N N 3   
DA OP2    O N N 4   
DA "O5'"  O N N 5   
DA "C5'"  C N N 6   
DA "C4'"  C N R 7   
DA "O4'"  O N N 8   
DA "C3'"  C N S 9   
DA "O3'"  O N N 10  
DA "C2'"  C N N 11  
DA "C1'"  C N R 12  
DA N9     N Y N 13  
DA C8     C Y N 14  
DA N7     N Y N 15  
DA C5     C Y N 16  
DA C6     C Y N 17  
DA N6     N N N 18  
DA N1     N Y N 19  
DA C2     C Y N 20  
DA N3     N Y N 21  
DA C4     C Y N 22  
DA HOP3   H N N 23  
DA HOP2   H N N 24  
DA "H5'"  H N N 25  
DA "H5''" H N N 26  
DA "H4'"  H N N 27  
DA "H3'"  H N N 28  
DA "HO3'" H N N 29  
DA "H2'"  H N N 30  
DA "H2''" H N N 31  
DA "H1'"  H N N 32  
DA H8     H N N 33  
DA H61    H N N 34  
DA H62    H N N 35  
DA H2     H N N 36  
DC OP3    O N N 37  
DC P      P N N 38  
DC OP1    O N N 39  
DC OP2    O N N 40  
DC "O5'"  O N N 41  
DC "C5'"  C N N 42  
DC "C4'"  C N R 43  
DC "O4'"  O N N 44  
DC "C3'"  C N S 45  
DC "O3'"  O N N 46  
DC "C2'"  C N N 47  
DC "C1'"  C N R 48  
DC N1     N N N 49  
DC C2     C N N 50  
DC O2     O N N 51  
DC N3     N N N 52  
DC C4     C N N 53  
DC N4     N N N 54  
DC C5     C N N 55  
DC C6     C N N 56  
DC HOP3   H N N 57  
DC HOP2   H N N 58  
DC "H5'"  H N N 59  
DC "H5''" H N N 60  
DC "H4'"  H N N 61  
DC "H3'"  H N N 62  
DC "HO3'" H N N 63  
DC "H2'"  H N N 64  
DC "H2''" H N N 65  
DC "H1'"  H N N 66  
DC H41    H N N 67  
DC H42    H N N 68  
DC H5     H N N 69  
DC H6     H N N 70  
DG OP3    O N N 71  
DG P      P N N 72  
DG OP1    O N N 73  
DG OP2    O N N 74  
DG "O5'"  O N N 75  
DG "C5'"  C N N 76  
DG "C4'"  C N R 77  
DG "O4'"  O N N 78  
DG "C3'"  C N S 79  
DG "O3'"  O N N 80  
DG "C2'"  C N N 81  
DG "C1'"  C N R 82  
DG N9     N Y N 83  
DG C8     C Y N 84  
DG N7     N Y N 85  
DG C5     C Y N 86  
DG C6     C N N 87  
DG O6     O N N 88  
DG N1     N N N 89  
DG C2     C N N 90  
DG N2     N N N 91  
DG N3     N N N 92  
DG C4     C Y N 93  
DG HOP3   H N N 94  
DG HOP2   H N N 95  
DG "H5'"  H N N 96  
DG "H5''" H N N 97  
DG "H4'"  H N N 98  
DG "H3'"  H N N 99  
DG "HO3'" H N N 100 
DG "H2'"  H N N 101 
DG "H2''" H N N 102 
DG "H1'"  H N N 103 
DG H8     H N N 104 
DG H1     H N N 105 
DG H21    H N N 106 
DG H22    H N N 107 
DT OP3    O N N 108 
DT P      P N N 109 
DT OP1    O N N 110 
DT OP2    O N N 111 
DT "O5'"  O N N 112 
DT "C5'"  C N N 113 
DT "C4'"  C N R 114 
DT "O4'"  O N N 115 
DT "C3'"  C N S 116 
DT "O3'"  O N N 117 
DT "C2'"  C N N 118 
DT "C1'"  C N R 119 
DT N1     N N N 120 
DT C2     C N N 121 
DT O2     O N N 122 
DT N3     N N N 123 
DT C4     C N N 124 
DT O4     O N N 125 
DT C5     C N N 126 
DT C7     C N N 127 
DT C6     C N N 128 
DT HOP3   H N N 129 
DT HOP2   H N N 130 
DT "H5'"  H N N 131 
DT "H5''" H N N 132 
DT "H4'"  H N N 133 
DT "H3'"  H N N 134 
DT "HO3'" H N N 135 
DT "H2'"  H N N 136 
DT "H2''" H N N 137 
DT "H1'"  H N N 138 
DT H3     H N N 139 
DT H71    H N N 140 
DT H72    H N N 141 
DT H73    H N N 142 
DT H6     H N N 143 
# 
loop_
_chem_comp_bond.comp_id 
_chem_comp_bond.atom_id_1 
_chem_comp_bond.atom_id_2 
_chem_comp_bond.value_order 
_chem_comp_bond.pdbx_aromatic_flag 
_chem_comp_bond.pdbx_stereo_config 
_chem_comp_bond.pdbx_ordinal 
DA OP3   P      sing N N 1   
DA OP3   HOP3   sing N N 2   
DA P     OP1    doub N N 3   
DA P     OP2    sing N N 4   
DA P     "O5'"  sing N N 5   
DA OP2   HOP2   sing N N 6   
DA "O5'" "C5'"  sing N N 7   
DA "C5'" "C4'"  sing N N 8   
DA "C5'" "H5'"  sing N N 9   
DA "C5'" "H5''" sing N N 10  
DA "C4'" "O4'"  sing N N 11  
DA "C4'" "C3'"  sing N N 12  
DA "C4'" "H4'"  sing N N 13  
DA "O4'" "C1'"  sing N N 14  
DA "C3'" "O3'"  sing N N 15  
DA "C3'" "C2'"  sing N N 16  
DA "C3'" "H3'"  sing N N 17  
DA "O3'" "HO3'" sing N N 18  
DA "C2'" "C1'"  sing N N 19  
DA "C2'" "H2'"  sing N N 20  
DA "C2'" "H2''" sing N N 21  
DA "C1'" N9     sing N N 22  
DA "C1'" "H1'"  sing N N 23  
DA N9    C8     sing Y N 24  
DA N9    C4     sing Y N 25  
DA C8    N7     doub Y N 26  
DA C8    H8     sing N N 27  
DA N7    C5     sing Y N 28  
DA C5    C6     sing Y N 29  
DA C5    C4     doub Y N 30  
DA C6    N6     sing N N 31  
DA C6    N1     doub Y N 32  
DA N6    H61    sing N N 33  
DA N6    H62    sing N N 34  
DA N1    C2     sing Y N 35  
DA C2    N3     doub Y N 36  
DA C2    H2     sing N N 37  
DA N3    C4     sing Y N 38  
DC OP3   P      sing N N 39  
DC OP3   HOP3   sing N N 40  
DC P     OP1    doub N N 41  
DC P     OP2    sing N N 42  
DC P     "O5'"  sing N N 43  
DC OP2   HOP2   sing N N 44  
DC "O5'" "C5'"  sing N N 45  
DC "C5'" "C4'"  sing N N 46  
DC "C5'" "H5'"  sing N N 47  
DC "C5'" "H5''" sing N N 48  
DC "C4'" "O4'"  sing N N 49  
DC "C4'" "C3'"  sing N N 50  
DC "C4'" "H4'"  sing N N 51  
DC "O4'" "C1'"  sing N N 52  
DC "C3'" "O3'"  sing N N 53  
DC "C3'" "C2'"  sing N N 54  
DC "C3'" "H3'"  sing N N 55  
DC "O3'" "HO3'" sing N N 56  
DC "C2'" "C1'"  sing N N 57  
DC "C2'" "H2'"  sing N N 58  
DC "C2'" "H2''" sing N N 59  
DC "C1'" N1     sing N N 60  
DC "C1'" "H1'"  sing N N 61  
DC N1    C2     sing N N 62  
DC N1    C6     sing N N 63  
DC C2    O2     doub N N 64  
DC C2    N3     sing N N 65  
DC N3    C4     doub N N 66  
DC C4    N4     sing N N 67  
DC C4    C5     sing N N 68  
DC N4    H41    sing N N 69  
DC N4    H42    sing N N 70  
DC C5    C6     doub N N 71  
DC C5    H5     sing N N 72  
DC C6    H6     sing N N 73  
DG OP3   P      sing N N 74  
DG OP3   HOP3   sing N N 75  
DG P     OP1    doub N N 76  
DG P     OP2    sing N N 77  
DG P     "O5'"  sing N N 78  
DG OP2   HOP2   sing N N 79  
DG "O5'" "C5'"  sing N N 80  
DG "C5'" "C4'"  sing N N 81  
DG "C5'" "H5'"  sing N N 82  
DG "C5'" "H5''" sing N N 83  
DG "C4'" "O4'"  sing N N 84  
DG "C4'" "C3'"  sing N N 85  
DG "C4'" "H4'"  sing N N 86  
DG "O4'" "C1'"  sing N N 87  
DG "C3'" "O3'"  sing N N 88  
DG "C3'" "C2'"  sing N N 89  
DG "C3'" "H3'"  sing N N 90  
DG "O3'" "HO3'" sing N N 91  
DG "C2'" "C1'"  sing N N 92  
DG "C2'" "H2'"  sing N N 93  
DG "C2'" "H2''" sing N N 94  
DG "C1'" N9     sing N N 95  
DG "C1'" "H1'"  sing N N 96  
DG N9    C8     sing Y N 97  
DG N9    C4     sing Y N 98  
DG C8    N7     doub Y N 99  
DG C8    H8     sing N N 100 
DG N7    C5     sing Y N 101 
DG C5    C6     sing N N 102 
DG C5    C4     doub Y N 103 
DG C6    O6     doub N N 104 
DG C6    N1     sing N N 105 
DG N1    C2     sing N N 106 
DG N1    H1     sing N N 107 
DG C2    N2     sing N N 108 
DG C2    N3     doub N N 109 
DG N2    H21    sing N N 110 
DG N2    H22    sing N N 111 
DG N3    C4     sing N N 112 
DT OP3   P      sing N N 113 
DT OP3   HOP3   sing N N 114 
DT P     OP1    doub N N 115 
DT P     OP2    sing N N 116 
DT P     "O5'"  sing N N 117 
DT OP2   HOP2   sing N N 118 
DT "O5'" "C5'"  sing N N 119 
DT "C5'" "C4'"  sing N N 120 
DT "C5'" "H5'"  sing N N 121 
DT "C5'" "H5''" sing N N 122 
DT "C4'" "O4'"  sing N N 123 
DT "C4'" "C3'"  sing N N 124 
DT "C4'" "H4'"  sing N N 125 
DT "O4'" "C1'"  sing N N 126 
DT "C3'" "O3'"  sing N N 127 
DT "C3'" "C2'"  sing N N 128 
DT "C3'" "H3'"  sing N N 129 
DT "O3'" "HO3'" sing N N 130 
DT "C2'" "C1'"  sing N N 131 
DT "C2'" "H2'"  sing N N 132 
DT "C2'" "H2''" sing N N 133 
DT "C1'" N1     sing N N 134 
DT "C1'" "H1'"  sing N N 135 
DT N1    C2     sing N N 136 
DT N1    C6     sing N N 137 
DT C2    O2     doub N N 138 
DT C2    N3     sing N N 139 
DT N3    C4     sing N N 140 
DT N3    H3     sing N N 141 
DT C4    O4     doub N N 142 
DT C4    C5     sing N N 143 
DT C5    C7     sing N N 144 
DT C5    C6     doub N N 145 
DT C7    H71    sing N N 146 
DT C7    H72    sing N N 147 
DT C7    H73    sing N N 148 
DT C6    H6     sing N N 149 
# 
loop_
_ndb_struct_conf_na.entry_id 
_ndb_struct_conf_na.feature 
9NOD 'double helix'        
9NOD 'b-form double helix' 
# 
loop_
_ndb_struct_na_base_pair.model_number 
_ndb_struct_na_base_pair.i_label_asym_id 
_ndb_struct_na_base_pair.i_label_comp_id 
_ndb_struct_na_base_pair.i_label_seq_id 
_ndb_struct_na_base_pair.i_symmetry 
_ndb_struct_na_base_pair.j_label_asym_id 
_ndb_struct_na_base_pair.j_label_comp_id 
_ndb_struct_na_base_pair.j_label_seq_id 
_ndb_struct_na_base_pair.j_symmetry 
_ndb_struct_na_base_pair.shear 
_ndb_struct_na_base_pair.stretch 
_ndb_struct_na_base_pair.stagger 
_ndb_struct_na_base_pair.buckle 
_ndb_struct_na_base_pair.propeller 
_ndb_struct_na_base_pair.opening 
_ndb_struct_na_base_pair.pair_number 
_ndb_struct_na_base_pair.pair_name 
_ndb_struct_na_base_pair.i_auth_asym_id 
_ndb_struct_na_base_pair.i_auth_seq_id 
_ndb_struct_na_base_pair.i_PDB_ins_code 
_ndb_struct_na_base_pair.j_auth_asym_id 
_ndb_struct_na_base_pair.j_auth_seq_id 
_ndb_struct_na_base_pair.j_PDB_ins_code 
_ndb_struct_na_base_pair.hbond_type_28 
_ndb_struct_na_base_pair.hbond_type_12 
1 A DA 3  1_555 C DT 14 1_555 0.138  -0.173 -0.153 0.972  -2.787  3.334  1  A_DA-1:DT14_C A -1 ? C 14 ? 20 1 
1 A DT 4  1_555 C DA 13 1_555 -0.037 -0.059 -0.184 1.600  -6.484  -0.151 2  A_DT0:DA13_C  A 0  ? C 13 ? 20 1 
1 A DT 5  1_555 C DA 12 1_555 -0.135 -0.100 0.015  -1.805 -9.013  -4.925 3  A_DT1:DA12_C  A 1  ? C 12 ? 20 1 
1 A DC 6  1_555 C DG 11 1_555 0.225  -0.116 0.038  -0.477 -1.016  0.162  4  A_DC2:DG11_C  A 2  ? C 11 ? 19 1 
1 A DT 7  1_555 C DA 10 1_555 -1.397 0.306  0.216  -2.808 -15.122 24.157 5  A_DT3:DA10_C  A 3  ? C 10 ? ?  1 
1 A DC 8  1_555 C DG 9  1_555 0.179  -0.120 0.078  -5.228 -2.847  0.934  6  A_DC4:DG9_C   A 4  ? C 9  ? 19 1 
1 A DT 9  1_555 C DA 8  1_555 -0.141 0.022  0.168  -1.787 -1.429  -8.658 7  A_DT5:DA8_C   A 5  ? C 8  ? 20 1 
1 A DA 10 1_555 C DT 7  1_555 0.090  -0.164 0.182  1.329  -0.883  -1.138 8  A_DA6:DT7_C   A 6  ? C 7  ? 20 1 
1 A DC 11 1_555 C DG 6  1_555 0.202  -0.126 0.104  2.064  -0.749  -0.301 9  A_DC7:DG6_C   A 7  ? C 6  ? 19 1 
1 A DT 12 1_555 C DA 5  1_555 -0.015 -0.156 -0.007 2.754  -0.538  5.185  10 A_DT8:DA5_C   A 8  ? C 5  ? 20 1 
1 A DG 13 1_555 C DC 4  1_555 -0.220 -0.103 -0.063 -2.519 0.073   0.290  11 A_DG9:DC4_C   A 9  ? C 4  ? 19 1 
1 A DT 14 1_555 C DA 3  1_555 -0.167 -0.123 0.183  0.050  -0.487  -3.930 12 A_DT10:DA3_C  A 10 ? C 3  ? 20 1 
1 D DC 2  1_555 C DG 2  1_555 0.216  -0.128 -0.254 2.419  -4.846  0.883  13 D_DC2:DG2_C   D 2  ? C 2  ? 19 1 
1 D DC 3  1_555 C DG 1  1_555 0.214  -0.158 -0.040 -0.032 -3.631  1.771  14 D_DC3:DG1_C   D 3  ? C 1  ? 19 1 
1 B DA 3  1_555 A DT 18 1_555 0.068  -0.158 -0.140 2.918  -5.992  5.510  15 B_DA7:DT14_A  B 7  ? A 14 ? 20 1 
1 B DT 4  1_555 A DA 17 1_555 0.054  -0.085 -0.085 2.988  -8.116  8.223  16 B_DT8:DA13_A  B 8  ? A 13 ? 20 1 
1 B DC 5  1_555 A DG 16 1_555 0.223  -0.170 -0.021 -2.778 -6.928  0.974  17 B_DC9:DG12_A  B 9  ? A 12 ? 19 1 
1 B DC 6  1_555 A DG 15 1_555 0.258  -0.146 -0.416 8.961  -6.870  1.168  18 B_DC10:DG11_A B 10 ? A 11 ? 19 1 
1 B DT 7  1_555 D DA 1  1_555 -0.077 -0.082 -0.212 -1.757 -0.611  -2.444 19 B_DT11:DA1_D  B 11 ? D 1  ? 20 1 
# 
loop_
_ndb_struct_na_base_pair_step.model_number 
_ndb_struct_na_base_pair_step.i_label_asym_id_1 
_ndb_struct_na_base_pair_step.i_label_comp_id_1 
_ndb_struct_na_base_pair_step.i_label_seq_id_1 
_ndb_struct_na_base_pair_step.i_symmetry_1 
_ndb_struct_na_base_pair_step.j_label_asym_id_1 
_ndb_struct_na_base_pair_step.j_label_comp_id_1 
_ndb_struct_na_base_pair_step.j_label_seq_id_1 
_ndb_struct_na_base_pair_step.j_symmetry_1 
_ndb_struct_na_base_pair_step.i_label_asym_id_2 
_ndb_struct_na_base_pair_step.i_label_comp_id_2 
_ndb_struct_na_base_pair_step.i_label_seq_id_2 
_ndb_struct_na_base_pair_step.i_symmetry_2 
_ndb_struct_na_base_pair_step.j_label_asym_id_2 
_ndb_struct_na_base_pair_step.j_label_comp_id_2 
_ndb_struct_na_base_pair_step.j_label_seq_id_2 
_ndb_struct_na_base_pair_step.j_symmetry_2 
_ndb_struct_na_base_pair_step.shift 
_ndb_struct_na_base_pair_step.slide 
_ndb_struct_na_base_pair_step.rise 
_ndb_struct_na_base_pair_step.tilt 
_ndb_struct_na_base_pair_step.roll 
_ndb_struct_na_base_pair_step.twist 
_ndb_struct_na_base_pair_step.x_displacement 
_ndb_struct_na_base_pair_step.y_displacement 
_ndb_struct_na_base_pair_step.helical_rise 
_ndb_struct_na_base_pair_step.inclination 
_ndb_struct_na_base_pair_step.tip 
_ndb_struct_na_base_pair_step.helical_twist 
_ndb_struct_na_base_pair_step.step_number 
_ndb_struct_na_base_pair_step.step_name 
_ndb_struct_na_base_pair_step.i_auth_asym_id_1 
_ndb_struct_na_base_pair_step.i_auth_seq_id_1 
_ndb_struct_na_base_pair_step.i_PDB_ins_code_1 
_ndb_struct_na_base_pair_step.j_auth_asym_id_1 
_ndb_struct_na_base_pair_step.j_auth_seq_id_1 
_ndb_struct_na_base_pair_step.j_PDB_ins_code_1 
_ndb_struct_na_base_pair_step.i_auth_asym_id_2 
_ndb_struct_na_base_pair_step.i_auth_seq_id_2 
_ndb_struct_na_base_pair_step.i_PDB_ins_code_2 
_ndb_struct_na_base_pair_step.j_auth_asym_id_2 
_ndb_struct_na_base_pair_step.j_auth_seq_id_2 
_ndb_struct_na_base_pair_step.j_PDB_ins_code_2 
1 A DA 3  1_555 C DT 14 1_555 A DT 4  1_555 C DA 13 1_555 0.060  -0.960 3.248 -1.413 -2.009 34.224 -1.312 -0.324 3.292 -3.408 
2.397   34.309 1  AA_DA-1DT0:DA13DT14_CC A -1 ? C 14 ? A 0  ? C 13 ? 
1 A DT 4  1_555 C DA 13 1_555 A DT 5  1_555 C DA 12 1_555 -1.052 -0.405 3.490 3.463  -2.643 40.189 -0.273 1.934  3.410 -3.833 
-5.022  40.415 2  AA_DT0DT1:DA12DA13_CC  A 0  ? C 13 ? A 1  ? C 12 ? 
1 A DT 5  1_555 C DA 12 1_555 A DC 6  1_555 C DG 11 1_555 1.173  2.090  3.325 2.488  6.259  35.153 2.425  -1.522 3.703 10.248 
-4.073  35.773 3  AA_DT1DC2:DG11DA12_CC  A 1  ? C 12 ? A 2  ? C 11 ? 
1 A DC 6  1_555 C DG 11 1_555 A DT 7  1_555 C DA 10 1_555 1.472  2.519  3.248 3.907  -1.916 37.782 4.109  -1.764 3.251 -2.947 
-6.008  38.023 4  AA_DC2DT3:DA10DG11_CC  A 2  ? C 11 ? A 3  ? C 10 ? 
1 A DT 7  1_555 C DA 10 1_555 A DC 8  1_555 C DG 9  1_555 -1.498 -0.290 3.108 -4.682 5.969  43.003 -0.946 1.580  3.180 8.068  
6.328   43.635 5  AA_DT3DC4:DG9DA10_CC   A 3  ? C 10 ? A 4  ? C 9  ? 
1 A DC 8  1_555 C DG 9  1_555 A DT 9  1_555 C DA 8  1_555 -0.871 0.011  3.137 -0.953 3.241  22.910 -1.058 1.852  3.141 8.104  
2.383   23.155 6  AA_DC4DT5:DA8DG9_CC    A 4  ? C 9  ? A 5  ? C 8  ? 
1 A DT 9  1_555 C DA 8  1_555 A DA 10 1_555 C DT 7  1_555 0.304  -0.339 2.937 2.034  11.802 31.392 -2.301 -0.231 2.655 20.884 
-3.599  33.545 7  AA_DT5DA6:DT7DA8_CC    A 5  ? C 8  ? A 6  ? C 7  ? 
1 A DA 10 1_555 C DT 7  1_555 A DC 11 1_555 C DG 6  1_555 0.778  -1.289 3.269 1.628  2.912  33.447 -2.700 -1.082 3.182 5.045  
-2.821  33.609 8  AA_DA6DC7:DG6DT7_CC    A 6  ? C 7  ? A 7  ? C 6  ? 
1 A DC 11 1_555 C DG 6  1_555 A DT 12 1_555 C DA 5  1_555 -0.180 -1.078 3.312 3.800  1.896  29.437 -2.497 1.147  3.190 3.707  
-7.429  29.735 9  AA_DC7DT8:DA5DG6_CC    A 7  ? C 6  ? A 8  ? C 5  ? 
1 A DT 12 1_555 C DA 5  1_555 A DG 13 1_555 C DC 4  1_555 -1.590 -0.119 3.164 -5.827 2.655  39.059 -0.487 1.665  3.343 3.939  
8.645   39.560 10 AA_DT8DG9:DC4DA5_CC    A 8  ? C 5  ? A 9  ? C 4  ? 
1 A DG 13 1_555 C DC 4  1_555 A DT 14 1_555 C DA 3  1_555 -0.317 -1.268 3.303 0.325  4.790  27.345 -3.771 0.738  3.037 10.035 
-0.680  27.755 11 AA_DG9DT10:DA3DC4_CC   A 9  ? C 4  ? A 10 ? C 3  ? 
1 A DT 14 1_555 C DA 3  1_555 D DC 2  1_555 C DG 2  1_555 0.284  -0.943 3.435 13.091 -5.661 50.134 -0.667 0.621  3.483 -6.530 
-15.101 51.997 12 AD_DT10DC2:DG2DA3_CC   A 10 ? C 3  ? D 2  ? C 2  ? 
1 D DC 2  1_555 C DG 2  1_555 D DC 3  1_555 C DG 1  1_555 0.048  -0.389 3.325 0.307  -0.653 23.057 -0.740 -0.011 3.335 -1.633 
-0.767  23.068 13 DD_DC2DC3:DG1DG2_CC    D 2  ? C 2  ? D 3  ? C 1  ? 
1 B DA 3  1_555 A DT 18 1_555 B DT 4  1_555 A DA 17 1_555 0.475  -0.965 3.155 -0.325 -0.995 33.543 -1.513 -0.875 3.177 -1.723 
0.562   33.559 14 BB_DA7DT8:DA13DT14_AA  B 7  ? A 14 ? B 8  ? A 13 ? 
1 B DT 4  1_555 A DA 17 1_555 B DC 5  1_555 A DG 16 1_555 -0.161 -0.127 3.148 0.357  -2.378 44.360 0.044  0.244  3.149 -3.147 
-0.472  44.422 15 BB_DT8DC9:DG12DA13_AA  B 8  ? A 13 ? B 9  ? A 12 ? 
1 B DC 5  1_555 A DG 16 1_555 B DC 6  1_555 A DG 15 1_555 0.599  0.102  2.871 10.496 4.163  40.344 -0.251 0.155  2.927 5.898  
-14.869 41.830 16 BB_DC9DC10:DG11DG12_AA B 9  ? A 12 ? B 10 ? A 11 ? 
1 B DC 6  1_555 A DG 15 1_555 B DT 7  1_555 D DA 1  1_555 0.168  -0.196 3.887 6.824  -5.926 38.349 0.552  0.721  3.847 -8.872 
-10.215 39.361 17 BB_DC10DT11:DA1DG11_DA B 10 ? A 11 ? B 11 ? D 1  ? 
# 
loop_
_pdbx_audit_support.funding_organization 
_pdbx_audit_support.country 
_pdbx_audit_support.grant_number 
_pdbx_audit_support.ordinal 
'Office of Naval Research (ONR)'                   'United States' N000141912596 1 
'Department of Energy (DOE, United States)'        'United States' DE-SC0007991  2 
'National Science Foundation (NSF, United States)' 'United States' CCF-2106790   3 
'National Science Foundation (NSF, United States)' 'United States' GCR-2317843   4 
# 
_pdbx_initial_refinement_model.id               1 
_pdbx_initial_refinement_model.entity_id_list   ? 
_pdbx_initial_refinement_model.type             'experimental model' 
_pdbx_initial_refinement_model.source_name      PDB 
_pdbx_initial_refinement_model.accession_code   8D93 
_pdbx_initial_refinement_model.details          'tensegrity triangle' 
# 
_space_group.name_H-M_alt     'R 3 :H' 
_space_group.name_Hall        'R 3' 
_space_group.IT_number        146 
_space_group.crystal_system   trigonal 
_space_group.id               1 
# 
_atom_sites.entry_id                    9NOD 
_atom_sites.Cartn_transf_matrix[1][1]   ? 
_atom_sites.Cartn_transf_matrix[1][2]   ? 
_atom_sites.Cartn_transf_matrix[1][3]   ? 
_atom_sites.Cartn_transf_matrix[2][1]   ? 
_atom_sites.Cartn_transf_matrix[2][2]   ? 
_atom_sites.Cartn_transf_matrix[2][3]   ? 
_atom_sites.Cartn_transf_matrix[3][1]   ? 
_atom_sites.Cartn_transf_matrix[3][2]   ? 
_atom_sites.Cartn_transf_matrix[3][3]   ? 
_atom_sites.Cartn_transf_vector[1]      ? 
_atom_sites.Cartn_transf_vector[2]      ? 
_atom_sites.Cartn_transf_vector[3]      ? 
_atom_sites.Cartn_transform_axes        ? 
_atom_sites.fract_transf_matrix[1][1]   0.00723097 
_atom_sites.fract_transf_matrix[1][2]   -0.01061671 
_atom_sites.fract_transf_matrix[1][3]   0.00122780 
_atom_sites.fract_transf_matrix[2][1]   -0.00471376 
_atom_sites.fract_transf_matrix[2][2]   -0.01034684 
_atom_sites.fract_transf_matrix[2][3]   0.00610219 
_atom_sites.fract_transf_matrix[3][1]   -0.00258308 
_atom_sites.fract_transf_matrix[3][2]   -0.00247550 
_atom_sites.fract_transf_matrix[3][3]   -0.00619280 
_atom_sites.fract_transf_vector[1]      0.246699 
_atom_sites.fract_transf_vector[2]      0.229167 
_atom_sites.fract_transf_vector[3]      0.126768 
_atom_sites.solution_primary            ? 
_atom_sites.solution_secondary          ? 
_atom_sites.solution_hydrogens          ? 
_atom_sites.special_details             ? 
# 
loop_
_atom_type.symbol 
_atom_type.scat_dispersion_real 
_atom_type.scat_dispersion_imag 
_atom_type.scat_Cromer_Mann_a1 
_atom_type.scat_Cromer_Mann_a2 
_atom_type.scat_Cromer_Mann_a3 
_atom_type.scat_Cromer_Mann_a4 
_atom_type.scat_Cromer_Mann_b1 
_atom_type.scat_Cromer_Mann_b2 
_atom_type.scat_Cromer_Mann_b3 
_atom_type.scat_Cromer_Mann_b4 
_atom_type.scat_Cromer_Mann_c 
_atom_type.scat_source 
_atom_type.scat_dispersion_source 
C ? ? 5.96793  ? ? ? 14.89577 ? ? ? 0.0 
;1-Gaussian fit: Grosse-Kunstleve RW, Sauter NK, Adams PD: Newsletter of the IUCr Commission on Crystallographic Computing 2004, 3, 22-31.
;
? 
N ? ? 6.96715  ? ? ? 11.43723 ? ? ? 0.0 
;1-Gaussian fit: Grosse-Kunstleve RW, Sauter NK, Adams PD: Newsletter of the IUCr Commission on Crystallographic Computing 2004, 3, 22-31.
;
? 
O ? ? 7.96527  ? ? ? 9.05267  ? ? ? 0.0 
;1-Gaussian fit: Grosse-Kunstleve RW, Sauter NK, Adams PD: Newsletter of the IUCr Commission on Crystallographic Computing 2004, 3, 22-31.
;
? 
P ? ? 14.90797 ? ? ? 11.91318 ? ? ? 0.0 
;1-Gaussian fit: Grosse-Kunstleve RW, Sauter NK, Adams PD: Newsletter of the IUCr Commission on Crystallographic Computing 2004, 3, 22-31.
;
? 
# 
loop_
_atom_site.group_PDB 
_atom_site.id 
_atom_site.type_symbol 
_atom_site.label_atom_id 
_atom_site.label_alt_id 
_atom_site.label_comp_id 
_atom_site.label_asym_id 
_atom_site.label_entity_id 
_atom_site.label_seq_id 
_atom_site.pdbx_PDB_ins_code 
_atom_site.Cartn_x 
_atom_site.Cartn_y 
_atom_site.Cartn_z 
_atom_site.occupancy 
_atom_site.B_iso_or_equiv 
_atom_site.pdbx_formal_charge 
_atom_site.auth_seq_id 
_atom_site.auth_comp_id 
_atom_site.auth_asym_id 
_atom_site.auth_atom_id 
_atom_site.pdbx_PDB_model_num 
ATOM 1   O "O5'" . DA A 1 1  ? -0.79719  -35.24280 -7.58806  1.000 691.39415 ? -3 DA A "O5'" 1 
ATOM 2   C "C5'" . DA A 1 1  ? -0.44660  -33.86339 -7.54930  1.000 692.03177 ? -3 DA A "C5'" 1 
ATOM 3   C "C4'" . DA A 1 1  ? 0.52143   -33.52384 -8.66776  1.000 690.08502 ? -3 DA A "C4'" 1 
ATOM 4   O "O4'" . DA A 1 1  ? -0.09321  -33.82375 -9.93761  1.000 689.41408 ? -3 DA A "O4'" 1 
ATOM 5   C "C3'" . DA A 1 1  ? 0.90328   -32.05882 -8.76468  1.000 690.71506 ? -3 DA A "C3'" 1 
ATOM 6   O "O3'" . DA A 1 1  ? 1.99833   -31.78220 -7.89954  1.000 690.52274 ? -3 DA A "O3'" 1 
ATOM 7   C "C2'" . DA A 1 1  ? 1.30716   -31.92222 -10.23133 1.000 689.06386 ? -3 DA A "C2'" 1 
ATOM 8   C "C1'" . DA A 1 1  ? 0.42124   -32.95680 -10.93208 1.000 688.60559 ? -3 DA A "C1'" 1 
ATOM 9   N N9    . DA A 1 1  ? -0.69839  -32.37579 -11.67205 1.000 689.73318 ? -3 DA A N9    1 
ATOM 10  C C8    . DA A 1 1  ? -2.02990  -32.61779 -11.47554 1.000 691.38186 ? -3 DA A C8    1 
ATOM 11  N N7    . DA A 1 1  ? -2.81449  -31.96161 -12.29746 1.000 692.20948 ? -3 DA A N7    1 
ATOM 12  C C5    . DA A 1 1  ? -1.93817  -31.23316 -13.08447 1.000 690.97025 ? -3 DA A C5    1 
ATOM 13  C C6    . DA A 1 1  ? -2.14281  -30.32959 -14.14667 1.000 691.07732 ? -3 DA A C6    1 
ATOM 14  N N6    . DA A 1 1  ? -3.35331  -29.99990 -14.60933 1.000 697.49749 ? -3 DA A N6    1 
ATOM 15  N N1    . DA A 1 1  ? -1.05161  -29.77624 -14.71623 1.000 689.72954 ? -3 DA A N1    1 
ATOM 16  C C2    . DA A 1 1  ? 0.15836   -30.11012 -14.25133 1.000 688.42790 ? -3 DA A C2    1 
ATOM 17  N N3    . DA A 1 1  ? 0.47528   -30.94359 -13.26107 1.000 688.18850 ? -3 DA A N3    1 
ATOM 18  C C4    . DA A 1 1  ? -0.62905  -31.47747 -12.71440 1.000 689.47639 ? -3 DA A C4    1 
ATOM 19  P P     . DA A 1 2  ? 2.19568   -30.30701 -7.29254  1.000 674.10974 ? -2 DA A P     1 
ATOM 20  O OP1   . DA A 1 2  ? 3.22957   -30.38900 -6.23745  1.000 673.95121 ? -2 DA A OP1   1 
ATOM 21  O OP2   . DA A 1 2  ? 0.85122   -29.78283 -6.96499  1.000 676.33478 ? -2 DA A OP2   1 
ATOM 22  O "O5'" . DA A 1 2  ? 2.77094   -29.45243 -8.51941  1.000 673.12888 ? -2 DA A "O5'" 1 
ATOM 23  C "C5'" . DA A 1 2  ? 3.97825   -29.85148 -9.16542  1.000 671.06441 ? -2 DA A "C5'" 1 
ATOM 24  C "C4'" . DA A 1 2  ? 4.19472   -29.07019 -10.45200 1.000 670.44469 ? -2 DA A "C4'" 1 
ATOM 25  O "O4'" . DA A 1 2  ? 3.02632   -29.19928 -11.30642 1.000 670.69653 ? -2 DA A "O4'" 1 
ATOM 26  C "C3'" . DA A 1 2  ? 4.41949   -27.57131 -10.27236 1.000 671.71612 ? -2 DA A "C3'" 1 
ATOM 27  O "O3'" . DA A 1 2  ? 5.36252   -27.10835 -11.23560 1.000 670.55718 ? -2 DA A "O3'" 1 
ATOM 28  C "C2'" . DA A 1 2  ? 3.02952   -26.98952 -10.51993 1.000 673.30406 ? -2 DA A "C2'" 1 
ATOM 29  C "C1'" . DA A 1 2  ? 2.50472   -27.91978 -11.60339 1.000 672.07662 ? -2 DA A "C1'" 1 
ATOM 30  N N9    . DA A 1 2  ? 1.04704   -28.01599 -11.64492 1.000 673.46572 ? -2 DA A N9    1 
ATOM 31  C C8    . DA A 1 2  ? 0.25435   -28.81553 -10.87136 1.000 674.31546 ? -2 DA A C8    1 
ATOM 32  N N7    . DA A 1 2  ? -1.02654  -28.70412 -11.13044 1.000 676.09998 ? -2 DA A N7    1 
ATOM 33  C C5    . DA A 1 2  ? -1.07985  -27.76491 -12.14586 1.000 678.27689 ? -2 DA A C5    1 
ATOM 34  C C6    . DA A 1 2  ? -2.15459  -27.20420 -12.86448 1.000 687.58146 ? -2 DA A C6    1 
ATOM 35  N N6    . DA A 1 2  ? -3.43383  -27.53057 -12.65016 1.000 696.68456 ? -2 DA A N6    1 
ATOM 36  N N1    . DA A 1 2  ? -1.86222  -26.29219 -13.81457 1.000 687.39874 ? -2 DA A N1    1 
ATOM 37  C C2    . DA A 1 2  ? -0.58035  -25.96983 -14.02643 1.000 678.40969 ? -2 DA A C2    1 
ATOM 38  N N3    . DA A 1 2  ? 0.51229   -26.42722 -13.41596 1.000 674.00526 ? -2 DA A N3    1 
ATOM 39  C C4    . DA A 1 2  ? 0.19021   -27.32996 -12.47699 1.000 674.32390 ? -2 DA A C4    1 
ATOM 40  P P     . DA A 1 3  ? 6.15846   -25.73165 -11.00221 1.000 652.97043 ? -1 DA A P     1 
ATOM 41  O OP1   . DA A 1 3  ? 7.60015   -26.05294 -10.91629 1.000 651.73773 ? -1 DA A OP1   1 
ATOM 42  O OP2   . DA A 1 3  ? 5.50067   -25.01125 -9.88990  1.000 655.05239 ? -1 DA A OP2   1 
ATOM 43  O "O5'" . DA A 1 3  ? 5.89854   -24.91080 -12.35063 1.000 652.87715 ? -1 DA A "O5'" 1 
ATOM 44  C "C5'" . DA A 1 3  ? 4.62184   -24.96611 -12.97706 1.000 653.34027 ? -1 DA A "C5'" 1 
ATOM 45  C "C4'" . DA A 1 3  ? 4.03693   -23.57741 -13.14324 1.000 655.03682 ? -1 DA A "C4'" 1 
ATOM 46  O "O4'" . DA A 1 3  ? 2.59071   -23.67904 -13.29288 1.000 656.13195 ? -1 DA A "O4'" 1 
ATOM 47  C "C3'" . DA A 1 3  ? 4.25196   -22.63983 -11.95016 1.000 656.70605 ? -1 DA A "C3'" 1 
ATOM 48  O "O3'" . DA A 1 3  ? 4.35687   -21.26161 -12.37361 1.000 657.66245 ? -1 DA A "O3'" 1 
ATOM 49  C "C2'" . DA A 1 3  ? 2.96755   -22.84768 -11.16574 1.000 658.29290 ? -1 DA A "C2'" 1 
ATOM 50  C "C1'" . DA A 1 3  ? 1.99075   -22.85342 -12.32248 1.000 658.29877 ? -1 DA A "C1'" 1 
ATOM 51  N N9    . DA A 1 3  ? 0.65869   -23.34992 -11.99611 1.000 659.48356 ? -1 DA A N9    1 
ATOM 52  C C8    . DA A 1 3  ? 0.32015   -24.29064 -11.06245 1.000 659.74798 ? -1 DA A C8    1 
ATOM 53  N N7    . DA A 1 3  ? -0.97296  -24.51553 -10.98696 1.000 661.12349 ? -1 DA A N7    1 
ATOM 54  C C5    . DA A 1 3  ? -1.51339  -23.65945 -11.93438 1.000 661.78454 ? -1 DA A C5    1 
ATOM 55  C C6    . DA A 1 3  ? -2.83586  -23.41406 -12.35487 1.000 663.36241 ? -1 DA A C6    1 
ATOM 56  N N6    . DA A 1 3  ? -3.90081  -24.03851 -11.84254 1.000 664.67487 ? -1 DA A N6    1 
ATOM 57  N N1    . DA A 1 3  ? -3.02119  -22.49462 -13.32660 1.000 663.66974 ? -1 DA A N1    1 
ATOM 58  C C2    . DA A 1 3  ? -1.95511  -21.87507 -13.83936 1.000 662.47547 ? -1 DA A C2    1 
ATOM 59  N N3    . DA A 1 3  ? -0.67305  -22.01933 -13.52578 1.000 661.03724 ? -1 DA A N3    1 
ATOM 60  C C4    . DA A 1 3  ? -0.51926  -22.93652 -12.56091 1.000 660.75121 ? -1 DA A C4    1 
ATOM 61  P P     . DT A 1 4  ? 4.68868   -20.83812 -13.89310 1.000 699.43934 ? 0  DT A P     1 
ATOM 62  O OP1   . DT A 1 4  ? 3.55458   -21.16007 -14.78856 1.000 700.49513 ? 0  DT A OP1   1 
ATOM 63  O OP2   . DT A 1 4  ? 6.05799   -21.30447 -14.20263 1.000 695.40814 ? 0  DT A OP2   1 
ATOM 64  O "O5'" . DT A 1 4  ? 4.73011   -19.24222 -13.82186 1.000 702.59826 ? 0  DT A "O5'" 1 
ATOM 65  C "C5'" . DT A 1 4  ? 3.84262   -18.54550 -12.94630 1.000 706.37070 ? 0  DT A "C5'" 1 
ATOM 66  C "C4'" . DT A 1 4  ? 2.55117   -18.15881 -13.65055 1.000 711.61766 ? 0  DT A "C4'" 1 
ATOM 67  O "O4'" . DT A 1 4  ? 1.49944   -19.11481 -13.29798 1.000 715.62355 ? 0  DT A "O4'" 1 
ATOM 68  C "C3'" . DT A 1 4  ? 1.99412   -16.78897 -13.23682 1.000 720.11627 ? 0  DT A "C3'" 1 
ATOM 69  O "O3'" . DT A 1 4  ? 1.27885   -16.17241 -14.33137 1.000 727.90963 ? 0  DT A "O3'" 1 
ATOM 70  C "C2'" . DT A 1 4  ? 1.04325   -17.18593 -12.12523 1.000 724.43037 ? 0  DT A "C2'" 1 
ATOM 71  C "C1'" . DT A 1 4  ? 0.40671   -18.37974 -12.79319 1.000 725.34732 ? 0  DT A "C1'" 1 
ATOM 72  N N1    . DT A 1 4  ? -0.45185  -19.22251 -11.90595 1.000 728.06347 ? 0  DT A N1    1 
ATOM 73  C C2    . DT A 1 4  ? -1.81758  -19.18903 -12.08766 1.000 737.30861 ? 0  DT A C2    1 
ATOM 74  O O2    . DT A 1 4  ? -2.35928  -18.51096 -12.94206 1.000 743.06701 ? 0  DT A O2    1 
ATOM 75  N N3    . DT A 1 4  ? -2.53146  -19.99142 -11.24049 1.000 739.33085 ? 0  DT A N3    1 
ATOM 76  C C4    . DT A 1 4  ? -2.02701  -20.80314 -10.24194 1.000 733.45258 ? 0  DT A C4    1 
ATOM 77  O O4    . DT A 1 4  ? -2.75140  -21.48877 -9.52743  1.000 736.29608 ? 0  DT A O4    1 
ATOM 78  C C5    . DT A 1 4  ? -0.58726  -20.78672 -10.09767 1.000 723.63293 ? 0  DT A C5    1 
ATOM 79  C C7    . DT A 1 4  ? 0.07330   -21.62607 -9.04510  1.000 716.37676 ? 0  DT A C7    1 
ATOM 80  C C6    . DT A 1 4  ? 0.12340   -20.00407 -10.92728 1.000 721.32547 ? 0  DT A C6    1 
ATOM 81  P P     . DT A 1 5  ? 0.03208   -15.19425 -14.02796 1.000 758.60920 ? 1  DT A P     1 
ATOM 82  O OP1   . DT A 1 5  ? 0.47274   -14.22596 -12.99960 1.000 758.05749 ? 1  DT A OP1   1 
ATOM 83  O OP2   . DT A 1 5  ? -1.17526  -16.02676 -13.83547 1.000 762.91179 ? 1  DT A OP2   1 
ATOM 84  O "O5'" . DT A 1 5  ? -0.22053  -14.39582 -15.38766 1.000 764.55080 ? 1  DT A "O5'" 1 
ATOM 85  C "C5'" . DT A 1 5  ? -1.49378  -14.49693 -16.04419 1.000 771.62773 ? 1  DT A "C5'" 1 
ATOM 86  C "C4'" . DT A 1 5  ? -2.56094  -13.63007 -15.37111 1.000 778.13912 ? 1  DT A "C4'" 1 
ATOM 87  O "O4'" . DT A 1 5  ? -3.24912  -14.37351 -14.32778 1.000 778.54894 ? 1  DT A "O4'" 1 
ATOM 88  C "C3'" . DT A 1 5  ? -2.06822  -12.33525 -14.72837 1.000 778.87987 ? 1  DT A "C3'" 1 
ATOM 89  O "O3'" . DT A 1 5  ? -2.90856  -11.27838 -15.13527 1.000 785.05175 ? 1  DT A "O3'" 1 
ATOM 90  C "C2'" . DT A 1 5  ? -2.19613  -12.60540 -13.22293 1.000 777.38387 ? 1  DT A "C2'" 1 
ATOM 91  C "C1'" . DT A 1 5  ? -3.36672  -13.57551 -13.16733 1.000 780.18317 ? 1  DT A "C1'" 1 
ATOM 92  N N1    . DT A 1 5  ? -3.34328  -14.49312 -11.97567 1.000 777.00416 ? 1  DT A N1    1 
ATOM 93  C C2    . DT A 1 5  ? -4.51437  -15.09075 -11.55453 1.000 780.82847 ? 1  DT A C2    1 
ATOM 94  O O2    . DT A 1 5  ? -5.59200  -14.90103 -12.08868 1.000 786.23831 ? 1  DT A O2    1 
ATOM 95  N N3    . DT A 1 5  ? -4.37342  -15.92321 -10.47233 1.000 777.52394 ? 1  DT A N3    1 
ATOM 96  C C4    . DT A 1 5  ? -3.20661  -16.21401 -9.78879  1.000 770.05480 ? 1  DT A C4    1 
ATOM 97  O O4    . DT A 1 5  ? -3.17607  -16.97276 -8.82791  1.000 767.23181 ? 1  DT A O4    1 
ATOM 98  C C5    . DT A 1 5  ? -2.02302  -15.56162 -10.28127 1.000 765.49962 ? 1  DT A C5    1 
ATOM 99  C C7    . DT A 1 5  ? -0.70592  -15.80054 -9.60786  1.000 756.27192 ? 1  DT A C7    1 
ATOM 100 C C6    . DT A 1 5  ? -2.14461  -14.74191 -11.33644 1.000 769.53264 ? 1  DT A C6    1 
ATOM 101 P P     . DC A 1 6  ? -2.38487  -9.76184  -15.14714 1.000 664.78693 ? 2  DC A P     1 
ATOM 102 O OP1   . DC A 1 6  ? -1.95554  -9.43944  -16.52615 1.000 663.68935 ? 2  DC A OP1   1 
ATOM 103 O OP2   . DC A 1 6  ? -1.44208  -9.58611  -14.01961 1.000 664.14511 ? 2  DC A OP2   1 
ATOM 104 O "O5'" . DC A 1 6  ? -3.71006  -8.93545  -14.82758 1.000 666.26524 ? 2  DC A "O5'" 1 
ATOM 105 C "C5'" . DC A 1 6  ? -4.98107  -9.55992  -15.00293 1.000 667.73775 ? 2  DC A "C5'" 1 
ATOM 106 C "C4'" . DC A 1 6  ? -5.86067  -9.34996  -13.78524 1.000 669.26779 ? 2  DC A "C4'" 1 
ATOM 107 O "O4'" . DC A 1 6  ? -5.54663  -10.34539 -12.76570 1.000 669.52973 ? 2  DC A "O4'" 1 
ATOM 108 C "C3'" . DC A 1 6  ? -5.68629  -7.99655  -13.10199 1.000 669.12224 ? 2  DC A "C3'" 1 
ATOM 109 O "O3'" . DC A 1 6  ? -6.93392  -7.55992  -12.58128 1.000 670.73666 ? 2  DC A "O3'" 1 
ATOM 110 C "C2'" . DC A 1 6  ? -4.71199  -8.33780  -11.98489 1.000 668.54515 ? 2  DC A "C2'" 1 
ATOM 111 C "C1'" . DC A 1 6  ? -5.27092  -9.67545  -11.55546 1.000 669.61787 ? 2  DC A "C1'" 1 
ATOM 112 N N1    . DC A 1 6  ? -4.32930  -10.49207 -10.74015 1.000 668.93226 ? 2  DC A N1    1 
ATOM 113 C C2    . DC A 1 6  ? -4.83608  -11.47600 -9.88440  1.000 670.01048 ? 2  DC A C2    1 
ATOM 114 O O2    . DC A 1 6  ? -6.06024  -11.65107 -9.83542  1.000 671.57866 ? 2  DC A O2    1 
ATOM 115 N N3    . DC A 1 6  ? -3.97005  -12.21094 -9.14149  1.000 669.27884 ? 2  DC A N3    1 
ATOM 116 C C4    . DC A 1 6  ? -2.65693  -11.98266 -9.23132  1.000 667.58529 ? 2  DC A C4    1 
ATOM 117 N N4    . DC A 1 6  ? -1.83774  -12.72837 -8.48293  1.000 666.85446 ? 2  DC A N4    1 
ATOM 118 C C5    . DC A 1 6  ? -2.12437  -10.97786 -10.09343 1.000 666.54323 ? 2  DC A C5    1 
ATOM 119 C C6    . DC A 1 6  ? -2.98843  -10.26112 -10.81861 1.000 667.24908 ? 2  DC A C6    1 
ATOM 120 P P     . DT A 1 7  ? -7.64715  -6.25014  -13.17727 1.000 628.82678 ? 3  DT A P     1 
ATOM 121 O OP1   . DT A 1 7  ? -7.40667  -6.24040  -14.63696 1.000 627.79483 ? 3  DT A OP1   1 
ATOM 122 O OP2   . DT A 1 7  ? -7.23069  -5.09481  -12.35119 1.000 628.48296 ? 3  DT A OP2   1 
ATOM 123 O "O5'" . DT A 1 7  ? -9.20463  -6.50385  -12.91004 1.000 630.84164 ? 3  DT A "O5'" 1 
ATOM 124 C "C5'" . DT A 1 7  ? -9.77476  -6.17902  -11.64565 1.000 632.11375 ? 3  DT A "C5'" 1 
ATOM 125 C "C4'" . DT A 1 7  ? -10.34417 -7.41404  -10.97096 1.000 633.45897 ? 3  DT A "C4'" 1 
ATOM 126 O "O4'" . DT A 1 7  ? -9.25842  -8.29886  -10.59652 1.000 632.51446 ? 3  DT A "O4'" 1 
ATOM 127 C "C3'" . DT A 1 7  ? -11.08310 -7.14580  -9.67232  1.000 635.00197 ? 3  DT A "C3'" 1 
ATOM 128 O "O3'" . DT A 1 7  ? -11.96443 -8.22733  -9.39194  1.000 636.50589 ? 3  DT A "O3'" 1 
ATOM 129 C "C2'" . DT A 1 7  ? -9.93155  -7.09843  -8.67955  1.000 634.06588 ? 3  DT A "C2'" 1 
ATOM 130 C "C1'" . DT A 1 7  ? -9.05615  -8.23779  -9.19350  1.000 632.94375 ? 3  DT A "C1'" 1 
ATOM 131 N N1    . DT A 1 7  ? -7.60354  -8.03956  -8.93828  1.000 631.20787 ? 3  DT A N1    1 
ATOM 132 C C2    . DT A 1 7  ? -6.93627  -8.92553  -8.12562  1.000 630.87779 ? 3  DT A C2    1 
ATOM 133 O O2    . DT A 1 7  ? -7.47982  -9.86581  -7.57359  1.000 631.94953 ? 3  DT A O2    1 
ATOM 134 N N3    . DT A 1 7  ? -5.60608  -8.65214  -7.95439  1.000 629.22503 ? 3  DT A N3    1 
ATOM 135 C C4    . DT A 1 7  ? -4.88675  -7.61326  -8.51668  1.000 627.93697 ? 3  DT A C4    1 
ATOM 136 O O4    . DT A 1 7  ? -3.68869  -7.45565  -8.30597  1.000 626.51460 ? 3  DT A O4    1 
ATOM 137 C C5    . DT A 1 7  ? -5.64618  -6.72290  -9.36221  1.000 628.35881 ? 3  DT A C5    1 
ATOM 138 C C7    . DT A 1 7  ? -4.97356  -5.55749  -10.02955 1.000 627.02735 ? 3  DT A C7    1 
ATOM 139 C C6    . DT A 1 7  ? -6.95121  -6.97996  -9.53442  1.000 629.92677 ? 3  DT A C6    1 
ATOM 140 P P     . DC A 1 8  ? -13.14057 -8.06480  -8.30858  1.000 638.56702 ? 4  DC A P     1 
ATOM 141 O OP1   . DC A 1 8  ? -14.42659 -8.17074  -9.03233  1.000 639.83539 ? 4  DC A OP1   1 
ATOM 142 O OP2   . DC A 1 8  ? -12.85809 -6.86485  -7.49020  1.000 638.37486 ? 4  DC A OP2   1 
ATOM 143 O "O5'" . DC A 1 8  ? -12.97511 -9.35169  -7.37236  1.000 639.13393 ? 4  DC A "O5'" 1 
ATOM 144 C "C5'" . DC A 1 8  ? -11.68387 -9.73359  -6.90767  1.000 637.73754 ? 4  DC A "C5'" 1 
ATOM 145 C "C4'" . DC A 1 8  ? -11.75886 -10.25791 -5.48665  1.000 638.62659 ? 4  DC A "C4'" 1 
ATOM 146 O "O4'" . DC A 1 8  ? -10.41989 -10.37285 -4.94504  1.000 637.07764 ? 4  DC A "O4'" 1 
ATOM 147 C "C3'" . DC A 1 8  ? -12.48232 -9.34681  -4.51756  1.000 639.94233 ? 4  DC A "C3'" 1 
ATOM 148 O "O3'" . DC A 1 8  ? -12.91889 -10.09264 -3.39354  1.000 641.22346 ? 4  DC A "O3'" 1 
ATOM 149 C "C2'" . DC A 1 8  ? -11.37987 -8.36820  -4.14063  1.000 638.45112 ? 4  DC A "C2'" 1 
ATOM 150 C "C1'" . DC A 1 8  ? -10.16880 -9.29572  -4.05486  1.000 636.98588 ? 4  DC A "C1'" 1 
ATOM 151 N N1    . DC A 1 8  ? -8.89006  -8.65099  -4.46178  1.000 634.97612 ? 4  DC A N1    1 
ATOM 152 C C2    . DC A 1 8  ? -7.69202  -9.04726  -3.85853  1.000 633.66582 ? 4  DC A C2    1 
ATOM 153 O O2    . DC A 1 8  ? -7.72272  -9.92229  -2.98597  1.000 634.15478 ? 4  DC A O2    1 
ATOM 154 N N3    . DC A 1 8  ? -6.53349  -8.45705  -4.24947  1.000 631.87758 ? 4  DC A N3    1 
ATOM 155 C C4    . DC A 1 8  ? -6.55185  -7.51703  -5.19520  1.000 631.39297 ? 4  DC A C4    1 
ATOM 156 N N4    . DC A 1 8  ? -5.38930  -6.95961  -5.54997  1.000 629.65501 ? 4  DC A N4    1 
ATOM 157 C C5    . DC A 1 8  ? -7.76563  -7.09852  -5.81505  1.000 632.64655 ? 4  DC A C5    1 
ATOM 158 C C6    . DC A 1 8  ? -8.89499  -7.69988  -5.43530  1.000 634.39884 ? 4  DC A C6    1 
ATOM 159 P P     . DT A 1 9  ? -14.22228 -9.62952  -2.57863  1.000 643.39688 ? 5  DT A P     1 
ATOM 160 O OP1   . DT A 1 9  ? -14.61977 -10.74175 -1.68729  1.000 644.59122 ? 5  DT A OP1   1 
ATOM 161 O OP2   . DT A 1 9  ? -15.18818 -9.09058  -3.56152  1.000 644.14357 ? 5  DT A OP2   1 
ATOM 162 O "O5'" . DT A 1 9  ? -13.70112 -8.40613  -1.69125  1.000 642.89588 ? 5  DT A "O5'" 1 
ATOM 163 C "C5'" . DT A 1 9  ? -13.88239 -8.42061  -0.28216  1.000 643.86111 ? 5  DT A "C5'" 1 
ATOM 164 C "C4'" . DT A 1 9  ? -12.64863 -8.96410  0.41761   1.000 642.48188 ? 5  DT A "C4'" 1 
ATOM 165 O "O4'" . DT A 1 9  ? -11.50855 -8.82193  -0.44371  1.000 640.41814 ? 5  DT A "O4'" 1 
ATOM 166 C "C3'" . DT A 1 9  ? -12.27721 -8.23349  1.69782   1.000 642.41496 ? 5  DT A "C3'" 1 
ATOM 167 O "O3'" . DT A 1 9  ? -12.81454 -8.92343  2.81841   1.000 643.80581 ? 5  DT A "O3'" 1 
ATOM 168 C "C2'" . DT A 1 9  ? -10.73838 -8.24341  1.71740   1.000 640.15736 ? 5  DT A "C2'" 1 
ATOM 169 C "C1'" . DT A 1 9  ? -10.33861 -8.76652  0.33849   1.000 639.06199 ? 5  DT A "C1'" 1 
ATOM 170 N N1    . DT A 1 9  ? -9.33253  -7.92185  -0.39797  1.000 637.20766 ? 5  DT A N1    1 
ATOM 171 C C2    . DT A 1 9  ? -7.98296  -8.02873  -0.10500  1.000 635.42380 ? 5  DT A C2    1 
ATOM 172 O O2    . DT A 1 9  ? -7.54205  -8.75679  0.76582   1.000 635.19464 ? 5  DT A O2    1 
ATOM 173 N N3    . DT A 1 9  ? -7.16700  -7.22731  -0.87412  1.000 633.88597 ? 5  DT A N3    1 
ATOM 174 C C4    . DT A 1 9  ? -7.56294  -6.36478  -1.88712  1.000 633.91189 ? 5  DT A C4    1 
ATOM 175 O O4    . DT A 1 9  ? -6.76872  -5.68373  -2.52448  1.000 632.47141 ? 5  DT A O4    1 
ATOM 176 C C5    . DT A 1 9  ? -8.98127  -6.31739  -2.14169  1.000 635.73678 ? 5  DT A C5    1 
ATOM 177 C C7    . DT A 1 9  ? -9.52618  -5.41180  -3.20670  1.000 635.83213 ? 5  DT A C7    1 
ATOM 178 C C6    . DT A 1 9  ? -9.78195  -7.08857  -1.39802  1.000 637.29352 ? 5  DT A C6    1 
ATOM 179 P P     . DA A 1 10 ? -13.63751 -8.12563  3.94442   1.000 645.45605 ? 6  DA A P     1 
ATOM 180 O OP1   . DA A 1 10 ? -14.60692 -9.07128  4.53940   1.000 647.34358 ? 6  DA A OP1   1 
ATOM 181 O OP2   . DA A 1 10 ? -14.11705 -6.86173  3.34284   1.000 645.70673 ? 6  DA A OP2   1 
ATOM 182 O "O5'" . DA A 1 10 ? -12.53297 -7.75490  5.04005   1.000 644.19895 ? 6  DA A "O5'" 1 
ATOM 183 C "C5'" . DA A 1 10 ? -11.66551 -6.64899  4.82914   1.000 642.64011 ? 6  DA A "C5'" 1 
ATOM 184 C "C4'" . DA A 1 10 ? -10.30428 -6.90497  5.44776   1.000 640.85250 ? 6  DA A "C4'" 1 
ATOM 185 O "O4'" . DA A 1 10 ? -9.42495  -7.49742  4.45844   1.000 639.20593 ? 6  DA A "O4'" 1 
ATOM 186 C "C3'" . DA A 1 10 ? -9.59256  -5.65871  5.94540   1.000 639.81225 ? 6  DA A "C3'" 1 
ATOM 187 O "O3'" . DA A 1 10 ? -9.89878  -5.45987  7.31908   1.000 640.77627 ? 6  DA A "O3'" 1 
ATOM 188 C "C2'" . DA A 1 10 ? -8.11947  -6.00048  5.74020   1.000 637.54781 ? 6  DA A "C2'" 1 
ATOM 189 C "C1'" . DA A 1 10 ? -8.15752  -6.86884  4.48635   1.000 637.25076 ? 6  DA A "C1'" 1 
ATOM 190 N N9    . DA A 1 10 ? -7.98127  -6.12772  3.23568   1.000 636.45338 ? 6  DA A N9    1 
ATOM 191 C C8    . DA A 1 10 ? -8.96201  -5.73185  2.37215   1.000 637.49555 ? 6  DA A C8    1 
ATOM 192 N N7    . DA A 1 10 ? -8.51943  -5.10247  1.31326   1.000 636.34004 ? 6  DA A N7    1 
ATOM 193 C C5    . DA A 1 10 ? -7.15005  -5.07304  1.49484   1.000 634.46613 ? 6  DA A C5    1 
ATOM 194 C C6    . DA A 1 10 ? -6.10743  -4.53658  0.72029   1.000 632.63603 ? 6  DA A C6    1 
ATOM 195 N N6    . DA A 1 10 ? -6.30755  -3.90194  -0.43833  1.000 632.37183 ? 6  DA A N6    1 
ATOM 196 N N1    . DA A 1 10 ? -4.84933  -4.67598  1.18353   1.000 631.06962 ? 6  DA A N1    1 
ATOM 197 C C2    . DA A 1 10 ? -4.65477  -5.31233  2.34561   1.000 631.25807 ? 6  DA A C2    1 
ATOM 198 N N3    . DA A 1 10 ? -5.55618  -5.85895  3.16264   1.000 632.87265 ? 6  DA A N3    1 
ATOM 199 C C4    . DA A 1 10 ? -6.79695  -5.70323  2.67401   1.000 634.47847 ? 6  DA A C4    1 
ATOM 200 P P     . DC A 1 11 ? -9.34762  -4.16672  8.09423   1.000 580.90898 ? 7  DC A P     1 
ATOM 201 O OP1   . DC A 1 11 ? -10.25367 -3.90630  9.23449   1.000 583.51280 ? 7  DC A OP1   1 
ATOM 202 O OP2   . DC A 1 11 ? -9.10775  -3.10499  7.09238   1.000 577.34436 ? 7  DC A OP2   1 
ATOM 203 O "O5'" . DC A 1 11 ? -7.93175  -4.64231  8.66228   1.000 580.25068 ? 7  DC A "O5'" 1 
ATOM 204 C "C5'" . DC A 1 11 ? -6.99737  -3.68257  9.12018   1.000 577.80722 ? 7  DC A "C5'" 1 
ATOM 205 C "C4'" . DC A 1 11 ? -5.76639  -3.66206  8.23313   1.000 574.73080 ? 7  DC A "C4'" 1 
ATOM 206 O "O4'" . DC A 1 11 ? -6.15786  -3.80973  6.85917   1.000 573.62560 ? 7  DC A "O4'" 1 
ATOM 207 C "C3'" . DC A 1 11 ? -4.97879  -2.36550  8.27610   1.000 571.55219 ? 7  DC A "C3'" 1 
ATOM 208 O "O3'" . DC A 1 11 ? -3.96806  -2.45316  9.27127   1.000 571.85266 ? 7  DC A "O3'" 1 
ATOM 209 C "C2'" . DC A 1 11 ? -4.37426  -2.25110  6.86649   1.000 568.55175 ? 7  DC A "C2'" 1 
ATOM 210 C "C1'" . DC A 1 11 ? -5.13414  -3.30049  6.03870   1.000 570.16849 ? 7  DC A "C1'" 1 
ATOM 211 N N1    . DC A 1 11 ? -5.76154  -2.76350  4.77885   1.000 568.49620 ? 7  DC A N1    1 
ATOM 212 C C2    . DC A 1 11 ? -4.95959  -2.20222  3.76947   1.000 565.12986 ? 7  DC A C2    1 
ATOM 213 O O2    . DC A 1 11 ? -3.73315  -2.14585  3.93163   1.000 563.80449 ? 7  DC A O2    1 
ATOM 214 N N3    . DC A 1 11 ? -5.55810  -1.73284  2.64313   1.000 563.83394 ? 7  DC A N3    1 
ATOM 215 C C4    . DC A 1 11 ? -6.88472  -1.81503  2.50758   1.000 565.80103 ? 7  DC A C4    1 
ATOM 216 N N4    . DC A 1 11 ? -7.43303  -1.34188  1.38415   1.000 564.60482 ? 7  DC A N4    1 
ATOM 217 C C5    . DC A 1 11 ? -7.71028  -2.38645  3.51843   1.000 569.26378 ? 7  DC A C5    1 
ATOM 218 C C6    . DC A 1 11 ? -7.11362  -2.84412  4.62165   1.000 570.44370 ? 7  DC A C6    1 
ATOM 219 P P     . DT A 1 12 ? -3.63661  -1.18771  10.20370  1.000 503.14397 ? 8  DT A P     1 
ATOM 220 O OP1   . DT A 1 12 ? -2.91733  -1.68661  11.39696  1.000 504.74407 ? 8  DT A OP1   1 
ATOM 221 O OP2   . DT A 1 12 ? -4.88300  -0.40747  10.36756  1.000 503.29208 ? 8  DT A OP2   1 
ATOM 222 O "O5'" . DT A 1 12 ? -2.63268  -0.31625  9.31736   1.000 500.37091 ? 8  DT A "O5'" 1 
ATOM 223 C "C5'" . DT A 1 12 ? -1.48068  -0.92346  8.75046   1.000 499.66921 ? 8  DT A "C5'" 1 
ATOM 224 C "C4'" . DT A 1 12 ? -0.88611  -0.04243  7.66931   1.000 496.98705 ? 8  DT A "C4'" 1 
ATOM 225 O "O4'" . DT A 1 12 ? -1.74135  -0.06710  6.49399   1.000 496.14998 ? 8  DT A "O4'" 1 
ATOM 226 C "C3'" . DT A 1 12 ? -0.73043  1.43572   8.05130   1.000 495.70917 ? 8  DT A "C3'" 1 
ATOM 227 O "O3'" . DT A 1 12 ? 0.55253   1.90698   7.65146   1.000 494.01031 ? 8  DT A "O3'" 1 
ATOM 228 C "C2'" . DT A 1 12 ? -1.84656  2.11675   7.26029   1.000 494.70340 ? 8  DT A "C2'" 1 
ATOM 229 C "C1'" . DT A 1 12 ? -1.88327  1.24681   6.01909   1.000 494.21496 ? 8  DT A "C1'" 1 
ATOM 230 N N1    . DT A 1 12 ? -3.14941  1.36011   5.23106   1.000 494.02940 ? 8  DT A N1    1 
ATOM 231 C C2    . DT A 1 12 ? -3.08884  1.85216   3.95164   1.000 492.01756 ? 8  DT A C2    1 
ATOM 232 O O2    . DT A 1 12 ? -2.04962  2.19289   3.41742   1.000 490.35525 ? 8  DT A O2    1 
ATOM 233 N N3    . DT A 1 12 ? -4.29038  1.92737   3.30652   1.000 492.09510 ? 8  DT A N3    1 
ATOM 234 C C4    . DT A 1 12 ? -5.52883  1.57039   3.80081   1.000 493.97388 ? 8  DT A C4    1 
ATOM 235 O O4    . DT A 1 12 ? -6.55444  1.67827   3.13398   1.000 493.97050 ? 8  DT A O4    1 
ATOM 236 C C5    . DT A 1 12 ? -5.52894  1.06318   5.15411   1.000 496.02491 ? 8  DT A C5    1 
ATOM 237 C C7    . DT A 1 12 ? -6.81489  0.64217   5.80146   1.000 498.25587 ? 8  DT A C7    1 
ATOM 238 C C6    . DT A 1 12 ? -4.35125  0.98703   5.79921   1.000 495.94238 ? 8  DT A C6    1 
ATOM 239 P P     . DG A 1 13 ? 1.18666   3.22031   8.32840   1.000 436.68245 ? 9  DG A P     1 
ATOM 240 O OP1   . DG A 1 13 ? 1.67555   2.83717   9.67083   1.000 438.49972 ? 9  DG A OP1   1 
ATOM 241 O OP2   . DG A 1 13 ? 0.21903   4.33046   8.19051   1.000 435.90950 ? 9  DG A OP2   1 
ATOM 242 O "O5'" . DG A 1 13 ? 2.44279   3.56067   7.39884   1.000 434.61039 ? 9  DG A "O5'" 1 
ATOM 243 C "C5'" . DG A 1 13 ? 3.02196   4.85877   7.43496   1.000 433.14689 ? 9  DG A "C5'" 1 
ATOM 244 C "C4'" . DG A 1 13 ? 3.09142   5.45308   6.04060   1.000 430.87943 ? 9  DG A "C4'" 1 
ATOM 245 O "O4'" . DG A 1 13 ? 2.32147   4.63168   5.13138   1.000 430.91631 ? 9  DG A "O4'" 1 
ATOM 246 C "C3'" . DG A 1 13 ? 2.50066   6.84527   5.90759   1.000 429.74129 ? 9  DG A "C3'" 1 
ATOM 247 O "O3'" . DG A 1 13 ? 3.48810   7.82904   6.21487   1.000 428.85478 ? 9  DG A "O3'" 1 
ATOM 248 C "C2'" . DG A 1 13 ? 2.11473   6.88803   4.43389   1.000 428.15344 ? 9  DG A "C2'" 1 
ATOM 249 C "C1'" . DG A 1 13 ? 1.69621   5.44754   4.15618   1.000 429.32386 ? 9  DG A "C1'" 1 
ATOM 250 N N9    . DG A 1 13 ? 0.25265   5.22451   4.21345   1.000 430.35810 ? 9  DG A N9    1 
ATOM 251 C C8    . DG A 1 13 ? -0.44176  4.56794   5.19861   1.000 432.50393 ? 9  DG A C8    1 
ATOM 252 N N7    . DG A 1 13 ? -1.72564  4.51244   4.98055   1.000 433.07913 ? 9  DG A N7    1 
ATOM 253 C C5    . DG A 1 13 ? -1.89545  5.16956   3.76827   1.000 431.19027 ? 9  DG A C5    1 
ATOM 254 C C6    . DG A 1 13 ? -3.07460  5.42051   3.02483   1.000 430.91572 ? 9  DG A C6    1 
ATOM 255 O O6    . DG A 1 13 ? -4.23758  5.09878   3.30342   1.000 432.35018 ? 9  DG A O6    1 
ATOM 256 N N1    . DG A 1 13 ? -2.80569  6.12129   1.84958   1.000 428.80992 ? 9  DG A N1    1 
ATOM 257 C C2    . DG A 1 13 ? -1.55305  6.52355   1.44796   1.000 427.18669 ? 9  DG A C2    1 
ATOM 258 N N2    . DG A 1 13 ? -1.48284  7.18820   0.28610   1.000 425.32132 ? 9  DG A N2    1 
ATOM 259 N N3    . DG A 1 13 ? -0.44158  6.29273   2.13683   1.000 427.45594 ? 9  DG A N3    1 
ATOM 260 C C4    . DG A 1 13 ? -0.68775  5.61282   3.28193   1.000 429.48753 ? 9  DG A C4    1 
ATOM 261 P P     . DT A 1 14 ? 3.24992   8.87202   7.41562   1.000 439.30928 ? 10 DT A P     1 
ATOM 262 O OP1   . DT A 1 14 ? 4.46288   8.85808   8.26351   1.000 439.91320 ? 10 DT A OP1   1 
ATOM 263 O OP2   . DT A 1 14 ? 1.93445   8.57003   8.02042   1.000 440.84518 ? 10 DT A OP2   1 
ATOM 264 O "O5'" . DT A 1 14 ? 3.14536   10.29664  6.68761   1.000 437.38437 ? 10 DT A "O5'" 1 
ATOM 265 C "C5'" . DT A 1 14 ? 2.03092   10.59838  5.84472   1.000 436.63349 ? 10 DT A "C5'" 1 
ATOM 266 C "C4'" . DT A 1 14 ? 2.45341   10.64405  4.38386   1.000 434.70149 ? 10 DT A "C4'" 1 
ATOM 267 O "O4'" . DT A 1 14 ? 1.68256   9.70316   3.60678   1.000 434.86649 ? 10 DT A "O4'" 1 
ATOM 268 C "C3'" . DT A 1 14 ? 2.25019   11.96976  3.68475   1.000 433.06369 ? 10 DT A "C3'" 1 
ATOM 269 O "O3'" . DT A 1 14 ? 3.16715   12.07444  2.57900   1.000 431.33255 ? 10 DT A "O3'" 1 
ATOM 270 C "C2'" . DT A 1 14 ? 0.78820   11.86982  3.22282   1.000 433.31490 ? 10 DT A "C2'" 1 
ATOM 271 C "C1'" . DT A 1 14 ? 0.61722   10.36578  2.95436   1.000 434.17375 ? 10 DT A "C1'" 1 
ATOM 272 N N1    . DT A 1 14 ? -0.66427  9.77468   3.47740   1.000 435.91043 ? 10 DT A N1    1 
ATOM 273 C C2    . DT A 1 14 ? -1.84187  9.93668   2.77772   1.000 435.71809 ? 10 DT A C2    1 
ATOM 274 O O2    . DT A 1 14 ? -1.92372  10.56656  1.73864   1.000 434.16735 ? 10 DT A O2    1 
ATOM 275 N N3    . DT A 1 14 ? -2.93363  9.33450   3.35911   1.000 437.52720 ? 10 DT A N3    1 
ATOM 276 C C4    . DT A 1 14 ? -2.95652  8.59781   4.53293   1.000 439.43825 ? 10 DT A C4    1 
ATOM 277 O O4    . DT A 1 14 ? -3.97980  8.09480   4.97897   1.000 441.04845 ? 10 DT A O4    1 
ATOM 278 C C5    . DT A 1 14 ? -1.68997  8.46258   5.19975   1.000 439.50374 ? 10 DT A C5    1 
ATOM 279 C C7    . DT A 1 14 ? -1.58915  7.68767   6.47990   1.000 441.56910 ? 10 DT A C7    1 
ATOM 280 C C6    . DT A 1 14 ? -0.62409  9.04124   4.64393   1.000 437.77705 ? 10 DT A C6    1 
ATOM 281 P P     . DG A 1 15 ? 4.75231   12.19461  2.85154   1.000 414.31007 ? 11 DG A P     1 
ATOM 282 O OP1   . DG A 1 15 ? 5.22781   10.92397  3.43420   1.000 415.67188 ? 11 DG A OP1   1 
ATOM 283 O OP2   . DG A 1 15 ? 4.97502   13.45199  3.59524   1.000 414.29931 ? 11 DG A OP2   1 
ATOM 284 O "O5'" . DG A 1 15 ? 5.40900   12.33565  1.39441   1.000 412.32577 ? 11 DG A "O5'" 1 
ATOM 285 C "C5'" . DG A 1 15 ? 5.89257   11.17245  0.69825   1.000 412.14867 ? 11 DG A "C5'" 1 
ATOM 286 C "C4'" . DG A 1 15 ? 7.39740   10.99148  0.88521   1.000 412.00572 ? 11 DG A "C4'" 1 
ATOM 287 O "O4'" . DG A 1 15 ? 8.02224   12.28396  1.05144   1.000 411.17154 ? 11 DG A "O4'" 1 
ATOM 288 C "C3'" . DG A 1 15 ? 7.80255   10.14827  2.09588   1.000 413.87186 ? 11 DG A "C3'" 1 
ATOM 289 O "O3'" . DG A 1 15 ? 8.52918   8.94714   1.68210   1.000 414.08921 ? 11 DG A "O3'" 1 
ATOM 290 C "C2'" . DG A 1 15 ? 8.59868   11.10010  3.00861   1.000 414.08164 ? 11 DG A "C2'" 1 
ATOM 291 C "C1'" . DG A 1 15 ? 8.99428   12.23725  2.07277   1.000 412.15087 ? 11 DG A "C1'" 1 
ATOM 292 N N9    . DG A 1 15 ? 9.03813   13.56346  2.69015   1.000 412.06159 ? 11 DG A N9    1 
ATOM 293 C C8    . DG A 1 15 ? 7.96698   14.30233  3.12559   1.000 412.38645 ? 11 DG A C8    1 
ATOM 294 N N7    . DG A 1 15 ? 8.29584   15.47391  3.59343   1.000 412.23815 ? 11 DG A N7    1 
ATOM 295 C C5    . DG A 1 15 ? 9.67509   15.52375  3.44971   1.000 411.78258 ? 11 DG A C5    1 
ATOM 296 C C6    . DG A 1 15 ? 10.58865  16.55267  3.78348   1.000 411.55691 ? 11 DG A C6    1 
ATOM 297 O O6    . DG A 1 15 ? 10.34622  17.65575  4.29473   1.000 411.71837 ? 11 DG A O6    1 
ATOM 298 N N1    . DG A 1 15 ? 11.89952  16.19915  3.47251   1.000 411.21574 ? 11 DG A N1    1 
ATOM 299 C C2    . DG A 1 15 ? 12.27691  15.00306  2.90470   1.000 411.08764 ? 11 DG A C2    1 
ATOM 300 N N2    . DG A 1 15 ? 13.58753  14.83774  2.67681   1.000 410.83260 ? 11 DG A N2    1 
ATOM 301 N N3    . DG A 1 15 ? 11.42899  14.03158  2.58531   1.000 411.29888 ? 11 DG A N3    1 
ATOM 302 C C4    . DG A 1 15 ? 10.14946  14.35927  2.88511   1.000 411.64595 ? 11 DG A C4    1 
ATOM 303 P P     . DG A 1 16 ? 10.12084  8.91718   1.42050   1.000 413.45661 ? 12 DG A P     1 
ATOM 304 O OP1   . DG A 1 16 ? 10.55265  10.09570  0.64147   1.000 411.61475 ? 12 DG A OP1   1 
ATOM 305 O OP2   . DG A 1 16 ? 10.41151  7.57892   0.86370   1.000 413.79129 ? 12 DG A OP2   1 
ATOM 306 O "O5'" . DG A 1 16 ? 10.76399  8.94245   2.88308   1.000 415.05580 ? 12 DG A "O5'" 1 
ATOM 307 C "C5'" . DG A 1 16 ? 11.67936  7.92381   3.27461   1.000 416.18013 ? 12 DG A "C5'" 1 
ATOM 308 C "C4'" . DG A 1 16 ? 13.11342  8.36459   3.04031   1.000 415.41702 ? 12 DG A "C4'" 1 
ATOM 309 O "O4'" . DG A 1 16 ? 13.15989  9.81070   2.96370   1.000 414.26191 ? 12 DG A "O4'" 1 
ATOM 310 C "C3'" . DG A 1 16 ? 14.07401  8.01104   4.16085   1.000 417.02599 ? 12 DG A "C3'" 1 
ATOM 311 O "O3'" . DG A 1 16 ? 15.41621  8.02762   3.68331   1.000 416.41215 ? 12 DG A "O3'" 1 
ATOM 312 C "C2'" . DG A 1 16 ? 13.82321  9.14985   5.13157   1.000 417.40083 ? 12 DG A "C2'" 1 
ATOM 313 C "C1'" . DG A 1 16 ? 13.67401  10.33403  4.17707   1.000 415.37087 ? 12 DG A "C1'" 1 
ATOM 314 N N9    . DG A 1 16 ? 12.75289  11.35495  4.66394   1.000 415.33737 ? 12 DG A N9    1 
ATOM 315 C C8    . DG A 1 16 ? 11.38527  11.28011  4.69435   1.000 415.53586 ? 12 DG A C8    1 
ATOM 316 N N7    . DG A 1 16 ? 10.81499  12.34341  5.18527   1.000 415.52851 ? 12 DG A N7    1 
ATOM 317 C C5    . DG A 1 16 ? 11.87437  13.17740  5.50819   1.000 415.32582 ? 12 DG A C5    1 
ATOM 318 C C6    . DG A 1 16 ? 11.87254  14.47280  6.07440   1.000 415.31266 ? 12 DG A C6    1 
ATOM 319 O O6    . DG A 1 16 ? 10.89880  15.15654  6.41979   1.000 415.46611 ? 12 DG A O6    1 
ATOM 320 N N1    . DG A 1 16 ? 13.16466  14.96565  6.23433   1.000 415.20892 ? 12 DG A N1    1 
ATOM 321 C C2    . DG A 1 16 ? 14.31071  14.29404  5.88086   1.000 415.11528 ? 12 DG A C2    1 
ATOM 322 N N2    . DG A 1 16 ? 15.46810  14.92602  6.11480   1.000 415.14632 ? 12 DG A N2    1 
ATOM 323 N N3    . DG A 1 16 ? 14.32560  13.07775  5.35268   1.000 415.11640 ? 12 DG A N3    1 
ATOM 324 C C4    . DG A 1 16 ? 13.07626  12.58528  5.18976   1.000 415.21203 ? 12 DG A C4    1 
ATOM 325 P P     . DA A 1 17 ? 16.62766  7.61381   4.65730   1.000 457.83336 ? 13 DA A P     1 
ATOM 326 O OP1   . DA A 1 17 ? 17.78365  7.24449   3.81128   1.000 457.14268 ? 13 DA A OP1   1 
ATOM 327 O OP2   . DA A 1 17 ? 16.09604  6.65129   5.64733   1.000 459.83654 ? 13 DA A OP2   1 
ATOM 328 O "O5'" . DA A 1 17 ? 16.98432  8.96529   5.43603   1.000 457.85809 ? 13 DA A "O5'" 1 
ATOM 329 C "C5'" . DA A 1 17 ? 18.03776  8.97692   6.39706   1.000 459.23637 ? 13 DA A "C5'" 1 
ATOM 330 C "C4'" . DA A 1 17 ? 18.64855  10.36204  6.50993   1.000 458.53031 ? 13 DA A "C4'" 1 
ATOM 331 O "O4'" . DA A 1 17 ? 17.59707  11.35432  6.43882   1.000 457.63137 ? 13 DA A "O4'" 1 
ATOM 332 C "C3'" . DA A 1 17 ? 19.33627  10.65701  7.82755   1.000 460.24213 ? 13 DA A "C3'" 1 
ATOM 333 O "O3'" . DA A 1 17 ? 20.19059  11.80042  7.65630   1.000 459.49261 ? 13 DA A "O3'" 1 
ATOM 334 C "C2'" . DA A 1 17 ? 18.13090  10.97659  8.70293   1.000 460.99477 ? 13 DA A "C2'" 1 
ATOM 335 C "C1'" . DA A 1 17 ? 17.33068  11.85047  7.74426   1.000 459.02268 ? 13 DA A "C1'" 1 
ATOM 336 N N9    . DA A 1 17 ? 15.88432  11.84167  7.94057   1.000 459.12271 ? 13 DA A N9    1 
ATOM 337 C C8    . DA A 1 17 ? 15.01476  10.85448  7.58426   1.000 459.22005 ? 13 DA A C8    1 
ATOM 338 N N7    . DA A 1 17 ? 13.75803  11.13448  7.83753   1.000 459.33430 ? 13 DA A N7    1 
ATOM 339 C C5    . DA A 1 17 ? 13.80563  12.40207  8.38869   1.000 459.26236 ? 13 DA A C5    1 
ATOM 340 C C6    . DA A 1 17 ? 12.80230  13.26690  8.87166   1.000 459.38562 ? 13 DA A C6    1 
ATOM 341 N N6    . DA A 1 17 ? 11.50117  12.95899  8.87112   1.000 459.61330 ? 13 DA A N6    1 
ATOM 342 N N1    . DA A 1 17 ? 13.18994  14.46595  9.35194   1.000 459.35819 ? 13 DA A N1    1 
ATOM 343 C C2    . DA A 1 17 ? 14.49336  14.76928  9.34652   1.000 459.24082 ? 13 DA A C2    1 
ATOM 344 N N3    . DA A 1 17 ? 15.52456  14.04191  8.92146   1.000 459.13214 ? 13 DA A N3    1 
ATOM 345 C C4    . DA A 1 17 ? 15.10939  12.85654  8.45367   1.000 459.13545 ? 13 DA A C4    1 
ATOM 346 P P     . DT A 1 18 ? 20.66716  12.69376  8.90781   1.000 522.03948 ? 14 DT A P     1 
ATOM 347 O OP1   . DT A 1 18 ? 21.82095  13.50087  8.45414   1.000 521.31565 ? 14 DT A OP1   1 
ATOM 348 O OP2   . DT A 1 18 ? 20.81778  11.80162  10.07869  1.000 524.24202 ? 14 DT A OP2   1 
ATOM 349 O "O5'" . DT A 1 18 ? 19.43947  13.69348  9.17091   1.000 521.53517 ? 14 DT A "O5'" 1 
ATOM 350 C "C5'" . DT A 1 18 ? 19.67571  15.07673  9.43417   1.000 521.25831 ? 14 DT A "C5'" 1 
ATOM 351 C "C4'" . DT A 1 18 ? 19.47271  15.40130  10.90753  1.000 523.11749 ? 14 DT A "C4'" 1 
ATOM 352 O "O4'" . DT A 1 18 ? 18.06359  15.29026  11.25338  1.000 523.32205 ? 14 DT A "O4'" 1 
ATOM 353 C "C3'" . DT A 1 18 ? 20.21571  14.49030  11.87993  1.000 525.15570 ? 14 DT A "C3'" 1 
ATOM 354 O "O3'" . DT A 1 18 ? 20.70173  15.25054  12.97465  1.000 526.52655 ? 14 DT A "O3'" 1 
ATOM 355 C "C2'" . DT A 1 18 ? 19.13303  13.50287  12.31209  1.000 525.99567 ? 14 DT A "C2'" 1 
ATOM 356 C "C1'" . DT A 1 18 ? 17.90892  14.40186  12.34341  1.000 525.27893 ? 14 DT A "C1'" 1 
ATOM 357 N N1    . DT A 1 18 ? 16.60911  13.67426  12.17546  1.000 525.18467 ? 14 DT A N1    1 
ATOM 358 C C2    . DT A 1 18 ? 15.44021  14.31139  12.51579  1.000 525.15832 ? 14 DT A C2    1 
ATOM 359 O O2    . DT A 1 18 ? 15.40255  15.44510  12.95897  1.000 525.20479 ? 14 DT A O2    1 
ATOM 360 N N3    . DT A 1 18 ? 14.30542  13.57329  12.31802  1.000 525.17215 ? 14 DT A N3    1 
ATOM 361 C C4    . DT A 1 18 ? 14.21817  12.28748  11.82408  1.000 525.23138 ? 14 DT A C4    1 
ATOM 362 O O4    . DT A 1 18 ? 13.14253  11.71128  11.68522  1.000 525.35660 ? 14 DT A O4    1 
ATOM 363 C C5    . DT A 1 18 ? 15.47916  11.67105  11.48486  1.000 525.24412 ? 14 DT A C5    1 
ATOM 364 C C7    . DT A 1 18 ? 15.51029  10.27340  10.94097  1.000 525.40554 ? 14 DT A C7    1 
ATOM 365 C C6    . DT A 1 18 ? 16.60290  12.38652  11.67327  1.000 525.21170 ? 14 DT A C6    1 
ATOM 366 O "O5'" . DT B 2 1  ? 4.51793   6.95425   19.52112  1.000 520.57362 ? 5  DT B "O5'" 1 
ATOM 367 C "C5'" . DT B 2 1  ? 4.62744   8.11811   18.70822  1.000 519.84679 ? 5  DT B "C5'" 1 
ATOM 368 C "C4'" . DT B 2 1  ? 4.89625   9.34711   19.55797  1.000 522.38528 ? 5  DT B "C4'" 1 
ATOM 369 O "O4'" . DT B 2 1  ? 5.98478   9.06747   20.47815  1.000 521.90355 ? 5  DT B "O4'" 1 
ATOM 370 C "C3'" . DT B 2 1  ? 5.33944   10.57676  18.78051  1.000 521.21910 ? 5  DT B "C3'" 1 
ATOM 371 O "O3'" . DT B 2 1  ? 4.20899   11.33252  18.37097  1.000 523.40042 ? 5  DT B "O3'" 1 
ATOM 372 C "C2'" . DT B 2 1  ? 6.17012   11.32285  19.81530  1.000 522.62002 ? 5  DT B "C2'" 1 
ATOM 373 C "C1'" . DT B 2 1  ? 6.87569   10.16933  20.52133  1.000 521.45664 ? 5  DT B "C1'" 1 
ATOM 374 N N1    . DT B 2 1  ? 8.16261   9.76585   19.87218  1.000 517.14347 ? 5  DT B N1    1 
ATOM 375 C C2    . DT B 2 1  ? 9.25855   10.59360  19.96938  1.000 516.12522 ? 5  DT B C2    1 
ATOM 376 O O2    . DT B 2 1  ? 9.24404   11.65791  20.56265  1.000 518.61062 ? 5  DT B O2    1 
ATOM 377 N N3    . DT B 2 1  ? 10.38288  10.12816  19.34025  1.000 512.11118 ? 5  DT B N3    1 
ATOM 378 C C4    . DT B 2 1  ? 10.51938  8.94265   18.64014  1.000 509.12988 ? 5  DT B C4    1 
ATOM 379 O O4    . DT B 2 1  ? 11.57414  8.61172   18.10890  1.000 505.65243 ? 5  DT B O4    1 
ATOM 380 C C5    . DT B 2 1  ? 9.33344   8.12213   18.57854  1.000 510.45538 ? 5  DT B C5    1 
ATOM 381 C C7    . DT B 2 1  ? 9.35699   6.81264   17.84722  1.000 507.61287 ? 5  DT B C7    1 
ATOM 382 C C6    . DT B 2 1  ? 8.22848   8.56714   19.19093  1.000 514.32162 ? 5  DT B C6    1 
ATOM 383 P P     . DC B 2 2  ? 3.93707   11.58214  16.80750  1.000 492.86597 ? 6  DC B P     1 
ATOM 384 O OP1   . DC B 2 2  ? 2.47278   11.59023  16.59144  1.000 495.28503 ? 6  DC B OP1   1 
ATOM 385 O OP2   . DC B 2 2  ? 4.78764   10.62223  16.07010  1.000 488.62265 ? 6  DC B OP2   1 
ATOM 386 O "O5'" . DC B 2 2  ? 4.52021   13.04826  16.53627  1.000 492.81537 ? 6  DC B "O5'" 1 
ATOM 387 C "C5'" . DC B 2 2  ? 5.80310   13.20584  15.93072  1.000 489.21883 ? 6  DC B "C5'" 1 
ATOM 388 C "C4'" . DC B 2 2  ? 6.87818   13.42608  16.98142  1.000 489.58999 ? 6  DC B "C4'" 1 
ATOM 389 O "O4'" . DC B 2 2  ? 7.81982   12.32393  16.95173  1.000 486.43169 ? 6  DC B "O4'" 1 
ATOM 390 C "C3'" . DC B 2 2  ? 7.69954   14.70627  16.80608  1.000 489.13003 ? 6  DC B "C3'" 1 
ATOM 391 O "O3'" . DC B 2 2  ? 7.71960   15.44852  18.02749  1.000 492.60314 ? 6  DC B "O3'" 1 
ATOM 392 C "C2'" . DC B 2 2  ? 9.09622   14.20405  16.40679  1.000 484.96886 ? 6  DC B "C2'" 1 
ATOM 393 C "C1'" . DC B 2 2  ? 9.13277   12.82121  17.03766  1.000 484.62473 ? 6  DC B "C1'" 1 
ATOM 394 N N1    . DC B 2 2  ? 10.05889  11.82928  16.36556  1.000 480.30799 ? 6  DC B N1    1 
ATOM 395 C C2    . DC B 2 2  ? 11.45053  12.01090  16.41563  1.000 477.91858 ? 6  DC B C2    1 
ATOM 396 O O2    . DC B 2 2  ? 11.91299  13.00652  16.98534  1.000 479.33541 ? 6  DC B O2    1 
ATOM 397 N N3    . DC B 2 2  ? 12.25503  11.08863  15.82415  1.000 474.13366 ? 6  DC B N3    1 
ATOM 398 C C4    . DC B 2 2  ? 11.72382  10.02537  15.21732  1.000 472.79497 ? 6  DC B C4    1 
ATOM 399 N N4    . DC B 2 2  ? 12.55741  9.14577   14.64977  1.000 469.14211 ? 6  DC B N4    1 
ATOM 400 C C5    . DC B 2 2  ? 10.31473  9.81716   15.16592  1.000 475.19545 ? 6  DC B C5    1 
ATOM 401 C C6    . DC B 2 2  ? 9.52981   10.73003  15.75075  1.000 478.86819 ? 6  DC B C6    1 
ATOM 402 P P     . DA B 2 3  ? 6.56705   16.52980  18.33267  1.000 372.88507 ? 7  DA B P     1 
ATOM 403 O OP1   . DA B 2 3  ? 7.17708   17.63112  19.11106  1.000 374.80965 ? 7  DA B OP1   1 
ATOM 404 O OP2   . DA B 2 3  ? 5.40802   15.80165  18.89651  1.000 375.45235 ? 7  DA B OP2   1 
ATOM 405 O "O5'" . DA B 2 3  ? 6.14299   17.05747  16.87865  1.000 371.24805 ? 7  DA B "O5'" 1 
ATOM 406 C "C5'" . DA B 2 3  ? 5.90301   18.44952  16.64968  1.000 373.02370 ? 7  DA B "C5'" 1 
ATOM 407 C "C4'" . DA B 2 3  ? 7.21225   19.18458  16.42266  1.000 370.94057 ? 7  DA B "C4'" 1 
ATOM 408 O "O4'" . DA B 2 3  ? 8.25378   18.21822  16.13264  1.000 367.00891 ? 7  DA B "O4'" 1 
ATOM 409 C "C3'" . DA B 2 3  ? 7.22141   20.16241  15.25368  1.000 369.69736 ? 7  DA B "C3'" 1 
ATOM 410 O "O3'" . DA B 2 3  ? 8.13824   21.22355  15.52602  1.000 369.94366 ? 7  DA B "O3'" 1 
ATOM 411 C "C2'" . DA B 2 3  ? 7.69992   19.28413  14.10322  1.000 365.11960 ? 7  DA B "C2'" 1 
ATOM 412 C "C1'" . DA B 2 3  ? 8.71093   18.38549  14.80597  1.000 363.48587 ? 7  DA B "C1'" 1 
ATOM 413 N N9    . DA B 2 3  ? 8.85325   17.06861  14.19024  1.000 360.23462 ? 7  DA B N9    1 
ATOM 414 C C8    . DA B 2 3  ? 7.85353   16.23326  13.77433  1.000 360.27921 ? 7  DA B C8    1 
ATOM 415 N N7    . DA B 2 3  ? 8.28760   15.10870  13.25174  1.000 357.00061 ? 7  DA B N7    1 
ATOM 416 C C5    . DA B 2 3  ? 9.66622   15.21784  13.32863  1.000 354.61121 ? 7  DA B C5    1 
ATOM 417 C C6    . DA B 2 3  ? 10.71476  14.35452  12.94765  1.000 350.78825 ? 7  DA B C6    1 
ATOM 418 N N6    . DA B 2 3  ? 10.52013  13.15809  12.37953  1.000 348.65546 ? 7  DA B N6    1 
ATOM 419 N N1    . DA B 2 3  ? 11.97741  14.77263  13.17112  1.000 349.28714 ? 7  DA B N1    1 
ATOM 420 C C2    . DA B 2 3  ? 12.17046  15.96553  13.74202  1.000 351.50632 ? 7  DA B C2    1 
ATOM 421 N N3    . DA B 2 3  ? 11.27170  16.85943  14.13994  1.000 355.17018 ? 7  DA B N3    1 
ATOM 422 C C4    . DA B 2 3  ? 10.02865  16.41978  13.90658  1.000 356.55382 ? 7  DA B C4    1 
ATOM 423 P P     . DT B 2 4  ? 8.48593   22.32905  14.41020  1.000 345.81180 ? 8  DT B P     1 
ATOM 424 O OP1   . DT B 2 4  ? 8.75270   23.59453  15.12861  1.000 348.66390 ? 8  DT B OP1   1 
ATOM 425 O OP2   . DT B 2 4  ? 7.44799   22.29587  13.35666  1.000 345.50481 ? 8  DT B OP2   1 
ATOM 426 O "O5'" . DT B 2 4  ? 9.86031   21.81322  13.77321  1.000 341.03254 ? 8  DT B "O5'" 1 
ATOM 427 C "C5'" . DT B 2 4  ? 11.01202  21.66361  14.59833  1.000 340.37155 ? 8  DT B "C5'" 1 
ATOM 428 C "C4'" . DT B 2 4  ? 12.21381  21.21350  13.78525  1.000 335.66160 ? 8  DT B "C4'" 1 
ATOM 429 O "O4'" . DT B 2 4  ? 12.03339  19.83240  13.36272  1.000 333.26403 ? 8  DT B "O4'" 1 
ATOM 430 C "C3'" . DT B 2 4  ? 12.47195  22.01088  12.50039  1.000 333.48463 ? 8  DT B "C3'" 1 
ATOM 431 O "O3'" . DT B 2 4  ? 13.87471  22.18475  12.32036  1.000 330.61712 ? 8  DT B "O3'" 1 
ATOM 432 C "C2'" . DT B 2 4  ? 11.89119  21.09473  11.42873  1.000 331.09147 ? 8  DT B "C2'" 1 
ATOM 433 C "C1'" . DT B 2 4  ? 12.30996  19.75026  11.98502  1.000 329.69608 ? 8  DT B "C1'" 1 
ATOM 434 N N1    . DT B 2 4  ? 11.58763  18.58067  11.39896  1.000 328.37536 ? 8  DT B N1    1 
ATOM 435 C C2    . DT B 2 4  ? 12.32243  17.51412  10.94500  1.000 324.69152 ? 8  DT B C2    1 
ATOM 436 O O2    . DT B 2 4  ? 13.53808  17.47228  11.00106  1.000 322.40683 ? 8  DT B O2    1 
ATOM 437 N N3    . DT B 2 4  ? 11.58810  16.48572  10.42459  1.000 323.80684 ? 8  DT B N3    1 
ATOM 438 C C4    . DT B 2 4  ? 10.21168  16.42036  10.31005  1.000 326.15821 ? 8  DT B C4    1 
ATOM 439 O O4    . DT B 2 4  ? 9.63880   15.44931  9.82546   1.000 325.14808 ? 8  DT B O4    1 
ATOM 440 C C5    . DT B 2 4  ? 9.49511   17.57532  10.80229  1.000 329.94782 ? 8  DT B C5    1 
ATOM 441 C C7    . DT B 2 4  ? 7.99768   17.61964  10.72868  1.000 332.75733 ? 8  DT B C7    1 
ATOM 442 C C6    . DT B 2 4  ? 10.21001  18.59074  11.31654  1.000 330.88726 ? 8  DT B C6    1 
ATOM 443 P P     . DC B 2 5  ? 14.44255  23.30407  11.31521  1.000 313.97293 ? 9  DC B P     1 
ATOM 444 O OP1   . DC B 2 5  ? 14.59978  24.55315  12.09223  1.000 317.10725 ? 9  DC B OP1   1 
ATOM 445 O OP2   . DC B 2 5  ? 13.61643  23.30217  10.08800  1.000 312.94995 ? 9  DC B OP2   1 
ATOM 446 O "O5'" . DC B 2 5  ? 15.88573  22.74821  10.90522  1.000 309.54177 ? 9  DC B "O5'" 1 
ATOM 447 C "C5'" . DC B 2 5  ? 16.42055  21.60656  11.56495  1.000 308.36537 ? 9  DC B "C5'" 1 
ATOM 448 C "C4'" . DC B 2 5  ? 17.17231  20.71205  10.59129  1.000 303.67738 ? 9  DC B "C4'" 1 
ATOM 449 O "O4'" . DC B 2 5  ? 16.31723  19.61504  10.17506  1.000 303.04628 ? 9  DC B "O4'" 1 
ATOM 450 C "C3'" . DC B 2 5  ? 17.64207  21.38777  9.30354   1.000 300.95837 ? 9  DC B "C3'" 1 
ATOM 451 O "O3'" . DC B 2 5  ? 18.90758  20.84860  8.91654   1.000 297.01951 ? 9  DC B "O3'" 1 
ATOM 452 C "C2'" . DC B 2 5  ? 16.54170  21.01471  8.31155   1.000 300.52864 ? 9  DC B "C2'" 1 
ATOM 453 C "C1'" . DC B 2 5  ? 16.20632  19.60463  8.76703   1.000 300.32819 ? 9  DC B "C1'" 1 
ATOM 454 N N1    . DC B 2 5  ? 14.83148  19.16090  8.41515   1.000 301.70118 ? 9  DC B N1    1 
ATOM 455 C C2    . DC B 2 5  ? 14.64830  17.90918  7.82702   1.000 299.33522 ? 9  DC B C2    1 
ATOM 456 O O2    . DC B 2 5  ? 15.64004  17.20537  7.60251   1.000 296.14369 ? 9  DC B O2    1 
ATOM 457 N N3    . DC B 2 5  ? 13.39147  17.50505  7.52052   1.000 300.65582 ? 9  DC B N3    1 
ATOM 458 C C4    . DC B 2 5  ? 12.35301  18.30018  7.78381   1.000 304.13983 ? 9  DC B C4    1 
ATOM 459 N N4    . DC B 2 5  ? 11.13183  17.86248  7.46472   1.000 305.32424 ? 9  DC B N4    1 
ATOM 460 C C5    . DC B 2 5  ? 12.52097  19.58087  8.38577   1.000 306.62043 ? 9  DC B C5    1 
ATOM 461 C C6    . DC B 2 5  ? 13.76534  19.96573  8.68573   1.000 305.31972 ? 9  DC B C6    1 
ATOM 462 P P     . DC B 2 6  ? 19.65595  21.36658  7.59046   1.000 338.24309 ? 10 DC B P     1 
ATOM 463 O OP1   . DC B 2 6  ? 21.10914  21.33531  7.87028   1.000 335.99400 ? 10 DC B OP1   1 
ATOM 464 O OP2   . DC B 2 6  ? 19.00968  22.62312  7.14907   1.000 340.20987 ? 10 DC B OP2   1 
ATOM 465 O "O5'" . DC B 2 6  ? 19.33162  20.23840  6.50420   1.000 335.21392 ? 10 DC B "O5'" 1 
ATOM 466 C "C5'" . DC B 2 6  ? 19.80868  20.36479  5.16464   1.000 331.74356 ? 10 DC B "C5'" 1 
ATOM 467 C "C4'" . DC B 2 6  ? 19.67017  19.04182  4.42987   1.000 328.94092 ? 10 DC B "C4'" 1 
ATOM 468 O "O4'" . DC B 2 6  ? 18.37845  18.45904  4.74070   1.000 331.34574 ? 10 DC B "O4'" 1 
ATOM 469 C "C3'" . DC B 2 6  ? 19.72492  19.12754  2.90677   1.000 325.91953 ? 10 DC B "C3'" 1 
ATOM 470 O "O3'" . DC B 2 6  ? 20.27325  17.92187  2.36665   1.000 322.43341 ? 10 DC B "O3'" 1 
ATOM 471 C "C2'" . DC B 2 6  ? 18.25529  19.28161  2.54044   1.000 328.18344 ? 10 DC B "C2'" 1 
ATOM 472 C "C1'" . DC B 2 6  ? 17.59882  18.36594  3.56484   1.000 330.39614 ? 10 DC B "C1'" 1 
ATOM 473 N N1    . DC B 2 6  ? 16.20049  18.74817  3.89693   1.000 334.17531 ? 10 DC B N1    1 
ATOM 474 C C2    . DC B 2 6  ? 15.19743  17.77831  3.85932   1.000 334.90185 ? 10 DC B C2    1 
ATOM 475 O O2    . DC B 2 6  ? 15.49733  16.61973  3.55164   1.000 332.42075 ? 10 DC B O2    1 
ATOM 476 N N3    . DC B 2 6  ? 13.92584  18.13428  4.16319   1.000 338.35336 ? 10 DC B N3    1 
ATOM 477 C C4    . DC B 2 6  ? 13.64952  19.39803  4.49264   1.000 341.03127 ? 10 DC B C4    1 
ATOM 478 N N4    . DC B 2 6  ? 12.38249  19.70579  4.78512   1.000 344.42906 ? 10 DC B N4    1 
ATOM 479 C C5    . DC B 2 6  ? 14.66116  20.40263  4.53596   1.000 340.39281 ? 10 DC B C5    1 
ATOM 480 C C6    . DC B 2 6  ? 15.91037  20.03668  4.23375   1.000 336.93958 ? 10 DC B C6    1 
ATOM 481 P P     . DT B 2 7  ? 20.92992  17.91161  0.89774   1.000 341.37305 ? 11 DT B P     1 
ATOM 482 O OP1   . DT B 2 7  ? 22.14744  17.07159  0.94946   1.000 338.24031 ? 11 DT B OP1   1 
ATOM 483 O OP2   . DT B 2 7  ? 21.03394  19.31036  0.43159   1.000 341.85130 ? 11 DT B OP2   1 
ATOM 484 O "O5'" . DT B 2 7  ? 19.83302  17.18502  -0.01176  1.000 340.91897 ? 11 DT B "O5'" 1 
ATOM 485 C "C5'" . DT B 2 7  ? 19.65658  15.77959  0.07642   1.000 339.93696 ? 11 DT B "C5'" 1 
ATOM 486 C "C4'" . DT B 2 7  ? 18.47922  15.32866  -0.76729  1.000 340.11465 ? 11 DT B "C4'" 1 
ATOM 487 O "O4'" . DT B 2 7  ? 17.25049  15.59814  -0.06882  1.000 344.04437 ? 11 DT B "O4'" 1 
ATOM 488 C "C3'" . DT B 2 7  ? 18.31916  16.05357  -2.08687  1.000 338.67883 ? 11 DT B "C3'" 1 
ATOM 489 O "O3'" . DT B 2 7  ? 19.16851  15.46979  -3.06918  1.000 334.65421 ? 11 DT B "O3'" 1 
ATOM 490 C "C2'" . DT B 2 7  ? 16.83979  15.81770  -2.40455  1.000 340.64735 ? 11 DT B "C2'" 1 
ATOM 491 C "C1'" . DT B 2 7  ? 16.19960  15.70408  -1.01041  1.000 344.36752 ? 11 DT B "C1'" 1 
ATOM 492 N N1    . DT B 2 7  ? 15.34099  16.86883  -0.63162  1.000 347.93958 ? 11 DT B N1    1 
ATOM 493 C C2    . DT B 2 7  ? 14.00535  16.66078  -0.37320  1.000 350.75727 ? 11 DT B C2    1 
ATOM 494 O O2    . DT B 2 7  ? 13.47620  15.56781  -0.44634  1.000 350.48068 ? 11 DT B O2    1 
ATOM 495 N N3    . DT B 2 7  ? 13.30548  17.78723  -0.02524  1.000 353.98333 ? 11 DT B N3    1 
ATOM 496 C C4    . DT B 2 7  ? 13.80148  19.07469  0.08947   1.000 354.70257 ? 11 DT B C4    1 
ATOM 497 O O4    . DT B 2 7  ? 13.09551  20.02519  0.40802   1.000 357.77584 ? 11 DT B O4    1 
ATOM 498 C C5    . DT B 2 7  ? 15.21037  19.22268  -0.19179  1.000 351.63406 ? 11 DT B C5    1 
ATOM 499 C C7    . DT B 2 7  ? 15.85949  20.57317  -0.09964  1.000 352.14323 ? 11 DT B C7    1 
ATOM 500 C C6    . DT B 2 7  ? 15.90428  18.12526  -0.53256  1.000 348.42037 ? 11 DT B C6    1 
ATOM 501 P P     . DG C 3 1  ? -18.35879 12.12898  9.58301   1.000 453.74719 ? 1  DG C P     1 
ATOM 502 O OP1   . DG C 3 1  ? -18.71288 12.58654  10.94251  1.000 454.90985 ? 1  DG C OP1   1 
ATOM 503 O OP2   . DG C 3 1  ? -19.41604 11.90599  8.57450   1.000 451.64656 ? 1  DG C OP2   1 
ATOM 504 O "O5'" . DG C 3 1  ? -17.30981 13.16197  8.96530   1.000 457.36885 ? 1  DG C "O5'" 1 
ATOM 505 C "C5'" . DG C 3 1  ? -15.94780 12.78780  8.81675   1.000 458.34148 ? 1  DG C "C5'" 1 
ATOM 506 C "C4'" . DG C 3 1  ? -15.76225 11.87825  7.61520   1.000 456.06099 ? 1  DG C "C4'" 1 
ATOM 507 O "O4'" . DG C 3 1  ? -14.46028 12.12382  7.02469   1.000 458.48027 ? 1  DG C "O4'" 1 
ATOM 508 C "C3'" . DG C 3 1  ? -15.77183 10.38963  7.92455   1.000 452.75228 ? 1  DG C "C3'" 1 
ATOM 509 O "O3'" . DG C 3 1  ? -16.13961 9.66355   6.75092   1.000 450.31288 ? 1  DG C "O3'" 1 
ATOM 510 C "C2'" . DG C 3 1  ? -14.31429 10.15187  8.29418   1.000 454.60476 ? 1  DG C "C2'" 1 
ATOM 511 C "C1'" . DG C 3 1  ? -13.62827 10.99662  7.23418   1.000 457.29015 ? 1  DG C "C1'" 1 
ATOM 512 N N9    . DG C 3 1  ? -12.29823 11.46283  7.60291   1.000 460.82593 ? 1  DG C N9    1 
ATOM 513 C C8    . DG C 3 1  ? -11.59642 11.18604  8.75096   1.000 462.20668 ? 1  DG C C8    1 
ATOM 514 N N7    . DG C 3 1  ? -10.41886 11.75134  8.78625   1.000 465.60368 ? 1  DG C N7    1 
ATOM 515 C C5    . DG C 3 1  ? -10.33902 12.43849  7.58343   1.000 466.93315 ? 1  DG C C5    1 
ATOM 516 C C6    . DG C 3 1  ? -9.29983  13.24042  7.05055   1.000 470.88758 ? 1  DG C C6    1 
ATOM 517 O O6    . DG C 3 1  ? -8.19750  13.51210  7.55688   1.000 474.18789 ? 1  DG C O6    1 
ATOM 518 N N1    . DG C 3 1  ? -9.63681  13.74667  5.79735   1.000 471.04096 ? 1  DG C N1    1 
ATOM 519 C C2    . DG C 3 1  ? -10.82533 13.51036  5.14508   1.000 467.85484 ? 1  DG C C2    1 
ATOM 520 N N2    . DG C 3 1  ? -10.97303 14.08413  3.94531   1.000 468.75301 ? 1  DG C N2    1 
ATOM 521 N N3    . DG C 3 1  ? -11.80172 12.76535  5.63216   1.000 464.26271 ? 1  DG C N3    1 
ATOM 522 C C4    . DG C 3 1  ? -11.49175 12.26544  6.84597   1.000 463.98653 ? 1  DG C C4    1 
ATOM 523 P P     . DG C 3 2  ? -16.31146 8.06669   6.79951   1.000 439.65203 ? 2  DG C P     1 
ATOM 524 O OP1   . DG C 3 2  ? -17.50007 7.72887   5.98769   1.000 437.24462 ? 2  DG C OP1   1 
ATOM 525 O OP2   . DG C 3 2  ? -16.24118 7.64439   8.21518   1.000 441.99244 ? 2  DG C OP2   1 
ATOM 526 O "O5'" . DG C 3 2  ? -15.00231 7.50920   6.06484   1.000 440.25372 ? 2  DG C "O5'" 1 
ATOM 527 C "C5'" . DG C 3 2  ? -15.01170 7.26697   4.65622   1.000 439.48294 ? 2  DG C "C5'" 1 
ATOM 528 C "C4'" . DG C 3 2  ? -14.73574 8.54258   3.87475   1.000 442.32109 ? 2  DG C "C4'" 1 
ATOM 529 O "O4'" . DG C 3 2  ? -13.73846 9.33978   4.57354   1.000 445.66670 ? 2  DG C "O4'" 1 
ATOM 530 C "C3'" . DG C 3 2  ? -14.17358 8.32893   2.46692   1.000 442.58322 ? 2  DG C "C3'" 1 
ATOM 531 O "O3'" . DG C 3 2  ? -14.64445 9.36029   1.59310   1.000 443.95592 ? 2  DG C "O3'" 1 
ATOM 532 C "C2'" . DG C 3 2  ? -12.67264 8.44862   2.70661   1.000 445.28740 ? 2  DG C "C2'" 1 
ATOM 533 C "C1'" . DG C 3 2  ? -12.65729 9.59403   3.70268   1.000 447.87434 ? 2  DG C "C1'" 1 
ATOM 534 N N9    . DG C 3 2  ? -11.42409 9.71156   4.48489   1.000 450.49035 ? 2  DG C N9    1 
ATOM 535 C C8    . DG C 3 2  ? -11.16112 9.15842   5.71745   1.000 450.08985 ? 2  DG C C8    1 
ATOM 536 N N7    . DG C 3 2  ? -9.97536  9.45277   6.17946   1.000 453.19716 ? 2  DG C N7    1 
ATOM 537 C C5    . DG C 3 2  ? -9.41588  10.25620  5.19446   1.000 455.83462 ? 2  DG C C5    1 
ATOM 538 C C6    . DG C 3 2  ? -8.14169  10.87564  5.13807   1.000 459.96801 ? 2  DG C C6    1 
ATOM 539 O O6    . DG C 3 2  ? -7.22575  10.83537  5.97665   1.000 462.22254 ? 2  DG C O6    1 
ATOM 540 N N1    . DG C 3 2  ? -7.97822  11.60358  3.96043   1.000 461.71827 ? 2  DG C N1    1 
ATOM 541 C C2    . DG C 3 2  ? -8.92466  11.71914  2.96832   1.000 459.73543 ? 2  DG C C2    1 
ATOM 542 N N2    . DG C 3 2  ? -8.58380  12.46453  1.90563   1.000 462.08230 ? 2  DG C N2    1 
ATOM 543 N N3    . DG C 3 2  ? -10.12347 11.14659  3.01148   1.000 455.94528 ? 2  DG C N3    1 
ATOM 544 C C4    . DG C 3 2  ? -10.29740 10.42858  4.14820   1.000 454.17539 ? 2  DG C C4    1 
ATOM 545 P P     . DA C 3 3  ? -14.72067 9.11795   0.00361   1.000 423.17896 ? 3  DA C P     1 
ATOM 546 O OP1   . DA C 3 3  ? -16.12600 9.31934   -0.40992  1.000 421.65177 ? 3  DA C OP1   1 
ATOM 547 O OP2   . DA C 3 3  ? -14.05257 7.83345   -0.29750  1.000 421.56314 ? 3  DA C OP2   1 
ATOM 548 O "O5'" . DA C 3 3  ? -13.82832 10.29695  -0.61705  1.000 427.08735 ? 3  DA C "O5'" 1 
ATOM 549 C "C5'" . DA C 3 3  ? -12.46931 10.44582  -0.21668  1.000 429.62846 ? 3  DA C "C5'" 1 
ATOM 550 C "C4'" . DA C 3 3  ? -11.66201 11.21586  -1.25158  1.000 432.80643 ? 3  DA C "C4'" 1 
ATOM 551 O "O4'" . DA C 3 3  ? -10.35293 11.51683  -0.71627  1.000 435.91211 ? 3  DA C "O4'" 1 
ATOM 552 C "C3'" . DA C 3 3  ? -11.36407 10.46024  -2.52605  1.000 431.70898 ? 3  DA C "C3'" 1 
ATOM 553 O "O3'" . DA C 3 3  ? -11.01730 11.38587  -3.55803  1.000 434.56178 ? 3  DA C "O3'" 1 
ATOM 554 C "C2'" . DA C 3 3  ? -10.16760 9.60156   -2.10749  1.000 431.97979 ? 3  DA C "C2'" 1 
ATOM 555 C "C1'" . DA C 3 3  ? -9.43097  10.51484  -1.12097  1.000 435.40607 ? 3  DA C "C1'" 1 
ATOM 556 N N9    . DA C 3 3  ? -8.96587  9.82862   0.08319   1.000 434.83248 ? 3  DA C N9    1 
ATOM 557 C C8    . DA C 3 3  ? -9.72590  9.10089   0.95609   1.000 431.77174 ? 3  DA C C8    1 
ATOM 558 N N7    . DA C 3 3  ? -9.05318  8.61212   1.96817   1.000 432.19715 ? 3  DA C N7    1 
ATOM 559 C C5    . DA C 3 3  ? -7.75858  9.04690   1.74686   1.000 435.84358 ? 3  DA C C5    1 
ATOM 560 C C6    . DA C 3 3  ? -6.56612  8.85919   2.46542   1.000 438.25363 ? 3  DA C C6    1 
ATOM 561 N N6    . DA C 3 3  ? -6.49998  8.15152   3.59526   1.000 437.24366 ? 3  DA C N6    1 
ATOM 562 N N1    . DA C 3 3  ? -5.44176  9.42363   1.97439   1.000 442.05630 ? 3  DA C N1    1 
ATOM 563 C C2    . DA C 3 3  ? -5.51797  10.13126  0.83924   1.000 443.26127 ? 3  DA C C2    1 
ATOM 564 N N3    . DA C 3 3  ? -6.58475  10.37793  0.07524   1.000 441.23018 ? 3  DA C N3    1 
ATOM 565 C C4    . DA C 3 3  ? -7.68404  9.80137   0.59031   1.000 437.52049 ? 3  DA C C4    1 
ATOM 566 P P     . DC C 3 4  ? -10.46762 10.86255  -4.97405  1.000 431.17380 ? 4  DC C P     1 
ATOM 567 O OP1   . DC C 3 4  ? -10.70240 11.93136  -5.97097  1.000 433.43189 ? 4  DC C OP1   1 
ATOM 568 O OP2   . DC C 3 4  ? -11.01303 9.50529   -5.20136  1.000 427.22505 ? 4  DC C OP2   1 
ATOM 569 O "O5'" . DC C 3 4  ? -8.89374  10.72055  -4.74024  1.000 433.83516 ? 4  DC C "O5'" 1 
ATOM 570 C "C5'" . DC C 3 4  ? -8.22636  9.53932   -5.14450  1.000 432.61328 ? 4  DC C "C5'" 1 
ATOM 571 C "C4'" . DC C 3 4  ? -6.75628  9.60082   -4.78227  1.000 435.80698 ? 4  DC C "C4'" 1 
ATOM 572 O "O4'" . DC C 3 4  ? -6.58941  9.36056   -3.35566  1.000 435.49595 ? 4  DC C "O4'" 1 
ATOM 573 C "C3'" . DC C 3 4  ? -5.88309  8.56190   -5.48471  1.000 435.60159 ? 4  DC C "C3'" 1 
ATOM 574 O "O3'" . DC C 3 4  ? -4.63797  9.14353   -5.83419  1.000 439.80084 ? 4  DC C "O3'" 1 
ATOM 575 C "C2'" . DC C 3 4  ? -5.71416  7.49076   -4.41465  1.000 433.60449 ? 4  DC C "C2'" 1 
ATOM 576 C "C1'" . DC C 3 4  ? -5.61850  8.35500   -3.17387  1.000 435.52559 ? 4  DC C "C1'" 1 
ATOM 577 N N1    . DC C 3 4  ? -5.89621  7.63201   -1.89311  1.000 433.34900 ? 4  DC C N1    1 
ATOM 578 C C2    . DC C 3 4  ? -4.83980  7.35933   -1.01583  1.000 435.32569 ? 4  DC C C2    1 
ATOM 579 O O2    . DC C 3 4  ? -3.69767  7.71796   -1.32862  1.000 438.87854 ? 4  DC C O2    1 
ATOM 580 N N3    . DC C 3 4  ? -5.10032  6.71105   0.14827   1.000 433.50318 ? 4  DC C N3    1 
ATOM 581 C C4    . DC C 3 4  ? -6.35073  6.34425   0.43972   1.000 429.87108 ? 4  DC C C4    1 
ATOM 582 N N4    . DC C 3 4  ? -6.56447  5.70867   1.59696   1.000 429.24567 ? 4  DC C N4    1 
ATOM 583 C C5    . DC C 3 4  ? -7.44013  6.61526   -0.44243  1.000 427.89722 ? 4  DC C C5    1 
ATOM 584 C C6    . DC C 3 4  ? -7.17012  7.25656   -1.58477  1.000 429.72777 ? 4  DC C C6    1 
ATOM 585 P P     . DA C 3 5  ? -4.02708  8.92704   -7.30339  1.000 474.59084 ? 5  DA C P     1 
ATOM 586 O OP1   . DA C 3 5  ? -3.61024  10.24850  -7.82394  1.000 478.67155 ? 5  DA C OP1   1 
ATOM 587 O OP2   . DA C 3 5  ? -4.99350  8.10500   -8.06471  1.000 470.73985 ? 5  DA C OP2   1 
ATOM 588 O "O5'" . DA C 3 5  ? -2.72930  8.03128   -7.04542  1.000 475.82966 ? 5  DA C "O5'" 1 
ATOM 589 C "C5'" . DA C 3 5  ? -2.87507  6.70253   -6.56944  1.000 472.64295 ? 5  DA C "C5'" 1 
ATOM 590 C "C4'" . DA C 3 5  ? -1.89860  6.41929   -5.44523  1.000 474.45358 ? 5  DA C "C4'" 1 
ATOM 591 O "O4'" . DA C 3 5  ? -2.62714  6.30576   -4.19100  1.000 472.24466 ? 5  DA C "O4'" 1 
ATOM 592 C "C3'" . DA C 3 5  ? -1.11796  5.11635   -5.60110  1.000 474.02968 ? 5  DA C "C3'" 1 
ATOM 593 O "O3'" . DA C 3 5  ? 0.22647   5.28912   -5.17161  1.000 478.07156 ? 5  DA C "O3'" 1 
ATOM 594 C "C2'" . DA C 3 5  ? -1.87666  4.15331   -4.69758  1.000 470.17203 ? 5  DA C "C2'" 1 
ATOM 595 C "C1'" . DA C 3 5  ? -2.31651  5.07639   -3.57409  1.000 470.68159 ? 5  DA C "C1'" 1 
ATOM 596 N N9    . DA C 3 5  ? -3.49443  4.59519   -2.85074  1.000 466.77067 ? 5  DA C N9    1 
ATOM 597 C C8    . DA C 3 5  ? -4.78794  4.58527   -3.29055  1.000 463.59695 ? 5  DA C C8    1 
ATOM 598 N N7    . DA C 3 5  ? -5.64070  4.08925   -2.42452  1.000 460.70011 ? 5  DA C N7    1 
ATOM 599 C C5    . DA C 3 5  ? -4.85048  3.74006   -1.34354  1.000 462.61047 ? 5  DA C C5    1 
ATOM 600 C C6    . DA C 3 5  ? -5.14987  3.15679   -0.09462  1.000 463.90614 ? 5  DA C C6    1 
ATOM 601 N N6    . DA C 3 5  ? -6.38643  2.81026   0.28434   1.000 460.74516 ? 5  DA C N6    1 
ATOM 602 N N1    . DA C 3 5  ? -4.12467  2.94280   0.75326   1.000 468.80155 ? 5  DA C N1    1 
ATOM 603 C C2    . DA C 3 5  ? -2.88977  3.28976   0.37434   1.000 472.24002 ? 5  DA C C2    1 
ATOM 604 N N3    . DA C 3 5  ? -2.48589  3.84149   -0.76712  1.000 471.55236 ? 5  DA C N3    1 
ATOM 605 C C4    . DA C 3 5  ? -3.52414  4.04475   -1.58999  1.000 466.54562 ? 5  DA C C4    1 
ATOM 606 P P     . DG C 3 6  ? 1.40976   4.48027   -5.89843  1.000 497.98724 ? 6  DG C P     1 
ATOM 607 O OP1   . DG C 3 6  ? 2.61415   4.56417   -5.04242  1.000 499.04994 ? 6  DG C OP1   1 
ATOM 608 O OP2   . DG C 3 6  ? 1.47357   4.95697   -7.29822  1.000 497.63106 ? 6  DG C OP2   1 
ATOM 609 O "O5'" . DG C 3 6  ? 0.87602   2.97053   -5.92786  1.000 494.55195 ? 6  DG C "O5'" 1 
ATOM 610 C "C5'" . DG C 3 6  ? 1.66391   1.91660   -5.38452  1.000 495.51233 ? 6  DG C "C5'" 1 
ATOM 611 C "C4'" . DG C 3 6  ? 1.49712   1.83645   -3.87729  1.000 499.55646 ? 6  DG C "C4'" 1 
ATOM 612 O "O4'" . DG C 3 6  ? 0.10586   2.00020   -3.53325  1.000 497.68718 ? 6  DG C "O4'" 1 
ATOM 613 C "C3'" . DG C 3 6  ? 1.92332   0.50557   -3.25471  1.000 501.08779 ? 6  DG C "C3'" 1 
ATOM 614 O "O3'" . DG C 3 6  ? 3.13636   0.66314   -2.51803  1.000 504.49133 ? 6  DG C "O3'" 1 
ATOM 615 C "C2'" . DG C 3 6  ? 0.75275   0.11216   -2.33923  1.000 502.43202 ? 6  DG C "C2'" 1 
ATOM 616 C "C1'" . DG C 3 6  ? -0.11791  1.35723   -2.30987  1.000 499.03002 ? 6  DG C "C1'" 1 
ATOM 617 N N9    . DG C 3 6  ? -1.54949  1.07620   -2.17377  1.000 494.09995 ? 6  DG C N9    1 
ATOM 618 C C8    . DG C 3 6  ? -2.54059  1.38545   -3.07214  1.000 489.01793 ? 6  DG C C8    1 
ATOM 619 N N7    . DG C 3 6  ? -3.72993  1.02111   -2.68359  1.000 485.69311 ? 6  DG C N7    1 
ATOM 620 C C5    . DG C 3 6  ? -3.51755  0.42555   -1.44749  1.000 488.67623 ? 6  DG C C5    1 
ATOM 621 C C6    . DG C 3 6  ? -4.44118  -0.16192  -0.55060  1.000 487.34827 ? 6  DG C C6    1 
ATOM 622 O O6    . DG C 3 6  ? -5.66739  -0.27294  -0.68048  1.000 483.21021 ? 6  DG C O6    1 
ATOM 623 N N1    . DG C 3 6  ? -3.81170  -0.65110  0.59287   1.000 491.64079 ? 6  DG C N1    1 
ATOM 624 C C2    . DG C 3 6  ? -2.45978  -0.57869  0.83389   1.000 496.66649 ? 6  DG C C2    1 
ATOM 625 N N2    . DG C 3 6  ? -2.03082  -1.10349  1.99011   1.000 500.48592 ? 6  DG C N2    1 
ATOM 626 N N3    . DG C 3 6  ? -1.58404  -0.02993  -0.00012  1.000 498.07293 ? 6  DG C N3    1 
ATOM 627 C C4    . DG C 3 6  ? -2.18189  0.45186   -1.11629  1.000 493.84368 ? 6  DG C C4    1 
ATOM 628 P P     . DT C 3 7  ? 4.12918   -0.58796  -2.32687  1.000 500.97193 ? 7  DT C P     1 
ATOM 629 O OP1   . DT C 3 7  ? 5.46517   -0.17093  -2.80503  1.000 501.19046 ? 7  DT C OP1   1 
ATOM 630 O OP2   . DT C 3 7  ? 3.47480   -1.77413  -2.92215  1.000 497.93788 ? 7  DT C OP2   1 
ATOM 631 O "O5'" . DT C 3 7  ? 4.19475   -0.80433  -0.73980  1.000 505.66146 ? 7  DT C "O5'" 1 
ATOM 632 C "C5'" . DT C 3 7  ? 2.99532   -0.81685  0.03140   1.000 506.71762 ? 7  DT C "C5'" 1 
ATOM 633 C "C4'" . DT C 3 7  ? 2.82436   -2.13616  0.76101   1.000 508.20464 ? 7  DT C "C4'" 1 
ATOM 634 O "O4'" . DT C 3 7  ? 1.40699   -2.41563  0.94437   1.000 507.11763 ? 7  DT C "O4'" 1 
ATOM 635 C "C3'" . DT C 3 7  ? 3.38174   -3.35281  0.03754   1.000 506.01119 ? 7  DT C "C3'" 1 
ATOM 636 O "O3'" . DT C 3 7  ? 3.77809   -4.30743  0.99433   1.000 508.98716 ? 7  DT C "O3'" 1 
ATOM 637 C "C2'" . DT C 3 7  ? 2.16908   -3.83554  -0.74752  1.000 501.98894 ? 7  DT C "C2'" 1 
ATOM 638 C "C1'" . DT C 3 7  ? 1.07406   -3.62318  0.28417   1.000 504.13318 ? 7  DT C "C1'" 1 
ATOM 639 N N1    . DT C 3 7  ? -0.29479  -3.48330  -0.29783  1.000 498.85759 ? 7  DT C N1    1 
ATOM 640 C C2    . DT C 3 7  ? -1.37107  -3.99912  0.38472   1.000 496.42619 ? 7  DT C C2    1 
ATOM 641 O O2    . DT C 3 7  ? -1.26978  -4.58814  1.44549   1.000 499.05756 ? 7  DT C O2    1 
ATOM 642 N N3    . DT C 3 7  ? -2.58015  -3.81243  -0.23129  1.000 490.95085 ? 7  DT C N3    1 
ATOM 643 C C4    . DT C 3 7  ? -2.81704  -3.16788  -1.43125  1.000 487.69024 ? 7  DT C C4    1 
ATOM 644 O O4    . DT C 3 7  ? -3.94130  -3.04907  -1.90464  1.000 483.00441 ? 7  DT C O4    1 
ATOM 645 C C5    . DT C 3 7  ? -1.65047  -2.64878  -2.09237  1.000 490.39358 ? 7  DT C C5    1 
ATOM 646 C C7    . DT C 3 7  ? -1.79110  -1.93820  -3.40653  1.000 487.36615 ? 7  DT C C7    1 
ATOM 647 C C6    . DT C 3 7  ? -0.45774  -2.83079  -1.50198  1.000 495.82071 ? 7  DT C C6    1 
ATOM 648 P P     . DA C 3 8  ? 4.92122   -5.38071  0.65794   1.000 514.84133 ? 8  DA C P     1 
ATOM 649 O OP1   . DA C 3 8  ? 6.22926   -4.70691  0.81694   1.000 517.25042 ? 8  DA C OP1   1 
ATOM 650 O OP2   . DA C 3 8  ? 4.58026   -6.02325  -0.63134  1.000 510.03120 ? 8  DA C OP2   1 
ATOM 651 O "O5'" . DA C 3 8  ? 4.74516   -6.46485  1.81967   1.000 517.80704 ? 8  DA C "O5'" 1 
ATOM 652 C "C5'" . DA C 3 8  ? 3.52797   -6.50314  2.57140   1.000 518.74335 ? 8  DA C "C5'" 1 
ATOM 653 C "C4'" . DA C 3 8  ? 2.64744   -7.65272  2.11579   1.000 515.57894 ? 8  DA C "C4'" 1 
ATOM 654 O "O4'" . DA C 3 8  ? 1.37852   -7.14726  1.64824   1.000 512.85376 ? 8  DA C "O4'" 1 
ATOM 655 C "C3'" . DA C 3 8  ? 3.21505   -8.46637  0.95569   1.000 512.01897 ? 8  DA C "C3'" 1 
ATOM 656 O "O3'" . DA C 3 8  ? 3.74487   -9.69835  1.43420   1.000 513.52211 ? 8  DA C "O3'" 1 
ATOM 657 C "C2'" . DA C 3 8  ? 2.02064   -8.68164  0.00956   1.000 507.35016 ? 8  DA C "C2'" 1 
ATOM 658 C "C1'" . DA C 3 8  ? 0.83074   -8.09412  0.76886   1.000 508.76864 ? 8  DA C "C1'" 1 
ATOM 659 N N9    . DA C 3 8  ? -0.13769  -7.42457  -0.10606  1.000 505.28876 ? 8  DA C N9    1 
ATOM 660 C C8    . DA C 3 8  ? 0.14930   -6.54769  -1.11260  1.000 503.00995 ? 8  DA C C8    1 
ATOM 661 N N7    . DA C 3 8  ? -0.90607  -6.09384  -1.74215  1.000 500.20032 ? 8  DA C N7    1 
ATOM 662 C C5    . DA C 3 8  ? -1.96826  -6.71952  -1.11269  1.000 499.24929 ? 8  DA C C5    1 
ATOM 663 C C6    . DA C 3 8  ? -3.36043  -6.64946  -1.31968  1.000 494.02273 ? 8  DA C C6    1 
ATOM 664 N N6    . DA C 3 8  ? -3.91721  -5.89028  -2.26489  1.000 490.01465 ? 8  DA C N6    1 
ATOM 665 N N1    . DA C 3 8  ? -4.15567  -7.39755  -0.52644  1.000 493.28975 ? 8  DA C N1    1 
ATOM 666 C C2    . DA C 3 8  ? -3.58487  -8.16060  0.41994   1.000 497.47053 ? 8  DA C C2    1 
ATOM 667 N N3    . DA C 3 8  ? -2.28306  -8.30601  0.71187   1.000 502.58218 ? 8  DA C N3    1 
ATOM 668 C C4    . DA C 3 8  ? -1.52056  -7.54778  -0.09985  1.000 503.23021 ? 8  DA C C4    1 
ATOM 669 P P     . DG C 3 9  ? 4.43025   -10.74105 0.42015   1.000 541.07443 ? 9  DG C P     1 
ATOM 670 O OP1   . DG C 3 9  ? 5.54070   -11.39574 1.14642   1.000 544.58616 ? 9  DG C OP1   1 
ATOM 671 O OP2   . DG C 3 9  ? 4.70515   -10.04894 -0.85905  1.000 537.72377 ? 9  DG C OP2   1 
ATOM 672 O "O5'" . DG C 3 9  ? 3.28007   -11.82041 0.16637   1.000 538.02461 ? 9  DG C "O5'" 1 
ATOM 673 C "C5'" . DG C 3 9  ? 2.64828   -12.43929 1.27672   1.000 540.44649 ? 9  DG C "C5'" 1 
ATOM 674 C "C4'" . DG C 3 9  ? 1.14851   -12.54421 1.06634   1.000 537.72224 ? 9  DG C "C4'" 1 
ATOM 675 O "O4'" . DG C 3 9  ? 0.66854   -11.39540 0.32650   1.000 535.47560 ? 9  DG C "O4'" 1 
ATOM 676 C "C3'" . DG C 3 9  ? 0.68772   -13.77280 0.27067   1.000 533.62159 ? 9  DG C "C3'" 1 
ATOM 677 O "O3'" . DG C 3 9  ? -0.11126  -14.67155 1.10775   1.000 534.73157 ? 9  DG C "O3'" 1 
ATOM 678 C "C2'" . DG C 3 9  ? -0.08821  -13.18930 -0.92541  1.000 529.12459 ? 9  DG C "C2'" 1 
ATOM 679 C "C1'" . DG C 3 9  ? -0.44558  -11.80305 -0.41778  1.000 531.37288 ? 9  DG C "C1'" 1 
ATOM 680 N N9    . DG C 3 9  ? -0.74313  -10.81524 -1.45882  1.000 528.38141 ? 9  DG C N9    1 
ATOM 681 C C8    . DG C 3 9  ? 0.14960   -10.07038 -2.19215  1.000 527.66198 ? 9  DG C C8    1 
ATOM 682 N N7    . DG C 3 9  ? -0.42274  -9.25525  -3.03754  1.000 524.92816 ? 9  DG C N7    1 
ATOM 683 C C5    . DG C 3 9  ? -1.78334  -9.47690  -2.85357  1.000 523.77352 ? 9  DG C C5    1 
ATOM 684 C C6    . DG C 3 9  ? -2.90181  -8.88669  -3.49380  1.000 521.00818 ? 9  DG C C6    1 
ATOM 685 O O6    . DG C 3 9  ? -2.91374  -8.02039  -4.37788  1.000 518.97208 ? 9  DG C O6    1 
ATOM 686 N N1    . DG C 3 9  ? -4.10501  -9.39942  -3.00418  1.000 520.83401 ? 9  DG C N1    1 
ATOM 687 C C2    . DG C 3 9  ? -4.20416  -10.35827 -2.02667  1.000 523.02346 ? 9  DG C C2    1 
ATOM 688 N N2    . DG C 3 9  ? -5.44268  -10.73535 -1.67901  1.000 520.37736 ? 9  DG C N2    1 
ATOM 689 N N3    . DG C 3 9  ? -3.16471  -10.91272 -1.42269  1.000 525.63728 ? 9  DG C N3    1 
ATOM 690 C C4    . DG C 3 9  ? -1.99129  -10.42890 -1.88621  1.000 525.85635 ? 9  DG C C4    1 
ATOM 691 P P     . DA C 3 10 ? -1.60167  -14.30885 1.61684   1.000 591.86202 ? 10 DA C P     1 
ATOM 692 O OP1   . DA C 3 10 ? -1.64998  -12.95225 2.20439   1.000 594.79748 ? 10 DA C OP1   1 
ATOM 693 O OP2   . DA C 3 10 ? -2.03337  -15.44681 2.45500   1.000 593.31701 ? 10 DA C OP2   1 
ATOM 694 O "O5'" . DA C 3 10 ? -2.49135  -14.36038 0.29090   1.000 586.30421 ? 10 DA C "O5'" 1 
ATOM 695 C "C5'" . DA C 3 10 ? -3.77860  -13.76175 0.25886   1.000 585.16281 ? 10 DA C "C5'" 1 
ATOM 696 C "C4'" . DA C 3 10 ? -4.54224  -14.22011 -0.97090  1.000 579.85856 ? 10 DA C "C4'" 1 
ATOM 697 O "O4'" . DA C 3 10 ? -4.26988  -13.32875 -2.08640  1.000 577.27815 ? 10 DA C "O4'" 1 
ATOM 698 C "C3'" . DA C 3 10 ? -4.17985  -15.61948 -1.45936  1.000 577.51428 ? 10 DA C "C3'" 1 
ATOM 699 O "O3'" . DA C 3 10 ? -5.33261  -16.25681 -1.96843  1.000 573.98854 ? 10 DA C "O3'" 1 
ATOM 700 C "C2'" . DA C 3 10 ? -3.17573  -15.33082 -2.57152  1.000 575.32050 ? 10 DA C "C2'" 1 
ATOM 701 C "C1'" . DA C 3 10 ? -3.77718  -14.07439 -3.17817  1.000 573.69974 ? 10 DA C "C1'" 1 
ATOM 702 N N9    . DA C 3 10 ? -2.81493  -13.25464 -3.91197  1.000 573.17124 ? 10 DA C N9    1 
ATOM 703 C C8    . DA C 3 10 ? -1.45427  -13.37185 -3.89828  1.000 574.75169 ? 10 DA C C8    1 
ATOM 704 N N7    . DA C 3 10 ? -0.83769  -12.49632 -4.65588  1.000 573.82812 ? 10 DA C N7    1 
ATOM 705 C C5    . DA C 3 10 ? -1.86648  -11.75618 -5.21208  1.000 571.46067 ? 10 DA C C5    1 
ATOM 706 C C6    . DA C 3 10 ? -1.87711  -10.67078 -6.11070  1.000 569.58965 ? 10 DA C C6    1 
ATOM 707 N N6    . DA C 3 10 ? -0.76778  -10.12888 -6.62422  1.000 569.78011 ? 10 DA C N6    1 
ATOM 708 N N1    . DA C 3 10 ? -3.07648  -10.16388 -6.46362  1.000 567.58808 ? 10 DA C N1    1 
ATOM 709 C C2    . DA C 3 10 ? -4.18462  -10.71029 -5.94879  1.000 567.46464 ? 10 DA C C2    1 
ATOM 710 N N3    . DA C 3 10 ? -4.30000  -11.72739 -5.09623  1.000 569.07333 ? 10 DA C N3    1 
ATOM 711 C C4    . DA C 3 10 ? -3.09294  -12.21019 -4.76455  1.000 571.04472 ? 10 DA C C4    1 
ATOM 712 P P     . DG C 3 11 ? -6.31052  -17.08135 -0.99768  1.000 667.01420 ? 11 DG C P     1 
ATOM 713 O OP1   . DG C 3 11 ? -5.95331  -16.75259 0.40016   1.000 669.60898 ? 11 DG C OP1   1 
ATOM 714 O OP2   . DG C 3 11 ? -6.29231  -18.49270 -1.44188  1.000 668.23168 ? 11 DG C OP2   1 
ATOM 715 O "O5'" . DG C 3 11 ? -7.75477  -16.47166 -1.32005  1.000 660.35473 ? 11 DG C "O5'" 1 
ATOM 716 C "C5'" . DG C 3 11 ? -8.88915  -17.32277 -1.39351  1.000 657.57656 ? 11 DG C "C5'" 1 
ATOM 717 C "C4'" . DG C 3 11 ? -9.35820  -17.47944 -2.83049  1.000 653.01077 ? 11 DG C "C4'" 1 
ATOM 718 O "O4'" . DG C 3 11 ? -8.50785  -16.69556 -3.71477  1.000 651.75473 ? 11 DG C "O4'" 1 
ATOM 719 C "C3'" . DG C 3 11 ? -9.31734  -18.90835 -3.36599  1.000 654.29551 ? 11 DG C "C3'" 1 
ATOM 720 O "O3'" . DG C 3 11 ? -10.43389 -19.14112 -4.22031  1.000 649.09326 ? 11 DG C "O3'" 1 
ATOM 721 C "C2'" . DG C 3 11 ? -8.00194  -18.93655 -4.13806  1.000 656.33695 ? 11 DG C "C2'" 1 
ATOM 722 C "C1'" . DG C 3 11 ? -7.97104  -17.53085 -4.71985  1.000 652.03477 ? 11 DG C "C1'" 1 
ATOM 723 N N9    . DG C 3 11 ? -6.62468  -17.05949 -5.04854  1.000 654.61179 ? 11 DG C N9    1 
ATOM 724 C C8    . DG C 3 11 ? -5.43927  -17.53699 -4.54661  1.000 661.35847 ? 11 DG C C8    1 
ATOM 725 N N7    . DG C 3 11 ? -4.38939  -16.92363 -5.01653  1.000 662.53177 ? 11 DG C N7    1 
ATOM 726 C C5    . DG C 3 11 ? -4.90758  -15.97663 -5.88914  1.000 655.76793 ? 11 DG C C5    1 
ATOM 727 C C6    . DG C 3 11 ? -4.24202  -15.01737 -6.69188  1.000 653.39228 ? 11 DG C C6    1 
ATOM 728 O O6    . DG C 3 11 ? -3.02301  -14.81255 -6.78845  1.000 657.09912 ? 11 DG C O6    1 
ATOM 729 N N1    . DG C 3 11 ? -5.14006  -14.25281 -7.43373  1.000 645.97435 ? 11 DG C N1    1 
ATOM 730 C C2    . DG C 3 11 ? -6.50777  -14.39856 -7.40072  1.000 641.85153 ? 11 DG C C2    1 
ATOM 731 N N2    . DG C 3 11 ? -7.21392  -13.57131 -8.18394  1.000 635.22006 ? 11 DG C N2    1 
ATOM 732 N N3    . DG C 3 11 ? -7.14372  -15.29395 -6.65121  1.000 644.15371 ? 11 DG C N3    1 
ATOM 733 C C4    . DG C 3 11 ? -6.28297  -16.04613 -5.92335  1.000 650.94464 ? 11 DG C C4    1 
ATOM 734 P P     . DA C 3 12 ? -11.49253 -20.29953 -3.87093  1.000 734.34069 ? 12 DA C P     1 
ATOM 735 O OP1   . DA C 3 12 ? -12.20282 -19.90866 -2.63294  1.000 734.14786 ? 12 DA C OP1   1 
ATOM 736 O OP2   . DA C 3 12 ? -10.77150 -21.59022 -3.92505  1.000 738.72052 ? 12 DA C OP2   1 
ATOM 737 O "O5'" . DA C 3 12 ? -12.52165 -20.26616 -5.09664  1.000 728.87714 ? 12 DA C "O5'" 1 
ATOM 738 C "C5'" . DA C 3 12 ? -13.26575 -19.08380 -5.37506  1.000 723.72976 ? 12 DA C "C5'" 1 
ATOM 739 C "C4'" . DA C 3 12 ? -13.30500 -18.80197 -6.86923  1.000 719.33655 ? 12 DA C "C4'" 1 
ATOM 740 O "O4'" . DA C 3 12 ? -12.03798 -18.23074 -7.28940  1.000 720.11000 ? 12 DA C "O4'" 1 
ATOM 741 C "C3'" . DA C 3 12 ? -13.54282 -20.02114 -7.75811  1.000 719.59172 ? 12 DA C "C3'" 1 
ATOM 742 O "O3'" . DA C 3 12 ? -14.40981 -19.67447 -8.84186  1.000 714.23438 ? 12 DA C "O3'" 1 
ATOM 743 C "C2'" . DA C 3 12 ? -12.13890 -20.38191 -8.23936  1.000 722.60008 ? 12 DA C "C2'" 1 
ATOM 744 C "C1'" . DA C 3 12 ? -11.45435 -19.02244 -8.30343  1.000 720.65477 ? 12 DA C "C1'" 1 
ATOM 745 N N9    . DA C 3 12 ? -10.01968 -19.10017 -8.04953  1.000 725.16604 ? 12 DA C N9    1 
ATOM 746 C C8    . DA C 3 12 ? -9.39423  -19.94272 -7.17651  1.000 731.36234 ? 12 DA C C8    1 
ATOM 747 N N7    . DA C 3 12 ? -8.09290  -19.80622 -7.14873  1.000 734.85372 ? 12 DA C N7    1 
ATOM 748 C C5    . DA C 3 12 ? -7.84247  -18.79811 -8.06083  1.000 730.43384 ? 12 DA C C5    1 
ATOM 749 C C6    . DA C 3 12 ? -6.64970  -18.18793 -8.48601  1.000 731.22046 ? 12 DA C C6    1 
ATOM 750 N N6    . DA C 3 12 ? -5.44848  -18.52947 -8.01459  1.000 737.34567 ? 12 DA C N6    1 
ATOM 751 N N1    . DA C 3 12 ? -6.73853  -17.21461 -9.41603  1.000 725.62913 ? 12 DA C N1    1 
ATOM 752 C C2    . DA C 3 12 ? -7.94864  -16.87661 -9.88293  1.000 719.88319 ? 12 DA C C2    1 
ATOM 753 N N3    . DA C 3 12 ? -9.14340  -17.38280 -9.55918  1.000 718.89265 ? 12 DA C N3    1 
ATOM 754 C C4    . DA C 3 12 ? -9.01748  -18.34869 -8.63145  1.000 724.33181 ? 12 DA C C4    1 
ATOM 755 P P     . DA C 3 13 ? -14.54804 -20.62881 -10.13030 1.000 734.80447 ? 13 DA C P     1 
ATOM 756 O OP1   . DA C 3 13 ? -15.80388 -20.25651 -10.81754 1.000 729.99406 ? 13 DA C OP1   1 
ATOM 757 O OP2   . DA C 3 13 ? -14.34075 -22.03221 -9.70715  1.000 739.06074 ? 13 DA C OP2   1 
ATOM 758 O "O5'" . DA C 3 13 ? -13.31690 -20.19386 -11.05338 1.000 734.17494 ? 13 DA C "O5'" 1 
ATOM 759 C "C5'" . DA C 3 13 ? -13.38276 -20.34485 -12.46156 1.000 729.28285 ? 13 DA C "C5'" 1 
ATOM 760 C "C4'" . DA C 3 13 ? -12.51891 -19.29748 -13.14092 1.000 727.11450 ? 13 DA C "C4'" 1 
ATOM 761 O "O4'" . DA C 3 13 ? -11.60280 -18.73821 -12.16996 1.000 729.80383 ? 13 DA C "O4'" 1 
ATOM 762 C "C3'" . DA C 3 13 ? -11.66733 -19.81730 -14.29133 1.000 725.41713 ? 13 DA C "C3'" 1 
ATOM 763 O "O3'" . DA C 3 13 ? -12.33443 -19.57072 -15.53062 1.000 724.86613 ? 13 DA C "O3'" 1 
ATOM 764 C "C2'" . DA C 3 13 ? -10.37494 -19.00738 -14.18551 1.000 727.13152 ? 13 DA C "C2'" 1 
ATOM 765 C "C1'" . DA C 3 13 ? -10.29978 -18.64205 -12.70702 1.000 730.98649 ? 13 DA C "C1'" 1 
ATOM 766 N N9    . DA C 3 13 ? -9.40444  -19.48361 -11.90848 1.000 735.69693 ? 13 DA C N9    1 
ATOM 767 C C8    . DA C 3 13 ? -9.76947  -20.45589 -11.01952 1.000 738.98822 ? 13 DA C C8    1 
ATOM 768 N N7    . DA C 3 13 ? -8.75602  -21.03767 -10.42253 1.000 743.12500 ? 13 DA C N7    1 
ATOM 769 C C5    . DA C 3 13 ? -7.64594  -20.39951 -10.95022 1.000 742.43160 ? 13 DA C C5    1 
ATOM 770 C C6    . DA C 3 13 ? -6.26213  -20.55926 -10.72446 1.000 746.10955 ? 13 DA C C6    1 
ATOM 771 N N6    . DA C 3 13 ? -5.75441  -21.45300 -9.86876  1.000 749.92828 ? 13 DA C N6    1 
ATOM 772 N N1    . DA C 3 13 ? -5.41873  -19.76203 -11.41305 1.000 745.37691 ? 13 DA C N1    1 
ATOM 773 C C2    . DA C 3 13 ? -5.93170  -18.86729 -12.26913 1.000 741.07899 ? 13 DA C C2    1 
ATOM 774 N N3    . DA C 3 13 ? -7.21163  -18.62571 -12.56505 1.000 737.38695 ? 13 DA C N3    1 
ATOM 775 C C4    . DA C 3 13 ? -8.02530  -19.43511 -11.86607 1.000 738.37253 ? 13 DA C C4    1 
ATOM 776 P P     . DT C 3 14 ? -11.67761 -20.04723 -16.91881 1.000 767.22051 ? 14 DT C P     1 
ATOM 777 O OP1   . DT C 3 14 ? -12.72990 -19.99316 -17.95802 1.000 766.77359 ? 14 DT C OP1   1 
ATOM 778 O OP2   . DT C 3 14 ? -10.96327 -21.31650 -16.66102 1.000 765.43111 ? 14 DT C OP2   1 
ATOM 779 O "O5'" . DT C 3 14 ? -10.60468 -18.90697 -17.25342 1.000 767.08068 ? 14 DT C "O5'" 1 
ATOM 780 C "C5'" . DT C 3 14 ? -9.62754  -19.12333 -18.26452 1.000 765.25559 ? 14 DT C "C5'" 1 
ATOM 781 C "C4'" . DT C 3 14 ? -8.40872  -18.24613 -18.03644 1.000 766.09505 ? 14 DT C "C4'" 1 
ATOM 782 O "O4'" . DT C 3 14 ? -7.89999  -18.46515 -16.69444 1.000 767.52384 ? 14 DT C "O4'" 1 
ATOM 783 C "C3'" . DT C 3 14 ? -7.23592  -18.52536 -18.96679 1.000 763.65281 ? 14 DT C "C3'" 1 
ATOM 784 O "O3'" . DT C 3 14 ? -6.47963  -17.33718 -19.16793 1.000 764.66905 ? 14 DT C "O3'" 1 
ATOM 785 C "C2'" . DT C 3 14 ? -6.44365  -19.56717 -18.18632 1.000 762.95812 ? 14 DT C "C2'" 1 
ATOM 786 C "C1'" . DT C 3 14 ? -6.62327  -19.07499 -16.75490 1.000 768.29290 ? 14 DT C "C1'" 1 
ATOM 787 N N1    . DT C 3 14 ? -6.57177  -20.16458 -15.73598 1.000 771.40654 ? 14 DT C N1    1 
ATOM 788 C C2    . DT C 3 14 ? -5.35735  -20.54569 -15.21784 1.000 774.74038 ? 14 DT C C2    1 
ATOM 789 O O2    . DT C 3 14 ? -4.30024  -20.03953 -15.54987 1.000 775.35737 ? 14 DT C O2    1 
ATOM 790 N N3    . DT C 3 14 ? -5.42370  -21.55017 -14.28854 1.000 777.39896 ? 14 DT C N3    1 
ATOM 791 C C4    . DT C 3 14 ? -6.55475  -22.19820 -13.83428 1.000 776.98573 ? 14 DT C C4    1 
ATOM 792 O O4    . DT C 3 14 ? -6.50809  -23.09188 -12.99411 1.000 779.45401 ? 14 DT C O4    1 
ATOM 793 C C5    . DT C 3 14 ? -7.79481  -21.75092 -14.41632 1.000 773.50253 ? 14 DT C C5    1 
ATOM 794 C C7    . DT C 3 14 ? -9.08999  -22.38203 -14.00062 1.000 772.88628 ? 14 DT C C7    1 
ATOM 795 C C6    . DT C 3 14 ? -7.74410  -20.76834 -15.33021 1.000 770.96683 ? 14 DT C C6    1 
ATOM 796 O "O5'" . DA D 4 1  ? 2.22335   14.12315  -1.55347  1.000 492.19450 ? 1  DA D "O5'" 1 
ATOM 797 C "C5'" . DA D 4 1  ? 3.44209   14.85905  -1.48047  1.000 484.21941 ? 1  DA D "C5'" 1 
ATOM 798 C "C4'" . DA D 4 1  ? 3.99320   14.87028  -0.06900  1.000 479.49072 ? 1  DA D "C4'" 1 
ATOM 799 O "O4'" . DA D 4 1  ? 5.33014   15.39445  -0.08362  1.000 470.85593 ? 1  DA D "O4'" 1 
ATOM 800 C "C3'" . DA D 4 1  ? 3.26807   15.78446  0.90041   1.000 483.45239 ? 1  DA D "C3'" 1 
ATOM 801 O "O3'" . DA D 4 1  ? 2.14611   15.12011  1.46405   1.000 490.47866 ? 1  DA D "O3'" 1 
ATOM 802 C "C2'" . DA D 4 1  ? 4.33781   16.06317  1.96309   1.000 476.02096 ? 1  DA D "C2'" 1 
ATOM 803 C "C1'" . DA D 4 1  ? 5.65721   15.77609  1.23296   1.000 467.83019 ? 1  DA D "C1'" 1 
ATOM 804 N N9    . DA D 4 1  ? 6.55712   16.92496  1.20273   1.000 462.03724 ? 1  DA D N9    1 
ATOM 805 C C8    . DA D 4 1  ? 6.24853   18.21669  1.52903   1.000 464.14250 ? 1  DA D C8    1 
ATOM 806 N N7    . DA D 4 1  ? 7.25966   19.04416  1.42716   1.000 457.91489 ? 1  DA D N7    1 
ATOM 807 C C5    . DA D 4 1  ? 8.30687   18.23850  1.01402   1.000 451.05277 ? 1  DA D C5    1 
ATOM 808 C C6    . DA D 4 1  ? 9.65585   18.51532  0.72495   1.000 442.58982 ? 1  DA D C6    1 
ATOM 809 N N6    . DA D 4 1  ? 10.18583  19.73783  0.81685   1.000 439.54843 ? 1  DA D N6    1 
ATOM 810 N N1    . DA D 4 1  ? 10.43971  17.48687  0.33683   1.000 437.66188 ? 1  DA D N1    1 
ATOM 811 C C2    . DA D 4 1  ? 9.90051   16.26384  0.24434   1.000 441.22607 ? 1  DA D C2    1 
ATOM 812 N N3    . DA D 4 1  ? 8.64549   15.88125  0.49190   1.000 449.10448 ? 1  DA D N3    1 
ATOM 813 C C4    . DA D 4 1  ? 7.89447   16.92739  0.87480   1.000 453.59945 ? 1  DA D C4    1 
ATOM 814 P P     . DC D 4 2  ? 0.89160   15.96839  2.00339   1.000 521.39781 ? 2  DC D P     1 
ATOM 815 O OP1   . DC D 4 2  ? 1.35927   17.33800  2.32875   1.000 518.54327 ? 2  DC D OP1   1 
ATOM 816 O OP2   . DC D 4 2  ? 0.19899   15.14873  3.02766   1.000 525.72549 ? 2  DC D OP2   1 
ATOM 817 O "O5'" . DC D 4 2  ? -0.06637  16.05481  0.73057   1.000 528.13539 ? 2  DC D "O5'" 1 
ATOM 818 C "C5'" . DC D 4 2  ? -0.57391  14.85984  0.14216   1.000 531.66424 ? 2  DC D "C5'" 1 
ATOM 819 C "C4'" . DC D 4 2  ? -1.93164  15.11087  -0.48178  1.000 540.81108 ? 2  DC D "C4'" 1 
ATOM 820 O "O4'" . DC D 4 2  ? -2.90462  14.21130  0.10904   1.000 546.78286 ? 2  DC D "O4'" 1 
ATOM 821 C "C3'" . DC D 4 2  ? -2.48690  16.50587  -0.24406  1.000 544.52927 ? 2  DC D "C3'" 1 
ATOM 822 O "O3'" . DC D 4 2  ? -3.39915  16.84360  -1.27667  1.000 551.28034 ? 2  DC D "O3'" 1 
ATOM 823 C "C2'" . DC D 4 2  ? -3.19997  16.33202  1.08837   1.000 548.54197 ? 2  DC D "C2'" 1 
ATOM 824 C "C1'" . DC D 4 2  ? -3.81260  14.94817  0.90901   1.000 552.34754 ? 2  DC D "C1'" 1 
ATOM 825 N N1    . DC D 4 2  ? -4.02245  14.21404  2.18941   1.000 553.45183 ? 2  DC D N1    1 
ATOM 826 C C2    . DC D 4 2  ? -5.19743  13.47707  2.37907   1.000 561.20239 ? 2  DC D C2    1 
ATOM 827 O O2    . DC D 4 2  ? -6.03960  13.44548  1.47277   1.000 566.77226 ? 2  DC D O2    1 
ATOM 828 N N3    . DC D 4 2  ? -5.37537  12.81397  3.54999   1.000 562.62776 ? 2  DC D N3    1 
ATOM 829 C C4    . DC D 4 2  ? -4.43917  12.87490  4.49953   1.000 556.73644 ? 2  DC D C4    1 
ATOM 830 N N4    . DC D 4 2  ? -4.65548  12.20737  5.63829   1.000 558.92511 ? 2  DC D N4    1 
ATOM 831 C C5    . DC D 4 2  ? -3.23785  13.62397  4.32458   1.000 548.59608 ? 2  DC D C5    1 
ATOM 832 C C6    . DC D 4 2  ? -3.07351  14.27224  3.16693   1.000 547.22358 ? 2  DC D C6    1 
ATOM 833 P P     . DC D 4 3  ? -3.20615  18.20099  -2.11159  1.000 602.12410 ? 3  DC D P     1 
ATOM 834 O OP1   . DC D 4 3  ? -2.89964  17.80567  -3.50385  1.000 601.32732 ? 3  DC D OP1   1 
ATOM 835 O OP2   . DC D 4 3  ? -2.26110  19.05842  -1.36093  1.000 595.91085 ? 3  DC D OP2   1 
ATOM 836 O "O5'" . DC D 4 3  ? -4.64573  18.89544  -2.04696  1.000 612.00793 ? 3  DC D "O5'" 1 
ATOM 837 C "C5'" . DC D 4 3  ? -5.28432  19.07056  -0.78528  1.000 615.44465 ? 3  DC D "C5'" 1 
ATOM 838 C "C4'" . DC D 4 3  ? -6.48107  18.14646  -0.64297  1.000 622.52811 ? 3  DC D "C4'" 1 
ATOM 839 O "O4'" . DC D 4 3  ? -6.24501  17.20015  0.43549   1.000 619.87235 ? 3  DC D "O4'" 1 
ATOM 840 C "C3'" . DC D 4 3  ? -7.79852  18.85869  -0.30331  1.000 630.90731 ? 3  DC D "C3'" 1 
ATOM 841 O "O3'" . DC D 4 3  ? -8.84011  18.41537  -1.16754  1.000 634.39606 ? 3  DC D "O3'" 1 
ATOM 842 C "C2'" . DC D 4 3  ? -8.06083  18.45171  1.14720   1.000 632.63144 ? 3  DC D "C2'" 1 
ATOM 843 C "C1'" . DC D 4 3  ? -7.42561  17.07573  1.18525   1.000 627.42226 ? 3  DC D "C1'" 1 
ATOM 844 N N1    . DC D 4 3  ? -7.08590  16.60162  2.55828   1.000 624.83983 ? 3  DC D N1    1 
ATOM 845 C C2    . DC D 4 3  ? -7.98558  15.77869  3.23814   1.000 630.59511 ? 3  DC D C2    1 
ATOM 846 O O2    . DC D 4 3  ? -9.04419  15.46446  2.68037   1.000 637.43382 ? 3  DC D O2    1 
ATOM 847 N N3    . DC D 4 3  ? -7.66850  15.35027  4.48572   1.000 628.75929 ? 3  DC D N3    1 
ATOM 848 C C4    . DC D 4 3  ? -6.51247  15.71574  5.04483   1.000 621.37993 ? 3  DC D C4    1 
ATOM 849 N N4    . DC D 4 3  ? -6.24173  15.27010  6.27661   1.000 620.21013 ? 3  DC D N4    1 
ATOM 850 C C5    . DC D 4 3  ? -5.58239  16.55498  4.36503   1.000 615.14701 ? 3  DC D C5    1 
ATOM 851 C C6    . DC D 4 3  ? -5.90768  16.97087  3.13623   1.000 617.21673 ? 3  DC D C6    1 
# 
loop_
_atom_site_anisotrop.id 
_atom_site_anisotrop.type_symbol 
_atom_site_anisotrop.pdbx_label_atom_id 
_atom_site_anisotrop.pdbx_label_alt_id 
_atom_site_anisotrop.pdbx_label_comp_id 
_atom_site_anisotrop.pdbx_label_asym_id 
_atom_site_anisotrop.pdbx_label_seq_id 
_atom_site_anisotrop.pdbx_PDB_ins_code 
_atom_site_anisotrop.U[1][1] 
_atom_site_anisotrop.U[2][2] 
_atom_site_anisotrop.U[3][3] 
_atom_site_anisotrop.U[1][2] 
_atom_site_anisotrop.U[1][3] 
_atom_site_anisotrop.U[2][3] 
_atom_site_anisotrop.pdbx_auth_seq_id 
_atom_site_anisotrop.pdbx_auth_comp_id 
_atom_site_anisotrop.pdbx_auth_asym_id 
_atom_site_anisotrop.pdbx_auth_atom_id 
1   O "O5'" . DA A 1  ? 13.13570 9.04315  4.09097  0.74601  -0.34616 -0.05706 -3 DA A "O5'" 
2   C "C5'" . DA A 1  ? 13.15252 9.04786  4.09368  0.74996  -0.32226 -0.07965 -3 DA A "C5'" 
3   C "C4'" . DA A 1  ? 13.11483 9.01906  4.08619  0.76102  -0.33366 -0.07319 -3 DA A "C4'" 
4   O "O4'" . DA A 1  ? 13.12602 8.97591  4.09267  0.77285  -0.36990 -0.05035 -3 DA A "O4'" 
5   C "C3'" . DA A 1  ? 13.13342 9.02078  4.08983  0.76560  -0.31319 -0.09377 -3 DA A "C3'" 
6   O "O3'" . DA A 1  ? 13.10116 9.05584  4.07972  0.75551  -0.28419 -0.11105 -3 DA A "O3'" 
7   C "C2'" . DA A 1  ? 13.11322 8.98042  4.08765  0.77979  -0.33847 -0.07657 -3 DA A "C2'" 
8   C "C1'" . DA A 1  ? 13.12007 8.95132  4.09249  0.78432  -0.37422 -0.05093 -3 DA A "C1'" 
9   N N9    . DA A 1  ? 13.17593 8.92233  4.10845  0.79328  -0.39374 -0.04489 -3 DA A N9    
10  C C8    . DA A 1  ? 13.22773 8.91950  4.12212  0.79161  -0.40678 -0.03799 -3 DA A C8    
11  N N7    . DA A 1  ? 13.27339 8.89162  4.13580  0.80107  -0.42545 -0.03138 -3 DA A N7    
12  C C5    . DA A 1  ? 13.24877 8.87467  4.13029  0.80923  -0.42389 -0.03516 -3 DA A C5    
13  C C6    . DA A 1  ? 13.27447 8.84435  4.13897  0.82032  -0.43913 -0.03096 -3 DA A C6    
14  N N6    . DA A 1  ? 13.39621 8.88676  4.21877  0.82537  -0.46081 -0.02165 -3 DA A N6    
15  N N1    . DA A 1  ? 13.23895 8.83759  4.13003  0.82561  -0.43218 -0.03479 -3 DA A N1    
16  C C2    . DA A 1  ? 13.18293 8.86018  4.11401  0.82049  -0.41186 -0.04143 -3 DA A C2    
17  N N3    . DA A 1  ? 13.15440 8.88874  4.10489  0.81013  -0.39722 -0.04579 -3 DA A N3    
18  C C4    . DA A 1  ? 13.18930 8.89409  4.11356  0.80474  -0.40411 -0.04288 -3 DA A C4    
19  P P     . DA A 2  ? 12.90416 8.85047  3.85845  0.75175  -0.25248 -0.14081 -2 DA A P     
20  O OP1   . DA A 2  ? 12.86779 8.89145  3.84782  0.73707  -0.22741 -0.15400 -2 DA A OP1   
21  O OP2   . DA A 2  ? 12.97108 8.85160  3.87496  0.75306  -0.24601 -0.15251 -2 DA A OP2   
22  O "O5'" . DA A 2  ? 12.89779 8.81967  3.85837  0.76520  -0.26392 -0.13558 -2 DA A "O5'" 
23  C "C5'" . DA A 2  ? 12.84036 8.81228  3.84475  0.76885  -0.27350 -0.11998 -2 DA A "C5'" 
24  C "C4'" . DA A 2  ? 12.84614 8.77980  3.84790  0.78308  -0.28794 -0.11178 -2 DA A "C4'" 
25  O "O4'" . DA A 2  ? 12.88168 8.74298  3.85875  0.79351  -0.31430 -0.09898 -2 DA A "O4'" 
26  C "C3'" . DA A 2  ? 12.87737 8.78987  3.85491  0.78245  -0.26816 -0.13340 -2 DA A "C3'" 
27  O "O3'" . DA A 2  ? 12.85213 8.77647  3.84952  0.79079  -0.27559 -0.12259 -2 DA A "O3'" 
28  C "C2'" . DA A 2  ? 12.94225 8.76838  3.87186  0.78915  -0.27588 -0.13978 -2 DA A "C2'" 
29  C "C1'" . DA A 2  ? 12.93287 8.73132  3.87166  0.79944  -0.31084 -0.11149 -2 DA A "C1'" 
30  N N9    . DA A 2  ? 12.98692 8.71583  3.88588  0.80259  -0.32423 -0.10913 -2 DA A N9    
31  C C8    . DA A 2  ? 13.00187 8.73020  3.88885  0.79534  -0.32303 -0.10856 -2 DA A C8    
32  N N7    . DA A 2  ? 13.06174 8.71850  3.90848  0.80059  -0.33796 -0.10321 -2 DA A N7    
33  C C5    . DA A 2  ? 13.11107 8.71728  3.94309  0.81195  -0.35049 -0.10091 -2 DA A C5    
34  C C6    . DA A 2  ? 13.27101 8.79236  4.06160  0.82158  -0.37064 -0.09405 -2 DA A C6    
35  N N6    . DA A 2  ? 13.41535 8.88605  4.16945  0.82164  -0.38171 -0.08703 -2 DA A N6    
36  N N1    . DA A 2  ? 13.28038 8.77067  4.06696  0.83079  -0.38005 -0.09268 -2 DA A N1    
37  C C2    . DA A 2  ? 13.13788 8.67959  3.95900  0.83053  -0.36906 -0.09713 -2 DA A C2    
38  N N3    . DA A 2  ? 13.04227 8.66425  3.90262  0.82238  -0.35006 -0.10255 -2 DA A N3    
39  C C4    . DA A 2  ? 13.03560 8.68593  3.89970  0.81319  -0.34189 -0.10465 -2 DA A C4    
40  P P     . DA A 3  ? 12.62946 8.56253  3.61791  0.78704  -0.25476 -0.14037 -1 DA A P     
41  O OP1   . DA A 3  ? 12.57418 8.58543  3.60346  0.78249  -0.24775 -0.13117 -1 DA A OP1   
42  O OP2   . DA A 3  ? 12.67586 8.58454  3.62861  0.77708  -0.23204 -0.16937 -1 DA A OP2   
43  O "O5'" . DA A 3  ? 12.65486 8.52557  3.62593  0.80202  -0.27384 -0.13063 -1 DA A "O5'" 
44  C "C5'" . DA A 3  ? 12.69484 8.49174  3.63738  0.81132  -0.29448 -0.12450 -1 DA A "C5'" 
45  C "C4'" . DA A 3  ? 12.75394 8.48211  3.65236  0.81532  -0.29058 -0.14069 -1 DA A "C4'" 
46  O "O4'" . DA A 3  ? 12.80398 8.46024  3.66580  0.82076  -0.30457 -0.14016 -1 DA A "O4'" 
47  C "C3'" . DA A 3  ? 12.77766 8.51732  3.65686  0.80370  -0.25842 -0.17181 -1 DA A "C3'" 
48  O "O3'" . DA A 3  ? 12.81227 8.50984  3.66607  0.80792  -0.25603 -0.18223 -1 DA A "O3'" 
49  C "C2'" . DA A 3  ? 12.82168 8.52270  3.66774  0.80061  -0.25081 -0.18614 -1 DA A "C2'" 
50  C "C1'" . DA A 3  ? 12.85429 8.48065  3.67742  0.81505  -0.28084 -0.16849 -1 DA A "C1'" 
51  N N9    . DA A 3  ? 12.89407 8.47581  3.68749  0.81621  -0.28644 -0.16841 -1 DA A N9    
52  C C8    . DA A 3  ? 12.88517 8.49806  3.68418  0.80741  -0.27663 -0.17061 -1 DA A C8    
53  N N7    . DA A 3  ? 12.93303 8.49023  3.69642  0.81100  -0.28513 -0.16760 -1 DA A N7    
54  C C5    . DA A 3  ? 12.97614 8.45997  3.70869  0.82307  -0.30231 -0.16354 -1 DA A C5    
55  C C6    . DA A 3  ? 13.03939 8.43980  3.72556  0.83204  -0.31951 -0.15694 -1 DA A C6    
56  N N6    . DA A 3  ? 13.05743 8.44863  3.74856  0.82778  -0.32010 -0.15201 -1 DA A N6    
57  N N1    . DA A 3  ? 13.05332 8.41112  3.75199  0.83959  -0.33482 -0.15253 -1 DA A N1    
58  C C2    . DA A 3  ? 13.03878 8.40496  3.72732  0.84372  -0.33449 -0.15553 -1 DA A C2    
59  N N3    . DA A 3  ? 12.98099 8.42358  3.71183  0.83622  -0.31852 -0.16058 -1 DA A N3    
60  C C4    . DA A 3  ? 12.95194 8.45043  3.70316  0.82611  -0.30323 -0.16447 -1 DA A C4    
61  P P     . DT A 4  ? 13.34910 9.01853  4.20787  0.82120  -0.28132 -0.15981 0  DT A P     
62  O OP1   . DT A 4  ? 13.39081 8.99427  4.23055  0.83289  -0.30893 -0.14433 0  DT A OP1   
63  O OP2   . DT A 4  ? 13.25781 9.00171  4.16282  0.81970  -0.28156 -0.14249 0  DT A OP2   
64  O "O5'" . DT A 4  ? 13.41486 9.04222  4.23845  0.82026  -0.26979 -0.18085 0  DT A "O5'" 
65  C "C5'" . DT A 4  ? 13.49163 9.07375  4.27349  0.81592  -0.25207 -0.21022 0  DT A "C5'" 
66  C "C4'" . DT A 4  ? 13.60233 9.09334  4.34255  0.82843  -0.27083 -0.20757 0  DT A "C4'" 
67  O "O4'" . DT A 4  ? 13.66163 9.13619  4.39262  0.82974  -0.27501 -0.20410 0  DT A "O4'" 
68  C "C3'" . DT A 4  ? 13.74573 9.17738  4.43803  0.82835  -0.25530 -0.23692 0  DT A "C3'" 
69  O "O3'" . DT A 4  ? 13.86089 9.23290  4.56346  0.83790  -0.27886 -0.22546 0  DT A "O3'" 
70  C "C2'" . DT A 4  ? 13.81012 9.23307  4.48186  0.82396  -0.23558 -0.25623 0  DT A "C2'" 
71  C "C1'" . DT A 4  ? 13.82279 9.23320  4.50390  0.83181  -0.26305 -0.22682 0  DT A "C1'" 
72  N N1    . DT A 4  ? 13.85922 9.27334  4.53054  0.82785  -0.25226 -0.23230 0  DT A N1    
73  C C2    . DT A 4  ? 13.95756 9.35399  4.70281  0.82677  -0.25948 -0.22706 0  DT A C2    
74  O O2    . DT A 4  ? 14.02055 9.38974  4.82287  0.83020  -0.27557 -0.21892 0  DT A O2    
75  N N3    . DT A 4  ? 13.97492 9.38855  4.72775  0.82093  -0.24803 -0.22952 0  DT A N3    
76  C C4    . DT A 4  ? 13.90993 9.35493  4.60300  0.81573  -0.23067 -0.23761 0  DT A C4    
77  O O4    . DT A 4  ? 13.93638 9.39655  4.64296  0.80984  -0.22146 -0.23798 0  DT A O4    
78  C C5    . DT A 4  ? 13.76669 9.26548  4.46259  0.81019  -0.22270 -0.24155 0  DT A C5    
79  C C7    . DT A 4  ? 13.63531 9.21752  4.36622  0.79528  -0.20342 -0.24653 0  DT A C7    
80  C C6    . DT A 4  ? 13.73802 9.22785  4.44122  0.81511  -0.23299 -0.23785 0  DT A C6    
81  P P     . DT A 5  ? 14.21971 9.58196  5.02203  0.82990  -0.26650 -0.24535 1  DT A P     
82  O OP1   . DT A 5  ? 14.19959 9.58957  5.01359  0.81808  -0.23329 -0.27909 1  DT A OP1   
83  O OP2   . DT A 5  ? 14.26616 9.62119  5.09981  0.83059  -0.27124 -0.23782 1  DT A OP2   
84  O "O5'" . DT A 5  ? 14.29067 9.61754  5.14124  0.83578  -0.29418 -0.22773 1  DT A "O5'" 
85  C "C5'" . DT A 5  ? 14.36806 9.66566  5.28462  0.83889  -0.31499 -0.21238 1  DT A "C5'" 
86  C "C4'" . DT A 5  ? 14.41871 9.72012  5.42690  0.83062  -0.29310 -0.23651 1  DT A "C4'" 
87  O "O4'" . DT A 5  ? 14.41484 9.73681  5.42966  0.82646  -0.27314 -0.24689 1  DT A "O4'" 
88  C "C3'" . DT A 5  ? 14.41432 9.73402  5.44555  0.82223  -0.26500 -0.26823 1  DT A "C3'" 
89  O "O3'" . DT A 5  ? 14.46799 9.76881  5.59159  0.82080  -0.26868 -0.27270 1  DT A "O3'" 
90  C "C2'" . DT A 5  ? 14.38586 9.74201  5.40917  0.81383  -0.22760 -0.29681 1  DT A "C2'" 
91  C "C1'" . DT A 5  ? 14.41438 9.76414  5.46489  0.81707  -0.23469 -0.28233 1  DT A "C1'" 
92  N N1    . DT A 5  ? 14.37699 9.75943  5.38619  0.81207  -0.21070 -0.29408 1  DT A N1    
93  C C2    . DT A 5  ? 14.40908 9.79676  5.46209  0.81094  -0.20502 -0.29026 1  DT A C2    
94  O O2    . DT A 5  ? 14.45966 9.82716  5.58665  0.81382  -0.21844 -0.27753 1  DT A O2    
95  N N3    . DT A 5  ? 14.37124 9.79084  5.38028  0.80547  -0.18346 -0.30021 1  DT A N3    
96  C C4    . DT A 5  ? 14.29518 9.74040  5.22299  0.80095  -0.16837 -0.31333 1  DT A C4    
97  O O4    . DT A 5  ? 14.26120 9.73471  5.15541  0.79524  -0.15036 -0.32084 1  DT A O4    
98  C C5    . DT A 5  ? 14.25318 9.69150  5.14082  0.80255  -0.17591 -0.31572 1  DT A C5    
99  C C7    . DT A 5  ? 14.15455 9.62122  4.95911  0.79718  -0.16195 -0.32694 1  DT A C7    
100 C C6    . DT A 5  ? 14.30036 9.70851  5.22986  0.80802  -0.19600 -0.30602 1  DT A C6    
101 P P     . DC A 6  ? 11.48716 4.63066  9.14105  -0.85112 -1.82830 -2.10145 2  DC A P     
102 O OP1   . DC A 6  ? 11.44396 4.65789  9.11533  -0.91686 -1.87296 -2.08444 2  DC A OP1   
103 O OP2   . DC A 6  ? 11.50199 4.63633  9.09617  -0.79265 -1.81292 -2.13121 2  DC A OP2   
104 O "O5'" . DC A 6  ? 11.48128 4.59810  9.23567  -0.85256 -1.82121 -2.08091 2  DC A "O5'" 
105 C "C5'" . DC A 6  ? 11.50032 4.57531  9.29535  -0.86384 -1.79956 -2.06356 2  DC A "C5'" 
106 C "C4'" . DC A 6  ? 11.52818 4.54365  9.35731  -0.81371 -1.76274 -2.06803 2  DC A "C4'" 
107 O "O4'" . DC A 6  ? 11.57416 4.53997  9.32495  -0.75422 -1.72160 -2.09485 2  DC A "O4'" 
108 C "C3'" . DC A 6  ? 11.50799 4.53780  9.37781  -0.79190 -1.77227 -2.07232 2  DC A "C3'" 
109 O "O3'" . DC A 6  ? 11.51550 4.50835  9.46108  -0.77907 -1.75199 -2.05948 2  DC A "O3'" 
110 C "C2'" . DC A 6  ? 11.53540 4.54501  9.32126  -0.72915 -1.74831 -2.10603 2  DC A "C2'" 
111 C "C1'" . DC A 6  ? 11.58128 4.53209  9.32906  -0.70064 -1.70544 -2.11310 2  DC A "C1'" 
112 N N1    . DC A 6  ? 11.61090 4.54396  9.26152  -0.64821 -1.67789 -2.14413 2  DC A N1    
113 C C2    . DC A 6  ? 11.65401 4.52867  9.27467  -0.60259 -1.62963 -2.15545 2  DC A C2    
114 O O2    . DC A 6  ? 11.66828 4.50555  9.34310  -0.60743 -1.61194 -2.13951 2  DC A O2    
115 N N3    . DC A 6  ? 11.67715 4.54094  9.21145  -0.55501 -1.60282 -2.18302 2  DC A N3    
116 C C4    . DC A 6  ? 11.65950 4.56699  9.13872  -0.55196 -1.62282 -2.19915 2  DC A C4    
117 N N4    . DC A 6  ? 11.68071 4.57936  9.07735  -0.50441 -1.59360 -2.22566 2  DC A N4    
118 C C5    . DC A 6  ? 11.61745 4.58284  9.12531  -0.59795 -1.67276 -2.18829 2  DC A C5    
119 C C6    . DC A 6  ? 11.59410 4.57067  9.18766  -0.64475 -1.69853 -2.16084 2  DC A C6    
120 P P     . DT A 7  ? 10.93720 3.96659  8.98877  -0.82335 -1.78130 -2.03109 3  DT A P     
121 O OP1   . DT A 7  ? 10.90011 3.98779  8.96544  -0.89152 -1.82009 -2.01103 3  DT A OP1   
122 O OP2   . DT A 7  ? 10.92393 3.96397  8.99159  -0.79118 -1.78616 -2.04267 3  DT A OP2   
123 O "O5'" . DT A 7  ? 10.95814 3.93640  9.07457  -0.81839 -1.75024 -2.01450 3  DT A "O5'" 
124 C "C5'" . DT A 7  ? 10.98230 3.91370  9.12144  -0.76439 -1.71680 -2.02468 3  DT A "C5'" 
125 C "C4'" . DT A 7  ? 11.03324 3.89937  9.13594  -0.72587 -1.67069 -2.03494 3  DT A "C4'" 
126 O "O4'" . DT A 7  ? 11.05803 3.91550  9.05914  -0.69365 -1.65882 -2.06181 3  DT A "O4'" 
127 C "C3'" . DT A 7  ? 11.05923 3.87626  9.19168  -0.67100 -1.63207 -2.04364 3  DT A "C3'" 
128 O "O3'" . DT A 7  ? 11.09849 3.86161  9.22423  -0.65507 -1.59435 -2.04183 3  DT A "O3'" 
129 C "C2'" . DT A 7  ? 11.07188 3.88733  9.13241  -0.61658 -1.62094 -2.07542 3  DT A "C2'" 
130 C "C1'" . DT A 7  ? 11.08454 3.90752  9.05692  -0.62604 -1.62491 -2.08637 3  DT A "C1'" 
131 N N1    . DT A 7  ? 11.07505 3.93012  8.97784  -0.60589 -1.63883 -2.10971 3  DT A N1    
132 C C2    . DT A 7  ? 11.10745 3.93747  8.92556  -0.55552 -1.60721 -2.13673 3  DT A C2    
133 O O2    . DT A 7  ? 11.14398 3.92616  8.94107  -0.52535 -1.56760 -2.14280 3  DT A O2    
134 N N3    . DT A 7  ? 11.09409 3.95944  8.85416  -0.54085 -1.62232 -2.15630 3  DT A N3    
135 C C4    . DT A 7  ? 11.05364 3.97467  8.83043  -0.57168 -1.66599 -2.15160 3  DT A C4    
136 O O4    . DT A 7  ? 11.04486 3.99499  8.76485  -0.55532 -1.67609 -2.17039 3  DT A O4    
137 C C5    . DT A 7  ? 11.02091 3.96606  8.88782  -0.62449 -1.69765 -2.12259 3  DT A C5    
138 C C7    . DT A 7  ? 10.97388 3.98240  8.86791  -0.66223 -1.74511 -2.11419 3  DT A C7    
139 C C6    . DT A 7  ? 11.03242 3.94455  8.95738  -0.63888 -1.68233 -2.10323 3  DT A C6    
140 P P     . DC A 8  ? 11.12469 3.83594  9.30202  -0.61275 -1.55324 -2.04167 4  DC A P     
141 O OP1   . DC A 8  ? 11.11983 3.82166  9.36935  -0.65504 -1.55380 -2.01233 4  DC A OP1   
142 O OP2   . DC A 8  ? 11.10917 3.83334  9.31283  -0.58102 -1.55579 -2.05221 4  DC A OP2   
143 O "O5'" . DC A 8  ? 11.17522 3.83483  9.27413  -0.55764 -1.50707 -2.06581 4  DC A "O5'" 
144 C "C5'" . DC A 8  ? 11.18438 3.85275  9.19400  -0.52389 -1.50294 -2.09325 4  DC A "C5'" 
145 C "C4'" . DC A 8  ? 11.22330 3.84577  9.19583  -0.45358 -1.45204 -2.11687 4  DC A "C4'" 
146 O "O4'" . DC A 8  ? 11.22417 3.86459  9.11729  -0.41805 -1.44945 -2.14415 4  DC A "O4'" 
147 C "C3'" . DC A 8  ? 11.22408 3.82907  9.26174  -0.41977 -1.43251 -2.11733 4  DC A "C3'" 
148 O "O3'" . DC A 8  ? 11.26410 3.82069  9.27879  -0.36488 -1.38082 -2.13232 4  DC A "O3'" 
149 C "C2'" . DC A 8  ? 11.19806 3.84203  9.21814  -0.40184 -1.45253 -2.13312 4  DC A "C2'" 
150 C "C1'" . DC A 8  ? 11.21124 3.86249  9.12883  -0.38280 -1.44654 -2.15551 4  DC A "C1'" 
151 N N1    . DC A 8  ? 11.17893 3.88288  9.06439  -0.39822 -1.48510 -2.16332 4  DC A N1    
152 C C2    . DC A 8  ? 11.18700 3.90092  8.98849  -0.35906 -1.47263 -2.19044 4  DC A C2    
153 O O2    . DC A 8  ? 11.21931 3.89957  8.97611  -0.31198 -1.42885 -2.20718 4  DC A O2    
154 N N3    . DC A 8  ? 11.15757 3.92048  8.93043  -0.37437 -1.50818 -2.19708 4  DC A N3    
155 C C4    . DC A 8  ? 11.12134 3.92250  8.94622  -0.42640 -1.55425 -2.17772 4  DC A C4    
156 N N4    . DC A 8  ? 11.09312 3.94328  8.88763  -0.44028 -1.58809 -2.18491 4  DC A N4    
157 C C5    . DC A 8  ? 11.11067 3.90446  9.02256  -0.46678 -1.56666 -2.14965 4  DC A C5    
158 C C6    . DC A 8  ? 11.14037 3.88518  9.07872  -0.45139 -1.53145 -2.14345 4  DC A C6    
159 P P     . DT A 9  ? 11.27775 3.79909  9.36931  -0.33909 -1.35018 -2.12522 5  DT A P     
160 O OP1   . DT A 9  ? 11.32116 3.79467  9.37571  -0.29301 -1.29868 -2.13864 5  DT A OP1   
161 O OP2   . DT A 9  ? 11.25663 3.78694  9.43095  -0.39528 -1.37704 -2.09438 5  DT A OP2   
162 O "O5'" . DT A 9  ? 11.25832 3.80173  9.36706  -0.30268 -1.35224 -2.14010 5  DT A "O5'" 
163 C "C5'" . DT A 9  ? 11.28142 3.79742  9.38495  -0.23854 -1.30737 -2.15940 5  DT A "C5'" 
164 C "C4'" . DT A 9  ? 11.29125 3.81545  9.30469  -0.19467 -1.28977 -2.18822 5  DT A "C4'" 
165 O "O4'" . DT A 9  ? 11.26535 3.83204  9.23557  -0.22772 -1.33163 -2.18938 5  DT A "O4'" 
166 C "C3'" . DT A 9  ? 11.28729 3.81821  9.30335  -0.13873 -1.26757 -2.20853 5  DT A "C3'" 
167 O "O3'" . DT A 9  ? 11.32112 3.81362  9.32696  -0.08692 -1.21337 -2.22131 5  DT A "O3'" 
168 C "C2'" . DT A 9  ? 11.27149 3.83994  9.21163  -0.12809 -1.28340 -2.22800 5  DT A "C2'" 
169 C "C1'" . DT A 9  ? 11.26246 3.84815  9.17084  -0.18469 -1.32109 -2.21553 5  DT A "C1'" 
170 N N1    . DT A 9  ? 11.22453 3.86164  9.12481  -0.21805 -1.37104 -2.21362 5  DT A N1    
171 C C2    . DT A 9  ? 11.21709 3.88228  9.04384  -0.19535 -1.37414 -2.23550 5  DT A C2    
172 O O2    . DT A 9  ? 11.23796 3.89029  9.00625  -0.14763 -1.33683 -2.25681 5  DT A O2    
173 N N3    . DT A 9  ? 11.18202 3.89430  9.00847  -0.23157 -1.42238 -2.23088 5  DT A N3    
174 C C4    . DT A 9  ? 11.15287 3.88828  9.04461  -0.28745 -1.46608 -2.20664 5  DT A C4    
175 O O4    . DT A 9  ? 11.12112 3.90143  9.00849  -0.31757 -1.50728 -2.20383 5  DT A O4    
176 C C5    . DT A 9  ? 11.16074 3.86666  9.12771  -0.30841 -1.45894 -2.18430 5  DT A C5    
177 C C7    . DT A 9  ? 11.12745 3.85964  9.17162  -0.36849 -1.50141 -2.15625 5  DT A C7    
178 C C6    . DT A 9  ? 11.19649 3.85448  9.16329  -0.27312 -1.41278 -2.18901 5  DT A C6    
179 P P     . DA A 10 ? 11.32549 3.80163  9.39727  -0.04645 -1.18339 -2.22435 6  DA A P     
180 O OP1   . DA A 10 ? 11.36325 3.79340  9.43946  -0.02012 -1.13639 -2.22532 6  DA A OP1   
181 O OP2   . DA A 10 ? 11.29621 3.79056  9.44716  -0.08444 -1.22043 -2.20413 6  DA A OP2   
182 O "O5'" . DA A 10 ? 11.31591 3.81694  9.34377  0.00690  -1.16674 -2.25179 6  DA A "O5'" 
183 C "C5'" . DA A 10 ? 11.28037 3.82419  9.31284  -0.00433 -1.20353 -2.25416 6  DA A "C5'" 
184 C "C4'" . DA A 10 ? 11.27543 3.84469  9.22935  0.03266  -1.19273 -2.27992 6  DA A "C4'" 
185 O "O4'" . DA A 10 ? 11.26867 3.85768  9.16056  -0.00216 -1.22295 -2.27918 6  DA A "O4'" 
186 C "C3'" . DA A 10 ? 11.24540 3.85069  9.21386  0.05054  -1.20736 -2.28937 6  DA A "C3'" 
187 O "O3'" . DA A 10 ? 11.25580 3.84886  9.24192  0.10781  -1.16202 -2.30379 6  DA A "O3'" 
188 C "C2'" . DA A 10 ? 11.23317 3.87237  9.11838  0.05191  -1.22274 -2.30504 6  DA A "C2'" 
189 C "C1'" . DA A 10 ? 11.24118 3.87367  9.09778  0.00221  -1.24708 -2.29163 6  DA A "C1'" 
190 N N9    . DA A 10 ? 11.21239 3.87292  9.09703  -0.05769 -1.30427 -2.27306 6  DA A N9    
191 C C8    . DA A 10 ? 11.20542 3.85721  9.15930  -0.10514 -1.32941 -2.24719 6  DA A C8    
192 N N7    . DA A 10 ? 11.17481 3.86248  9.14074  -0.15529 -1.37998 -2.23427 6  DA A N7    
193 C C5    . DA A 10 ? 11.16257 3.88288  9.06137  -0.13928 -1.38958 -2.25348 6  DA A C5    
194 C C6    . DA A 10 ? 11.13146 3.89865  9.00717  -0.17273 -1.43576 -2.25247 6  DA A C6    
195 N N6    . DA A 10 ? 11.10472 3.89630  9.02624  -0.23213 -1.48228 -2.22997 6  DA A N6    
196 N N1    . DA A 10 ? 11.12721 3.91834  8.93223  -0.14336 -1.43144 -2.27505 6  DA A N1    
197 C C2    . DA A 10 ? 11.15049 3.92190  8.91252  -0.08476 -1.38320 -2.29659 6  DA A C2    
198 N N3    . DA A 10 ? 11.17925 3.90894  8.95808  -0.04908 -1.33660 -2.29962 6  DA A N3    
199 C C4    . DA A 10 ? 11.18500 3.88940  9.03291  -0.07919 -1.34304 -2.27740 6  DA A C4    
200 P P     . DC A 11 ? 7.19021  9.90855  4.97313  -3.61609 0.82601  -0.58839 7  DC A P     
201 O OP1   . DC A 11 ? 7.22922  9.94505  4.99655  -3.63131 0.83600  -0.59904 7  DC A OP1   
202 O OP2   . DC A 11 ? 7.12253  9.88105  4.93288  -3.59630 0.80798  -0.59422 7  DC A OP2   
203 O "O5'" . DC A 11 ? 7.20074  9.88253  4.96362  -3.61426 0.81997  -0.55548 7  DC A "O5'" 
204 C "C5'" . DC A 11 ? 7.16838  9.85736  4.92832  -3.60428 0.80112  -0.53844 7  DC A "C5'" 
205 C "C4'" . DC A 11 ? 7.12359  9.81667  4.89689  -3.58684 0.78593  -0.52064 7  DC A "C4'" 
206 O "O4'" . DC A 11 ? 7.09365  9.80878  4.89273  -3.57779 0.78699  -0.53638 7  DC A "O4'" 
207 C "C3'" . DC A 11 ? 7.07272  9.78952  4.85415  -3.57280 0.76348  -0.51095 7  DC A "C3'" 
208 O "O3'" . DC A 11 ? 7.09234  9.78431  4.85115  -3.57624 0.75763  -0.48518 7  DC A "O3'" 
209 C "C2'" . DC A 11 ? 7.01927  9.75626  4.82684  -3.55410 0.75209  -0.50854 7  DC A "C2'" 
210 C "C1'" . DC A 11 ? 7.03863  9.77033  4.85484  -3.55873 0.76881  -0.52384 7  DC A "C1'" 
211 N N1    . DC A 11 ? 6.99473  9.76497  4.84057  -3.54710 0.76489  -0.54585 7  DC A N1    
212 C C2    . DC A 11 ? 6.93767  9.72992  4.80478  -3.52731 0.74827  -0.53859 7  DC A C2    
213 O O2    . DC A 11 ? 6.92650  9.70717  4.78832  -3.51995 0.73663  -0.51421 7  DC A O2    
214 N N3    . DC A 11 ? 6.90115  9.72792  4.79405  -3.51684 0.74564  -0.55848 7  DC A N3    
215 C C4    . DC A 11 ? 6.91962  9.76051  4.81773  -3.52556 0.75841  -0.58452 7  DC A C4    
216 N N4    . DC A 11 ? 6.88405  9.76074  4.80761  -3.51454 0.75528  -0.60319 7  DC A N4    
217 C C5    . DC A 11 ? 6.97733  9.79733  4.85477  -3.54606 0.77520  -0.59244 7  DC A C5    
218 C C6    . DC A 11 ? 7.01274  9.79705  4.86447  -3.55603 0.77802  -0.57258 7  DC A C6    
219 P P     . DT A 12 ? 6.22090  8.92543  3.97084  -3.57578 0.74289  -0.47939 8  DT A P     
220 O OP1   . DT A 12 ? 6.26210  8.93321  3.98267  -3.58591 0.74490  -0.45613 8  DT A OP1   
221 O OP2   . DT A 12 ? 6.21290  8.94069  3.96922  -3.58063 0.74735  -0.50545 8  DT A OP2   
222 O "O5'" . DT A 12 ? 6.16978  8.90102  3.94102  -3.55580 0.72071  -0.47009 8  DT A "O5'" 
223 C "C5'" . DT A 12 ? 6.16321  8.88361  3.93833  -3.54629 0.71435  -0.44866 8  DT A "C5'" 
224 C "C4'" . DT A 12 ? 6.10978  8.86234  3.91113  -3.52692 0.69610  -0.44801 8  DT A "C4'" 
225 O "O4'" . DT A 12 ? 6.08411  8.85779  3.90954  -3.51988 0.70179  -0.47051 8  DT A "O4'" 
226 C "C3'" . DT A 12 ? 6.08465  8.86172  3.88832  -3.52266 0.68001  -0.45043 8  DT A "C3'" 
227 O "O3'" . DT A 12 ? 6.05701  8.84415  3.86899  -3.50932 0.66154  -0.43117 8  DT A "O3'" 
228 C "C2'" . DT A 12 ? 6.05430  8.86220  3.87999  -3.51678 0.68235  -0.47852 8  DT A "C2'" 
229 C "C1'" . DT A 12 ? 6.04172  8.85066  3.88554  -3.50833 0.68842  -0.48177 8  DT A "C1'" 
230 N N1    . DT A 12 ? 6.02569  8.85722  3.88796  -3.50662 0.69765  -0.51005 8  DT A N1    
231 C C2    . DT A 12 ? 5.98154  8.84213  3.87075  -3.48966 0.68917  -0.51770 8  DT A C2    
232 O O2    . DT A 12 ? 5.95478  8.82266  3.85383  -3.47590 0.67477  -0.50248 8  DT A O2    
233 N N3    . DT A 12 ? 5.97027  8.85231  3.87479  -3.48934 0.69835  -0.54373 8  DT A N3    
234 C C4    . DT A 12 ? 5.99795  8.87649  3.89433  -3.50440 0.71479  -0.56284 8  DT A C4    
235 O O4    . DT A 12 ? 5.98474  8.88687  3.89702  -3.50296 0.72174  -0.58590 8  DT A O4    
236 C C5    . DT A 12 ? 6.04411  8.89056  3.91203  -3.52196 0.72335  -0.55358 8  DT A C5    
237 C C7    . DT A 12 ? 6.07828  8.91807  3.93510  -3.53952 0.74178  -0.57230 8  DT A C7    
238 C C6    . DT A 12 ? 6.05568  8.88008  3.90779  -3.52203 0.71446  -0.52780 8  DT A C6    
239 P P     . DG A 13 ? 5.32844  8.12966  3.13385  -3.50813 0.64361  -0.42300 9  DG A P     
240 O OP1   . DG A 13 ? 5.37019  8.14465  3.14614  -3.52225 0.64528  -0.40526 9  DG A OP1   
241 O OP2   . DG A 13 ? 5.30653  8.13354  3.12251  -3.50664 0.64254  -0.44705 9  DG A OP2   
242 O "O5'" . DG A 13 ? 5.29088  8.10803  3.11430  -3.49047 0.62584  -0.40639 9  DG A "O5'" 
243 C "C5'" . DG A 13 ? 5.26337  8.10242  3.09182  -3.48380 0.60785  -0.40275 9  DG A "C5'" 
244 C "C4'" . DG A 13 ? 5.21523  8.08279  3.07343  -3.46516 0.59947  -0.41092 9  DG A "C4'" 
245 O "O4'" . DG A 13 ? 5.21087  8.07822  3.08376  -3.46089 0.61301  -0.42474 9  DG A "O4'" 
246 C "C3'" . DG A 13 ? 5.18891  8.08281  3.05650  -3.46121 0.59317  -0.42928 9  DG A "C3'" 
247 O "O3'" . DG A 13 ? 5.17584  8.07902  3.03967  -3.45830 0.57557  -0.41560 9  DG A "O3'" 
248 C "C2'" . DG A 13 ? 5.15190  8.06742  3.04856  -3.44491 0.59442  -0.44253 9  DG A "C2'" 
249 C "C1'" . DG A 13 ? 5.17305  8.06995  3.06935  -3.44903 0.61029  -0.44442 9  DG A "C1'" 
250 N N9    . DG A 13 ? 5.18548  8.08408  3.08209  -3.45717 0.62642  -0.46929 9  DG A N9    
251 C C8    . DG A 13 ? 5.22687  8.10341  3.10290  -3.47472 0.64087  -0.47439 9  DG A C8    
252 N N7    . DG A 13 ? 5.22871  8.11495  3.11137  -3.47873 0.65352  -0.49847 9  DG A N7    
253 C C5    . DG A 13 ? 5.18566  8.10271  3.09490  -3.46248 0.64695  -0.50998 9  DG A C5    
254 C C6    . DG A 13 ? 5.16794  8.10965  3.09523  -3.45846 0.65470  -0.53572 9  DG A C6    
255 O O6    . DG A 13 ? 5.18728  8.12916  3.11090  -3.46928 0.66920  -0.55425 9  DG A O6    
256 N N1    . DG A 13 ? 5.12383  8.09333  3.07566  -3.43989 0.64401  -0.53881 9  DG A N1    
257 C C2    . DG A 13 ? 5.10024  8.07252  3.05838  -3.42717 0.62812  -0.51947 9  DG A C2    
258 N N2    . DG A 13 ? 5.05930  8.05930  3.04168  -3.40982 0.62030  -0.52556 9  DG A N2    
259 N N3    . DG A 13 ? 5.11630  8.06685  3.05823  -3.43124 0.62055  -0.49556 9  DG A N3    
260 C C4    . DG A 13 ? 5.15892  8.08287  3.07678  -3.44895 0.63055  -0.49218 9  DG A C4    
261 P P     . DT A 14 ? 5.31446  8.21848  3.15881  -3.47108 0.57141  -0.42058 10 DT A P     
262 O OP1   . DT A 14 ? 5.33246  8.22416  3.15808  -3.47804 0.56012  -0.39609 10 DT A OP1   
263 O OP2   . DT A 14 ? 5.34043  8.23515  3.17454  -3.48350 0.58829  -0.43945 10 DT A OP2   
264 O "O5'" . DT A 14 ? 5.27388  8.20796  3.13677  -3.45881 0.56081  -0.43268 10 DT A "O5'" 
265 C "C5'" . DT A 14 ? 5.25171  8.20426  3.13411  -3.45056 0.56898  -0.45643 10 DT A "C5'" 
266 C "C4'" . DT A 14 ? 5.21201  8.18295  3.12172  -3.43077 0.56253  -0.45464 10 DT A "C4'" 
267 O "O4'" . DT A 14 ? 5.20943  8.18074  3.13276  -3.42643 0.57588  -0.46649 10 DT A "O4'" 
268 C "C3'" . DT A 14 ? 5.17635  8.17491  3.10319  -3.41871 0.55494  -0.46668 10 DT A "C3'" 
269 O "O3'" . DT A 14 ? 5.14391  8.15467  3.09009  -3.40171 0.54402  -0.45509 10 DT A "O3'" 
270 C "C2'" . DT A 14 ? 5.17140  8.18222  3.11036  -3.41724 0.56963  -0.49276 10 DT A "C2'" 
271 C "C1'" . DT A 14 ? 5.18712  8.18225  3.12725  -3.41957 0.58090  -0.49030 10 DT A "C1'" 
272 N N1    . DT A 14 ? 5.21461  8.20183  3.14618  -3.43269 0.59840  -0.50813 10 DT A N1    
273 C C2    . DT A 14 ? 5.19949  8.20777  3.14806  -3.42777 0.60773  -0.53191 10 DT A C2    
274 O O2    . DT A 14 ? 5.16420  8.19757  3.13461  -3.41264 0.60263  -0.53962 10 DT A O2    
275 N N3    . DT A 14 ? 5.22852  8.22823  3.16730  -3.44164 0.62364  -0.54632 10 DT A N3    
276 C C4    . DT A 14 ? 5.27060  8.24160  3.18447  -3.45913 0.63142  -0.53907 10 DT A C4    
277 O O4    . DT A 14 ? 5.29539  8.26041  3.20203  -3.47097 0.64624  -0.55308 10 DT A O4    
278 C C5    . DT A 14 ? 5.28421  8.23377  3.18116  -3.46269 0.62108  -0.51364 10 DT A C5    
279 C C7    . DT A 14 ? 5.33012  8.24825  3.19926  -3.48074 0.62851  -0.50308 10 DT A C7    
280 C C6    . DT A 14 ? 5.25575  8.21523  3.16256  -3.44964 0.60515  -0.49978 10 DT A C6    
281 P P     . DG A 15 ? 4.93322  7.93710  2.87157  -3.40085 0.52773  -0.42761 11 DG A P     
282 O OP1   . DG A 15 ? 4.96341  7.94297  2.88726  -3.41003 0.53186  -0.41126 11 DG A OP1   
283 O OP2   . DG A 15 ? 4.93558  7.94461  2.86130  -3.40763 0.51826  -0.42770 11 DG A OP2   
284 O "O5'" . DG A 15 ? 4.89289  7.91529  2.85832  -3.37979 0.51938  -0.42146 11 DG A "O5'" 
285 C "C5'" . DG A 15 ? 4.88938  7.90520  2.86519  -3.37218 0.52177  -0.40973 11 DG A "C5'" 
286 C "C4'" . DG A 15 ? 4.89138  7.90098  2.86199  -3.37087 0.50846  -0.38190 11 DG A "C4'" 
287 O "O4'" . DG A 15 ? 4.87677  7.89994  2.84594  -3.36903 0.49393  -0.37703 11 DG A "O4'" 
288 C "C3'" . DG A 15 ? 4.93181  7.91614  2.87730  -3.38728 0.51094  -0.36660 11 DG A "C3'" 
289 O "O3'" . DG A 15 ? 4.93650  7.91015  2.88686  -3.38228 0.51251  -0.34867 11 DG A "O3'" 
290 C "C2'" . DG A 15 ? 4.93909  7.92569  2.86842  -3.39558 0.49673  -0.35490 11 DG A "C2'" 
291 C "C1'" . DG A 15 ? 4.89984  7.91130  2.84872  -3.38065 0.48488  -0.35701 11 DG A "C1'" 
292 N N9    . DG A 15 ? 4.89964  7.91902  2.83781  -3.38751 0.47623  -0.36178 11 DG A N9    
293 C C8    . DG A 15 ? 4.90540  7.92679  2.83661  -3.39460 0.48276  -0.38281 11 DG A C8    
294 N N7    . DG A 15 ? 4.90434  7.93237  2.82646  -3.39975 0.47295  -0.38242 11 DG A N7    
295 C C5    . DG A 15 ? 4.89690  7.92869  2.82027  -3.39610 0.45854  -0.36000 11 DG A C5    
296 C C6    . DG A 15 ? 4.89407  7.93361  2.80961  -3.40006 0.44367  -0.34992 11 DG A C6    
297 O O6    . DG A 15 ? 4.89863  7.94139  2.80340  -3.40807 0.44064  -0.35926 11 DG A O6    
298 N N1    . DG A 15 ? 4.88649  7.93035  2.80749  -3.39451 0.43206  -0.32669 11 DG A N1    
299 C C2    . DG A 15 ? 4.88211  7.92246  2.81488  -3.38559 0.43494  -0.31442 11 DG A C2    
300 N N2    . DG A 15 ? 4.87505  7.92229  2.81243  -3.38098 0.42262  -0.29167 11 DG A N2    
301 N N3    . DG A 15 ? 4.88573  7.91674  2.82502  -3.38208 0.44930  -0.32385 11 DG A N3    
302 C C4    . DG A 15 ? 4.89306  7.92056  2.82705  -3.38794 0.46028  -0.34679 11 DG A C4    
303 P P     . DG A 16 ? 4.92493  7.90418  2.88037  -3.37421 0.49716  -0.32087 12 DG A P     
304 O OP1   . DG A 16 ? 4.88730  7.89188  2.86031  -3.36086 0.48403  -0.32216 12 DG A OP1   
305 O OP2   . DG A 16 ? 4.93062  7.89823  2.89333  -3.36866 0.50477  -0.30998 12 DG A OP2   
306 O "O5'" . DG A 16 ? 4.95918  7.92448  2.88657  -3.39139 0.49108  -0.30465 12 DG A "O5'" 
307 C "C5'" . DG A 16 ? 4.98151  7.93220  2.89924  -3.39519 0.49034  -0.28067 12 DG A "C5'" 
308 C "C4'" . DG A 16 ? 4.96419  7.93105  2.88873  -3.38776 0.47248  -0.25830 12 DG A "C4'" 
309 O "O4'" . DG A 16 ? 4.94140  7.92840  2.87026  -3.38571 0.46059  -0.26692 12 DG A "O4'" 
310 C "C3'" . DG A 16 ? 4.99517  7.95210  2.89781  -3.40022 0.46594  -0.23487 12 DG A "C3'" 
311 O "O3'" . DG A 16 ? 4.97858  7.95070  2.89249  -3.39055 0.45238  -0.21218 12 DG A "O3'" 
312 C "C2'" . DG A 16 ? 5.00426  7.96533  2.88974  -3.41350 0.45914  -0.24392 12 DG A "C2'" 
313 C "C1'" . DG A 16 ? 4.96383  7.94841  2.86996  -3.40088 0.45139  -0.25749 12 DG A "C1'" 
314 N N9    . DG A 16 ? 4.96579  7.95228  2.86287  -3.40918 0.45325  -0.27894 12 DG A N9    
315 C C8    . DG A 16 ? 4.97134  7.94974  2.86739  -3.41208 0.46778  -0.30224 12 DG A C8    
316 N N7    . DG A 16 ? 4.97243  7.95584  2.85992  -3.41943 0.46633  -0.31732 12 DG A N7    
317 C C5    . DG A 16 ? 4.96839  7.96235  2.84976  -3.42236 0.44983  -0.30351 12 DG A C5    
318 C C6    . DG A 16 ? 4.96938  7.97106  2.83956  -3.43087 0.44166  -0.31039 12 DG A C6    
319 O O6    . DG A 16 ? 4.97385  7.97447  2.83749  -3.43697 0.44787  -0.33022 12 DG A O6    
320 N N1    . DG A 16 ? 4.96587  7.97781  2.83237  -3.43262 0.42499  -0.29149 12 DG A N1    
321 C C2    . DG A 16 ? 4.96069  7.97702  2.83478  -3.42605 0.41709  -0.26844 12 DG A C2    
322 N N2    . DG A 16 ? 4.95843  7.98740  2.82783  -3.42971 0.40083  -0.25266 12 DG A N2    
323 N N3    . DG A 16 ? 4.95950  7.96857  2.84447  -3.41730 0.42497  -0.26121 12 DG A N3    
324 C C4    . DG A 16 ? 4.96379  7.96098  2.85139  -3.41618 0.44130  -0.27989 12 DG A C4    
325 P P     . DA A 17 ? 5.51062  8.47882  3.40614  -3.40053 0.44368  -0.18392 13 DA A P     
326 O OP1   . DA A 17 ? 5.49105  8.47342  3.40488  -3.38630 0.43554  -0.16279 13 DA A OP1   
327 O OP2   . DA A 17 ? 5.55314  8.49319  3.42536  -3.41457 0.45768  -0.18317 13 DA A OP2   
328 O "O5'" . DA A 17 ? 5.51012  8.49315  3.39326  -3.41115 0.42833  -0.18488 13 DA A "O5'" 
329 C "C5'" . DA A 17 ? 5.53234  8.51862  3.39793  -3.42243 0.41711  -0.16297 13 DA A "C5'" 
330 C "C4'" . DA A 17 ? 5.51543  8.52518  3.38144  -3.42530 0.39926  -0.16248 13 DA A "C4'" 
331 O "O4'" . DA A 17 ? 5.50391  8.51386  3.37014  -3.42717 0.40259  -0.18897 13 DA A "O4'" 
332 C "C3'" . DA A 17 ? 5.54506  8.55641  3.38564  -3.44376 0.38899  -0.14882 13 DA A "C3'" 
333 O "O3'" . DA A 17 ? 5.52523  8.56209  3.37129  -3.44349 0.37097  -0.14356 13 DA A "O3'" 
334 C "C2'" . DA A 17 ? 5.56730  8.56047  3.38794  -3.45799 0.39898  -0.17019 13 DA A "C2'" 
335 C "C1'" . DA A 17 ? 5.53318  8.53499  3.37259  -3.44684 0.40115  -0.19385 13 DA A "C1'" 
336 N N9    . DA A 17 ? 5.54183  8.52713  3.37559  -3.45090 0.41662  -0.21841 13 DA A N9    
337 C C8    . DA A 17 ? 5.54658  8.51553  3.38616  -3.44566 0.43338  -0.22728 13 DA A C8    
338 N N7    . DA A 17 ? 5.55302  8.51274  3.38686  -3.45113 0.44455  -0.25050 13 DA A N7    
339 C C5    . DA A 17 ? 5.55222  8.52192  3.37574  -3.45997 0.43476  -0.25718 13 DA A C5    
340 C C6    . DA A 17 ? 5.55777  8.52521  3.37157  -3.46863 0.43959  -0.27912 13 DA A C6    
341 N N6    . DA A 17 ? 5.56440  8.52042  3.37840  -3.46954 0.45575  -0.29902 13 DA A N6    
342 N N1    . DA A 17 ? 5.55721  8.53528  3.36102  -3.47681 0.42747  -0.27986 13 DA A N1    
343 C C2    . DA A 17 ? 5.55142  8.54253  3.35511  -3.47687 0.41124  -0.26026 13 DA A C2    
344 N N3    . DA A 17 ? 5.54498  8.54177  3.35818  -3.46902 0.40478  -0.23853 13 DA A N3    
345 C C4    . DA A 17 ? 5.54578  8.53063  3.36865  -3.46040 0.41751  -0.23796 13 DA A C4    
346 P P     . DT A 18 ? 6.32346  9.36732  4.14435  -3.46422 0.35817  -0.13943 14 DT A P     
347 O OP1   . DT A 18 ? 6.30127  9.37313  4.13324  -3.46017 0.34004  -0.12735 14 DT A OP1   
348 O OP2   . DT A 18 ? 6.36437  9.39281  4.16162  -3.47844 0.36260  -0.12602 14 DT A OP2   
349 O "O5'" . DT A 18 ? 6.32282  9.35788  4.13526  -3.47127 0.36419  -0.16838 14 DT A "O5'" 
350 C "C5'" . DT A 18 ? 6.31702  9.36591  4.12251  -3.47970 0.35201  -0.17519 14 DT A "C5'" 
351 C "C4'" . DT A 18 ? 6.35447  9.39302  4.12860  -3.50305 0.35107  -0.17804 14 DT A "C4'" 
352 O "O4'" . DT A 18 ? 6.36708  9.38406  4.13271  -3.50703 0.36749  -0.19995 14 DT A "O4'" 
353 C "C3'" . DT A 18 ? 6.38765  9.42183  4.14404  -3.51477 0.34818  -0.15534 14 DT A "C3'" 
354 O "O3'" . DT A 18 ? 6.41058  9.45151  4.14351  -3.53492 0.33665  -0.15129 14 DT A "O3'" 
355 C "C2'" . DT A 18 ? 6.41078  9.41699  4.15767  -3.51702 0.36735  -0.16400 14 DT A "C2'" 
356 C "C1'" . DT A 18 ? 6.40519  9.40386  4.14916  -3.52021 0.37480  -0.19241 14 DT A "C1'" 
357 N N1    . DT A 18 ? 6.41013  9.38735  4.15714  -3.51520 0.39468  -0.20869 14 DT A N1    
358 C C2    . DT A 18 ? 6.41547  9.38372  4.15445  -3.52184 0.40342  -0.23265 14 DT A C2    
359 O O2    . DT A 18 ? 6.41720  9.39227  4.14591  -3.53155 0.39629  -0.24130 14 DT A O2    
360 N N3    . DT A 18 ? 6.41991  9.37117  4.16307  -3.51722 0.42136  -0.24632 14 DT A N3    
361 C C4    . DT A 18 ? 6.42088  9.36144  4.17409  -3.50759 0.43158  -0.23913 14 DT A C4    
362 O O4    . DT A 18 ? 6.42663  9.35236  4.18216  -3.50552 0.44782  -0.25346 14 DT A O4    
363 C C5    . DT A 18 ? 6.41590  9.36451  4.17646  -3.50075 0.42223  -0.21365 14 DT A C5    
364 C C7    . DT A 18 ? 6.41864  9.35512  4.18926  -3.49045 0.43296  -0.20361 14 DT A C7    
365 C C6    . DT A 18 ? 6.41016  9.37758  4.16791  -3.50447 0.40426  -0.19959 14 DT A C6    
366 O "O5'" . DT B 1  ? 7.69565  6.14584  5.93793  0.66154  0.64076  -1.81832 5  DT B "O5'" 
367 C "C5'" . DT B 1  ? 7.69800  6.11564  5.93817  0.66991  0.61421  -1.80876 5  DT B "C5'" 
368 C "C4'" . DT B 1  ? 7.75151  6.13671  5.96003  0.68157  0.59601  -1.81945 5  DT B "C4'" 
369 O "O4'" . DT B 1  ? 7.75525  6.14054  5.93417  0.68720  0.58900  -1.80663 5  DT B "O4'" 
370 C "C3'" . DT B 1  ? 7.74966  6.10296  5.95132  0.69561  0.55870  -1.80370 5  DT B "C3'" 
371 O "O3'" . DT B 1  ? 7.77653  6.11785  5.99245  0.69588  0.56097  -1.82511 5  DT B "O3'" 
372 C "C2'" . DT B 1  ? 7.78702  6.11855  5.95161  0.70755  0.53862  -1.80383 5  DT B "C2'" 
373 C "C1'" . DT B 1  ? 7.76936  6.12199  5.92162  0.70202  0.55402  -1.79223 5  DT B "C1'" 
374 N N1    . DT B 1  ? 7.71879  6.06843  5.86187  0.70843  0.53320  -1.75002 5  DT B N1    
375 C C2    . DT B 1  ? 7.72503  6.04632  5.83906  0.72213  0.50001  -1.73014 5  DT B C2    
376 O O2    . DT B 1  ? 7.76926  6.06967  5.86591  0.72972  0.48492  -1.74634 5  DT B O2    
377 N N3    . DT B 1  ? 7.67892  5.99575  5.78323  0.72714  0.48463  -1.68974 5  DT B N3    
378 C C4    . DT B 1  ? 7.62988  5.96601  5.74873  0.72091  0.49846  -1.66709 5  DT B C4    
379 O O4    . DT B 1  ? 7.59434  5.91977  5.69837  0.72707  0.48346  -1.62877 5  DT B O4    
380 C C5    . DT B 1  ? 7.62546  5.99342  5.77609  0.70711  0.53155  -1.69099 5  DT B C5    
381 C C7    . DT B 1  ? 7.57599  5.96738  5.74361  0.70059  0.54697  -1.67012 5  DT B C7    
382 C C6    . DT B 1  ? 7.66876  6.04253  5.83058  0.70111  0.54738  -1.73108 5  DT B C6    
383 P P     . DC B 2  ? 7.38200  5.71995  5.62471  0.69709  0.54671  -1.80955 6  DC B P     
384 O OP1   . DC B 2  ? 7.40522  5.74634  5.66701  0.68868  0.57145  -1.83583 6  DC B OP1   
385 O OP2   . DC B 2  ? 7.31874  5.67454  5.57214  0.69238  0.54387  -1.77757 6  DC B OP2   
386 O "O5'" . DC B 2  ? 7.39734  5.70343  5.62397  0.71710  0.50262  -1.79979 6  DC B "O5'" 
387 C "C5'" . DC B 2  ? 7.35702  5.65502  5.57604  0.72609  0.47089  -1.76515 6  DC B "C5'" 
388 C "C4'" . DC B 2  ? 7.37724  5.66356  5.56139  0.73415  0.45699  -1.75824 6  DC B "C4'" 
389 O "O4'" . DC B 2  ? 7.33473  5.63492  5.51253  0.72874  0.46378  -1.73065 6  DC B "O4'" 
390 C "C3'" . DC B 2  ? 7.38688  5.64504  5.55279  0.75242  0.41283  -1.74516 6  DC B "C3'" 
391 O "O3'" . DC B 2  ? 7.44469  5.68789  5.58409  0.75948  0.40729  -1.76723 6  DC B "O3'" 
392 C "C2'" . DC B 2  ? 7.33911  5.59533  5.49217  0.75512  0.39657  -1.70503 6  DC B "C2'" 
393 C "C1'" . DC B 2  ? 7.32796  5.60746  5.47810  0.74161  0.43166  -1.70457 6  DC B "C1'" 
394 N N1    . DC B 2  ? 7.27082  5.55832  5.42038  0.73921  0.43088  -1.66615 6  DC B N1    
395 C C2    . DC B 2  ? 7.25708  5.52507  5.37657  0.75003  0.40470  -1.63383 6  DC B C2    
396 O O2    . DC B 2  ? 7.29000  5.53644  5.38612  0.76080  0.38108  -1.63828 6  DC B O2    
397 N N3    . DC B 2  ? 7.20944  5.48095  5.32453  0.74873  0.40583  -1.59759 6  DC B N3    
398 C C4    . DC B 2  ? 7.17636  5.47126  5.31642  0.73746  0.43055  -1.59413 6  DC B C4    
399 N N4    . DC B 2  ? 7.13337  5.42748  5.26441  0.73791  0.43032  -1.55634 6  DC B N4    
400 C C5    . DC B 2  ? 7.18800  5.50611  5.36116  0.72554  0.45662  -1.62847 6  DC B C5    
401 C C6    . DC B 2  ? 7.23541  5.54801  5.41139  0.72668  0.45658  -1.66292 6  DC B C6    
402 P P     . DA B 3  ? 5.93119  4.16206  4.07467  0.76622  0.40513  -1.80272 7  DA B P     
403 O OP1   . DA B 3  ? 5.97326  4.18045  4.08734  0.78033  0.37664  -1.80892 7  DA B OP1   
404 O OP2   . DA B 3  ? 5.95507  4.20230  4.10810  0.75230  0.44765  -1.83015 7  DA B OP2   
405 O "O5'" . DA B 3  ? 5.90157  4.13010  4.07407  0.77245  0.38536  -1.79327 7  DA B "O5'" 
406 C "C5'" . DA B 3  ? 5.93031  4.13980  4.10309  0.78918  0.35323  -1.80363 7  DA B "C5'" 
407 C "C4'" . DA B 3  ? 5.91510  4.10751  4.07145  0.80284  0.31085  -1.77877 7  DA B "C4'" 
408 O "O4'" . DA B 3  ? 5.86455  4.06488  4.01524  0.79534  0.31426  -1.74607 7  DA B "O4'" 
409 C "C3'" . DA B 3  ? 5.89611  4.07987  4.07083  0.81656  0.27400  -1.76819 7  DA B "C3'" 
410 O "O3'" . DA B 3  ? 5.91352  4.07601  4.06664  0.83200  0.23498  -1.76117 7  DA B "O3'" 
411 C "C2'" . DA B 3  ? 5.82813  4.02457  4.02019  0.80846  0.27636  -1.73519 7  DA B "C2'" 
412 C "C1'" . DA B 3  ? 5.81502  4.01362  3.98217  0.80065  0.28924  -1.71787 7  DA B "C1'" 
413 N N9    . DA B 3  ? 5.76292  3.98041  3.94394  0.78647  0.31305  -1.69676 7  DA B N9    
414 C C8    . DA B 3  ? 5.74774  3.98599  3.95524  0.77232  0.34589  -1.70712 7  DA B C8    
415 N N7    . DA B 3  ? 5.69900  3.95152  3.91388  0.76181  0.36039  -1.68315 7  DA B N7    
416 C C5    . DA B 3  ? 5.68171  3.92028  3.87163  0.77054  0.33557  -1.65376 7  DA B C5    
417 C C6    . DA B 3  ? 5.63569  3.87645  3.81623  0.76783  0.33486  -1.61792 7  DA B C6    
418 N N6    . DA B 3  ? 5.59624  3.85685  3.79423  0.75501  0.36009  -1.60628 7  DA B N6    
419 N N1    . DA B 3  ? 5.63340  3.85371  3.78420  0.77946  0.30669  -1.59379 7  DA B N1    
420 C C2    . DA B 3  ? 5.67351  3.87481  3.80731  0.79193  0.28076  -1.60645 7  DA B C2    
421 N N3    . DA B 3  ? 5.71850  3.91674  3.85961  0.79599  0.27775  -1.64008 7  DA B N3    
422 C C4    . DA B 3  ? 5.72049  3.93749  3.88944  0.78513  0.30651  -1.66200 7  DA B C4    
423 P P     . DT B 4  ? 5.60695  3.75850  3.77382  0.84839  0.18898  -1.74577 8  DT B P     
424 O OP1   . DT B 4  ? 5.65697  3.78745  3.80323  0.86342  0.15994  -1.76103 8  DT B OP1   
425 O OP2   . DT B 4  ? 5.58654  3.75181  3.78927  0.84692  0.19512  -1.75128 8  DT B OP2   
426 O "O5'" . DT B 4  ? 5.54997  3.69927  3.70844  0.84699  0.17316  -1.70325 8  DT B "O5'" 
427 C "C5'" . DT B 4  ? 5.55721  3.69429  3.68105  0.84760  0.16706  -1.68952 8  DT B "C5'" 
428 C "C4'" . DT B 4  ? 5.50024  3.63421  3.61916  0.84807  0.15062  -1.64701 8  DT B "C4'" 
429 O "O4'" . DT B 4  ? 5.45862  3.61257  3.59134  0.83256  0.18435  -1.63372 8  DT B "O4'" 
430 C "C3'" . DT B 4  ? 5.46896  3.59603  3.60591  0.86000  0.11261  -1.62840 8  DT B "C3'" 
431 O "O3'" . DT B 4  ? 5.44595  3.55627  3.55973  0.86738  0.08382  -1.59523 8  DT B "O3'" 
432 C "C2'" . DT B 4  ? 5.42140  3.56891  3.58966  0.84869  0.13469  -1.61811 8  DT B "C2'" 
433 C "C1'" . DT B 4  ? 5.40610  3.56228  3.55856  0.83444  0.16828  -1.60627 8  DT B "C1'" 
434 N N1    . DT B 4  ? 5.37321  3.55227  3.55128  0.81856  0.20389  -1.60524 8  DT B N1    
435 C C2    . DT B 4  ? 5.32614  3.51052  3.50014  0.81068  0.21460  -1.57348 8  DT B C2    
436 O O2    . DT B 4  ? 5.31024  3.48045  3.45930  0.81660  0.19683  -1.54496 8  DT B O2    
437 N N3    . DT B 4  ? 5.29958  3.50533  3.49827  0.79583  0.24704  -1.57569 8  DT B N3    
438 C C4    . DT B 4  ? 5.31496  3.53651  3.54105  0.78767  0.26983  -1.60574 8  DT B C4    
439 O O4    . DT B 4  ? 5.28899  3.52930  3.53586  0.77352  0.29846  -1.60569 8  DT B O4    
440 C C5    . DT B 4  ? 5.36532  3.57866  3.59254  0.79735  0.25734  -1.63685 8  DT B C5    
441 C C7    . DT B 4  ? 5.38835  3.61426  3.64065  0.79102  0.27995  -1.66901 8  DT B C7    
442 C C6    . DT B 4  ? 5.39175  3.58484  3.59562  0.81242  0.22505  -1.63535 8  DT B C6    
443 P P     . DC B 5  ? 5.23755  3.33356  3.35843  0.88347  0.03494  -1.57656 9  DC B P     
444 O OP1   . DC B 5  ? 5.28948  3.36696  3.39220  0.89645  0.00767  -1.59565 9  DC B OP1   
445 O OP2   . DC B 5  ? 5.20657  3.31783  3.36627  0.88236  0.03516  -1.57707 9  DC B OP2   
446 O "O5'" . DC B 5  ? 5.19204  3.27752  3.29162  0.88346  0.02263  -1.53181 9  DC B "O5'" 
447 C "C5'" . DC B 5  ? 5.18407  3.27179  3.26062  0.87265  0.05097  -1.51892 9  DC B "C5'" 
448 C "C4'" . DC B 5  ? 5.12380  3.21315  3.20141  0.86829  0.05306  -1.47792 9  DC B "C4'" 
449 O "O4'" . DC B 5  ? 5.09941  3.21232  3.20265  0.85355  0.09093  -1.48292 9  DC B "O4'" 
450 C "C3'" . DC B 5  ? 5.08832  3.16840  3.17832  0.87890  0.01539  -1.45309 9  DC B "C3'" 
451 O "O3'" . DC B 5  ? 5.05022  3.11748  3.11769  0.87990  0.00663  -1.41078 9  DC B "O3'" 
452 C "C2'" . DC B 5  ? 5.06208  3.16382  3.19281  0.87096  0.03265  -1.46194 9  DC B "C2'" 
453 C "C1'" . DC B 5  ? 5.05469  3.17242  3.18400  0.85412  0.07955  -1.46465 9  DC B "C1'" 
454 N N1    . DC B 5  ? 5.05256  3.19384  3.21687  0.84271  0.10915  -1.48937 9  DC B N1    
455 C C2    . DC B 5  ? 5.01310  3.16965  3.19063  0.82859  0.13905  -1.47502 9  DC B C2    
456 O O2    . DC B 5  ? 4.98116  3.13056  3.14039  0.82690  0.13985  -1.44120 9  DC B O2    
457 N N3    . DC B 5  ? 5.01247  3.18995  3.22113  0.81740  0.16622  -1.49817 9  DC B N3    
458 C C4    . DC B 5  ? 5.04972  3.23176  3.27445  0.82077  0.16444  -1.53287 9  DC B C4    
459 N N4    . DC B 5  ? 5.04885  3.24996  3.30212  0.80945  0.19212  -1.55375 9  DC B N4    
460 C C5    . DC B 5  ? 5.09105  3.25713  3.30200  0.83620  0.13408  -1.54730 9  DC B C5    
461 C C6    . DC B 5  ? 5.09086  3.23748  3.27242  0.84624  0.10729  -1.52545 9  DC B C6    
462 P P     . DC B 6  ? 5.57446  3.62956  3.64767  0.89004  -0.03136 -1.37685 10 DC B P     
463 O OP1   . DC B 6  ? 5.56696  3.59850  3.60078  0.89649  -0.04971 -1.34362 10 DC B OP1   
464 O OP2   . DC B 6  ? 5.59051  3.64724  3.68868  0.90027  -0.06012 -1.39829 10 DC B OP2   
465 O "O5'" . DC B 6  ? 5.52310  3.59423  3.61927  0.87806  -0.00611 -1.35827 10 DC B "O5'" 
466 C "C5'" . DC B 6  ? 5.47759  3.54319  3.58396  0.88251  -0.02908 -1.32741 10 DC B "C5'" 
467 C "C4'" . DC B 6  ? 5.43468  3.51198  3.55161  0.86870  0.00251  -1.30771 10 DC B "C4'" 
468 O "O4'" . DC B 6  ? 5.44876  3.55027  3.59060  0.85555  0.04015  -1.34049 10 DC B "O4'" 
469 C "C3'" . DC B 6  ? 5.38888  3.46716  3.52742  0.86986  -0.01417 -1.28495 10 DC B "C3'" 
470 O "O3'" . DC B 6  ? 5.34931  3.42475  3.47694  0.86084  0.00638  -1.25106 10 DC B "O3'" 
471 C "C2'" . DC B 6  ? 5.39574  3.49782  3.57592  0.86318  -0.00004 -1.31937 10 DC B "C2'" 
472 C "C1'" . DC B 6  ? 5.41989  3.53605  3.59761  0.85003  0.04382  -1.34286 10 DC B "C1'" 
473 N N1    . DC B 6  ? 5.45224  3.58677  3.65813  0.84632  0.05743  -1.38661 10 DC B N1    
474 C C2    . DC B 6  ? 5.44724  3.60332  3.67418  0.83005  0.09827  -1.40331 10 DC B C2    
475 O O2    . DC B 6  ? 5.41583  3.57614  3.63850  0.81921  0.12163  -1.38187 10 DC B O2    
476 N N3    . DC B 6  ? 5.47829  3.64905  3.72855  0.82697  0.11095  -1.44206 10 DC B N3    
477 C C4    . DC B 6  ? 5.51375  3.67777  3.76610  0.84024  0.08431  -1.46323 10 DC B C4    
478 N N4    . DC B 6  ? 5.54564  3.72238  3.81872  0.83771  0.09836  -1.49985 10 DC B N4    
479 C C5    . DC B 6  ? 5.51932  3.66243  3.75163  0.85702  0.04186  -1.44740 10 DC B C5    
480 C C6    . DC B 6  ? 5.48771  3.61693  3.69753  0.85908  0.02991  -1.40950 10 DC B C6    
481 P P     . DT B 7  ? 5.59151  3.65667  3.72244  0.86396  -0.01517 -1.21217 11 DT B P     
482 O OP1   . DT B 7  ? 5.57099  3.61647  3.66413  0.86336  -0.00846 -1.17100 11 DT B OP1   
483 O OP2   . DT B 7  ? 5.59600  3.65495  3.73784  0.87840  -0.05992 -1.21641 11 DT B OP2   
484 O "O5'" . DT B 7  ? 5.56580  3.65374  3.73383  0.84935  0.01297  -1.22190 11 DT B "O5'" 
485 C "C5'" . DT B 7  ? 5.55194  3.64791  3.71621  0.83442  0.05462  -1.21436 11 DT B "C5'" 
486 C "C4'" . DT B 7  ? 5.53341  3.65228  3.73713  0.82125  0.07659  -1.23060 11 DT B "C4'" 
487 O "O4'" . DT B 7  ? 5.56838  3.70788  3.79585  0.81666  0.09251  -1.27621 11 DT B "O4'" 
488 C "C3'" . DT B 7  ? 5.50690  3.62619  3.73517  0.82580  0.04868  -1.22338 11 DT B "C3'" 
489 O "O3'" . DT B 7  ? 5.46514  3.57046  3.67975  0.82400  0.04503  -1.18101 11 DT B "O3'" 
490 C "C2'" . DT B 7  ? 5.50946  3.65535  3.77823  0.81315  0.07368  -1.25689 11 DT B "C2'" 
491 C "C1'" . DT B 7  ? 5.55376  3.71067  3.81997  0.80968  0.09727  -1.29219 11 DT B "C1'" 
492 N N1    . DT B 7  ? 5.58989  3.75465  3.87558  0.81740  0.08168  -1.32947 11 DT B N1    
493 C C2    . DT B 7  ? 5.60984  3.79567  3.92166  0.80705  0.10944  -1.36562 11 DT B C2    
494 O O2    . DT B 7  ? 5.59810  3.79846  3.92011  0.79109  0.14589  -1.36998 11 DT B O2    
495 N N3    . DT B 7  ? 5.64544  3.83412  3.97018  0.81656  0.09247  -1.39629 11 DT B N3    
496 C C4    . DT B 7  ? 5.66232  3.83658  3.97818  0.83508  0.05043  -1.39527 11 DT B C4    
497 O O4    . DT B 7  ? 5.69600  3.87367  4.02419  0.84347  0.03745  -1.42395 11 DT B O4    
498 C C5    . DT B 7  ? 5.63877  3.79289  3.92883  0.84431  0.02255  -1.35764 11 DT B C5    
499 C C7    . DT B 7  ? 5.65428  3.79221  3.93335  0.86390  -0.02442 -1.35367 11 DT B C7    
500 C C6    . DT B 7  ? 5.60436  3.75409  3.87994  0.83515  0.03973  -1.32651 11 DT B C6    
501 P P     . DG C 1  ? 6.31052  5.35841  5.57139  -0.53453 1.19528  -2.88186 1  DG C P     
502 O OP1   . DG C 1  ? 6.42001  5.33515  5.52934  -0.56261 1.23381  -2.84758 1  DG C OP1   
503 O OP2   . DG C 1  ? 6.24530  5.30435  5.61085  -0.45697 1.19288  -2.87500 1  DG C OP2   
504 O "O5'" . DG C 1  ? 6.38229  5.45956  5.53609  -0.59954 1.21495  -2.89782 1  DG C "O5'" 
505 C "C5'" . DG C 1  ? 6.33421  5.53536  5.54532  -0.64902 1.17689  -2.93711 1  DG C "C5'" 
506 C "C4'" . DG C 1  ? 6.18470  5.53703  5.60651  -0.60290 1.12618  -2.97366 1  DG C "C4'" 
507 O "O4'" . DG C 1  ? 6.17766  5.63762  5.60487  -0.65673 1.11233  -3.00860 1  DG C "O4'" 
508 C "C3'" . DG C 1  ? 6.04795  5.49203  5.66254  -0.56611 1.06743  -2.99312 1  DG C "C3'" 
509 O "O3'" . DG C 1  ? 5.91723  5.46815  5.72446  -0.50382 1.03383  -3.01249 1  DG C "O3'" 
510 C "C2'" . DG C 1  ? 6.03774  5.57709  5.65808  -0.63243 1.03667  -3.02641 1  DG C "C2'" 
511 C "C1'" . DG C 1  ? 6.06887  5.66173  5.64433  -0.66471 1.05442  -3.04413 1  DG C "C1'" 
512 N N9    . DG C 1  ? 6.13149  5.76329  5.61451  -0.74819 1.05634  -3.06224 1  DG C N9    
513 C C8    . DG C 1  ? 6.16132  5.79657  5.60386  -0.80063 1.04146  -3.06893 1  DG C C8    
514 N N7    . DG C 1  ? 6.21786  5.89615  5.57680  -0.87253 1.04560  -3.08332 1  DG C N7    
515 C C5    . DG C 1  ? 6.22731  5.93617  5.57784  -0.87064 1.06925  -3.09121 1  DG C C5    
516 C C6    . DG C 1  ? 6.28291  6.04563  5.56305  -0.93464 1.08720  -3.10899 1  DG C C6    
517 O O6    . DG C 1  ? 6.33516  6.13571  5.54611  -1.00928 1.08600  -3.12140 1  DG C O6    
518 N N1    . DG C 1  ? 6.27657  6.04809  5.57274  -0.90643 1.10763  -3.11138 1  DG C N1    
519 C C2    . DG C 1  ? 6.22396  5.95888  5.59351  -0.82671 1.10864  -3.09792 1  DG C C2    
520 N N2    . DG C 1  ? 6.23167  5.97828  5.60054  -0.81130 1.12684  -3.10253 1  DG C N2    
521 N N3    . DG C 1  ? 6.17053  5.86043  5.60890  -0.76762 1.09261  -3.08078 1  DG C N3    
522 C C4    . DG C 1  ? 6.17531  5.85396  5.60010  -0.79374 1.07452  -3.07856 1  DG C C4    
523 P P     . DG C 2  ? 5.66574  5.32861  5.71043  -0.45351 0.97104  -3.03253 2  DG C P     
524 O OP1   . DG C 2  ? 5.59571  5.26198  5.75561  -0.37820 0.96857  -3.01969 2  DG C OP1   
525 O OP2   . DG C 2  ? 5.70431  5.34229  5.74712  -0.49284 0.97996  -3.04727 2  DG C OP2   
526 O "O5'" . DG C 2  ? 5.56408  5.41444  5.74912  -0.47650 0.92091  -3.08436 2  DG C "O5'" 
527 C "C5'" . DG C 2  ? 5.46618  5.43495  5.79722  -0.43905 0.89916  -3.10842 2  DG C "C5'" 
528 C "C4'" . DG C 2  ? 5.56095  5.49343  5.75181  -0.47047 0.94231  -3.10634 2  DG C "C4'" 
529 O "O4'" . DG C 2  ? 5.67479  5.56576  5.69276  -0.55049 0.96775  -3.10795 2  DG C "O4'" 
530 C "C3'" . DG C 2  ? 5.46648  5.55280  5.79688  -0.45749 0.91322  -3.14457 2  DG C "C3'" 
531 O "O3'" . DG C 2  ? 5.54083  5.55720  5.77027  -0.45024 0.95422  -3.12874 2  DG C "O3'" 
532 C "C2'" . DG C 2  ? 5.48246  5.65478  5.78166  -0.52682 0.90131  -3.17703 2  DG C "C2'" 
533 C "C1'" . DG C 2  ? 5.65418  5.66183  5.70116  -0.58486 0.95736  -3.14339 2  DG C "C1'" 
534 N N9    . DG C 2  ? 5.69986  5.74109  5.67562  -0.65834 0.95123  -3.16024 2  DG C N9    
535 C C8    . DG C 2  ? 5.70319  5.72825  5.66993  -0.67976 0.93074  -3.15760 2  DG C C8    
536 N N7    . DG C 2  ? 5.75474  5.81828  5.64641  -0.75112 0.92819  -3.17454 2  DG C N7    
537 C C5    . DG C 2  ? 5.78679  5.89594  5.63691  -0.77945 0.95109  -3.18924 2  DG C C5    
538 C C6    . DG C 2  ? 5.84642  6.01357  5.61668  -0.85570 0.96076  -3.21004 2  DG C C6    
539 O O6    . DG C 2  ? 5.88369  6.07650  5.60217  -0.91512 0.94905  -3.21963 2  DG C O6    
540 N N1    . DG C 2  ? 5.86513  6.06108  5.61698  -0.86100 0.98599  -3.21932 2  DG C N1    
541 C C2    . DG C 2  ? 5.83283  6.00198  5.63305  -0.79986 0.99746  -3.20963 2  DG C C2    
542 N N2    . DG C 2  ? 5.86376  6.06182  5.63145  -0.81677 1.01991  -3.22108 2  DG C N2    
543 N N3    . DG C 2  ? 5.77723  5.89472  5.65189  -0.72846 0.98712  -3.18971 2  DG C N3    
544 C C4    . DG C 2  ? 5.75548  5.84751  5.65360  -0.72271 0.96510  -3.18068 2  DG C C4    
545 P P     . DA C 3  ? 5.18799  5.32206  5.56882  -0.40774 0.92865  -3.15413 3  DA C P     
546 O OP1   . DA C 3  ? 5.20353  5.24282  5.57449  -0.34868 0.94772  -3.12141 3  DA C OP1   
547 O OP2   . DA C 3  ? 5.02689  5.35044  5.64014  -0.39041 0.86304  -3.19666 3  DA C OP2   
548 O "O5'" . DA C 3  ? 5.28582  5.41501  5.52654  -0.46561 0.96250  -3.16646 3  DA C "O5'" 
549 C "C5'" . DA C 3  ? 5.31028  5.50518  5.50847  -0.53475 0.95890  -3.19224 3  DA C "C5'" 
550 C "C4'" . DA C 3  ? 5.34691  5.59609  5.50167  -0.57076 0.97433  -3.21501 3  DA C "C4'" 
551 O "O4'" . DA C 3  ? 5.39543  5.68996  5.47729  -0.64761 0.97955  -3.23462 3  DA C "O4'" 
552 C "C3'" . DA C 3  ? 5.20549  5.62655  5.57093  -0.53184 0.92806  -3.25496 3  DA C "C3'" 
553 O "O3'" . DA C 3  ? 5.26703  5.68698  5.55736  -0.55422 0.95508  -3.26350 3  DA C "O3'" 
554 C "C2'" . DA C 3  ? 5.11762  5.69295  5.60269  -0.56051 0.88455  -3.29427 3  DA C "C2'" 
555 C "C1'" . DA C 3  ? 5.25957  5.74810  5.53578  -0.64325 0.92541  -3.28194 3  DA C "C1'" 
556 N N9    . DA C 3  ? 5.23479  5.75065  5.53621  -0.66526 0.89980  -3.28734 3  DA C N9    
557 C C8    . DA C 3  ? 5.19904  5.66226  5.54407  -0.62866 0.88190  -3.26728 3  DA C C8    
558 N N7    . DA C 3  ? 5.19192  5.68763  5.54197  -0.66181 0.85925  -3.27735 3  DA C N7    
559 C C5    . DA C 3  ? 5.22349  5.80399  5.53260  -0.72466 0.86237  -3.30606 3  DA C C5    
560 C C6    . DA C 3  ? 5.23575  5.88747  5.52843  -0.78329 0.84339  -3.32830 3  DA C C6    
561 N N6    . DA C 3  ? 5.21873  5.86149  5.53304  -0.78719 0.81479  -3.32539 3  DA C N6    
562 N N1    . DA C 3  ? 5.26934  6.00332  5.52345  -0.83907 0.85425  -3.35440 3  DA C N1    
563 C C2    . DA C 3  ? 5.29084  6.02907  5.52200  -0.83613 0.88275  -3.35780 3  DA C C2    
564 N N3    . DA C 3  ? 5.28526  5.95528  5.52420  -0.78327 0.90066  -3.33835 3  DA C N3    
565 C C4    . DA C 3  ? 5.24989  5.84435  5.52954  -0.72839 0.88880  -3.31262 3  DA C C4    
566 P P     . DC C 4  ? 5.10303  5.70122  5.57838  -0.52973 0.91517  -3.30846 4  DC C P     
567 O OP1   . DC C 4  ? 5.19233  5.71976  5.55635  -0.53431 0.95269  -3.29900 4  DC C OP1   
568 O OP2   . DC C 4  ? 4.94084  5.64406  5.64771  -0.45878 0.85715  -3.32132 4  DC C OP2   
569 O "O5'" . DC C 4  ? 5.08414  5.81460  5.58501  -0.59320 0.90086  -3.34828 4  DC C "O5'" 
570 C "C5'" . DC C 4  ? 4.92647  5.85577  5.65508  -0.56853 0.84100  -3.39318 4  DC C "C5'" 
571 C "C4'" . DC C 4  ? 4.93931  5.96876  5.65062  -0.63561 0.83756  -3.42534 4  DC C "C4'" 
572 O "O4'" . DC C 4  ? 4.97181  5.95259  5.62247  -0.66500 0.83600  -3.41149 4  DC C "O4'" 
573 C "C3'" . DC C 4  ? 4.78557  6.03876  5.72654  -0.61261 0.78023  -3.47872 4  DC C "C3'" 
574 O "O3'" . DC C 4  ? 4.83144  6.16021  5.71878  -0.67483 0.79749  -3.50722 4  DC C "O3'" 
575 C "C2'" . DC C 4  ? 4.70869  6.01681  5.74949  -0.60025 0.73810  -3.48564 4  DC C "C2'" 
576 C "C1'" . DC C 4  ? 4.86138  6.01470  5.67191  -0.66701 0.78506  -3.45264 4  DC C "C1'" 
577 N N1    . DC C 4  ? 4.84077  5.95580  5.66872  -0.65764 0.76208  -3.43787 4  DC C N1    
578 C C2    . DC C 4  ? 4.84947  6.02622  5.66470  -0.70707 0.74495  -3.45662 4  DC C C2    
579 O O2    . DC C 4  ? 4.87080  6.13906  5.66552  -0.75726 0.75016  -3.48534 4  DC C O2    
580 N N3    . DC C 4  ? 4.83757  5.97144  5.66213  -0.69931 0.72253  -3.44258 4  DC C N3    
581 C C4    . DC C 4  ? 4.81582  5.85265  5.66468  -0.64545 0.71985  -3.41160 4  DC C C4    
582 N N4    . DC C 4  ? 4.80953  5.81915  5.68070  -0.64504 0.70198  -3.40854 4  DC C N4    
583 C C5    . DC C 4  ? 4.80456  5.78337  5.67021  -0.59480 0.73859  -3.39216 4  DC C C5    
584 C C6    . DC C 4  ? 4.81883  5.83763  5.67124  -0.60273 0.75794  -3.40598 4  DC C C6    
585 P P     . DA C 5  ? 5.16808  6.66213  6.20208  -0.65530 0.77457  -3.55156 5  DA C P     
586 O OP1   . DA C 5  ? 5.29980  6.72768  6.15986  -0.71467 0.82954  -3.54673 5  DA C OP1   
587 O OP2   . DA C 5  ? 5.04801  6.58208  6.25588  -0.56905 0.73424  -3.55240 5  DA C OP2   
588 O "O5'" . DA C 5  ? 5.06909  6.75994  6.25033  -0.67010 0.72999  -3.59966 5  DA C "O5'" 
589 C "C5'" . DA C 5  ? 4.93824  6.71946  6.30059  -0.61736 0.67158  -3.61249 5  DA C "C5'" 
590 C "C4'" . DA C 5  ? 4.95278  6.78298  6.29131  -0.66482 0.66045  -3.62626 5  DA C "C4'" 
591 O "O4'" . DA C 5  ? 4.99948  6.69091  6.25275  -0.66477 0.66533  -3.58757 5  DA C "O4'" 
592 C "C3'" . DA C 5  ? 4.79931  6.84056  6.37110  -0.62666 0.59443  -3.67470 5  DA C "C3'" 
593 O "O3'" . DA C 5  ? 4.83696  6.96280  6.36478  -0.68982 0.59837  -3.70182 5  DA C "O3'" 
594 C "C2'" . DA C 5  ? 4.73735  6.73963  6.38742  -0.57904 0.55659  -3.65608 5  DA C "C2'" 
595 C "C1'" . DA C 5  ? 4.89279  6.68996  6.30100  -0.63504 0.60845  -3.60844 5  DA C "C1'" 
596 N N9    . DA C 5  ? 4.87782  6.56246  6.29488  -0.59203 0.59713  -3.57292 5  DA C N9    
597 C C8    . DA C 5  ? 4.85840  6.45748  6.29869  -0.53810 0.60354  -3.54487 5  DA C C8    
598 N N7    . DA C 5  ? 4.84926  6.36012  6.29511  -0.50980 0.59208  -3.51638 5  DA C N7    
599 C C5    . DA C 5  ? 4.86475  6.41293  6.29941  -0.54945 0.57710  -3.53358 5  DA C C5    
600 C C6    . DA C 5  ? 4.87096  6.40756  6.34779  -0.55553 0.56739  -3.54731 5  DA C C6    
601 N N6    . DA C 5  ? 4.85690  6.29351  6.35581  -0.51079 0.56598  -3.51663 5  DA C N6    
602 N N1    . DA C 5  ? 4.89598  6.52705  6.38931  -0.61036 0.55872  -3.59328 5  DA C N1    
603 C C2    . DA C 5  ? 4.91149  6.64740  6.38407  -0.65594 0.56118  -3.62354 5  DA C C2    
604 N N3    . DA C 5  ? 4.90579  6.66690  6.34415  -0.65602 0.57237  -3.61608 5  DA C N3    
605 C C4    . DA C 5  ? 4.88277  6.54204  6.30180  -0.60082 0.57949  -3.56981 5  DA C C4    
606 P P     . DG C 6  ? 4.98458  7.28361  6.65306  -0.65860 0.54174  -3.72350 6  DG C P     
607 O OP1   . DG C 6  ? 5.03397  7.33501  6.59264  -0.71467 0.53303  -3.71091 6  DG C OP1   
608 O OP2   . DG C 6  ? 4.97133  7.29226  6.64412  -0.64498 0.55497  -3.72348 6  DG C OP2   
609 O "O5'" . DG C 6  ? 4.82104  7.22821  6.74146  -0.56824 0.47448  -3.74556 6  DG C "O5'" 
610 C "C5'" . DG C 6  ? 4.73747  7.28940  6.80035  -0.55228 0.42363  -3.78252 6  DG C "C5'" 
611 C "C4'" . DG C 6  ? 4.80757  7.33274  6.84056  -0.59359 0.43607  -3.80420 6  DG C "C4'" 
612 O "O4'" . DG C 6  ? 4.84024  7.22923  6.84038  -0.57518 0.45752  -3.77770 6  DG C "O4'" 
613 C "C3'" . DG C 6  ? 4.70658  7.38903  6.94344  -0.55559 0.37505  -3.85432 6  DG C "C3'" 
614 O "O3'" . DG C 6  ? 4.76924  7.48563  6.91351  -0.61810 0.37426  -3.86286 6  DG C "O3'" 
615 C "C2'" . DG C 6  ? 4.71392  7.35248  7.02373  -0.53736 0.37665  -3.87204 6  DG C "C2'" 
616 C "C1'" . DG C 6  ? 4.83915  7.23062  6.89110  -0.57517 0.43826  -3.79403 6  DG C "C1'" 
617 N N9    . DG C 6  ? 4.81432  7.07746  6.88177  -0.52169 0.43260  -3.75141 6  DG C N9    
618 C C8    . DG C 6  ? 4.79730  6.95360  6.82956  -0.47810 0.44319  -3.70145 6  DG C C8    
619 N N7    . DG C 6  ? 4.77988  6.83835  6.83590  -0.43699 0.43562  -3.67082 6  DG C N7    
620 C C5    . DG C 6  ? 4.78488  6.88481  6.89777  -0.45392 0.41887  -3.70315 6  DG C C5    
621 C C6    . DG C 6  ? 4.77429  6.80747  6.93526  -0.42700 0.40540  -3.69189 6  DG C C6    
622 O O6    . DG C 6  ? 4.75586  6.68254  6.92139  -0.38181 0.40709  -3.65004 6  DG C O6    
623 N N1    . DG C 6  ? 4.79144  6.89270  6.99597  -0.45870 0.38798  -3.73436 6  DG C N1    
624 C C2    . DG C 6  ? 4.81654  7.03858  7.01595  -0.51003 0.38336  -3.78072 6  DG C C2    
625 N N2    . DG C 6  ? 4.83704  7.10496  7.07419  -0.53507 0.36215  -3.81455 6  DG C N2    
626 N N3    . DG C 6  ? 4.82494  7.11686  6.98270  -0.53607 0.39764  -3.79213 6  DG C N3    
627 C C4    . DG C 6  ? 4.80780  7.03116  6.92485  -0.50574 0.41548  -3.75209 6  DG C C4    
628 P P     . DT C 7  ? 4.60570  7.50099  6.92796  -0.57928 0.30509  -3.90407 7  DT C P     
629 O OP1   . DT C 7  ? 4.62799  7.56234  6.85261  -0.61808 0.30611  -3.88879 7  DT C OP1   
630 O OP2   . DT C 7  ? 4.45183  7.44446  7.02308  -0.47623 0.25277  -3.92829 7  DT C OP2   
631 O "O5'" . DT C 7  ? 4.68076  7.56019  6.97188  -0.62440 0.30070  -3.92646 7  DT C "O5'" 
632 C "C5'" . DT C 7  ? 4.71778  7.51386  7.02132  -0.62261 0.32044  -3.93350 7  DT C "C5'" 
633 C "C4'" . DT C 7  ? 4.63709  7.52967  7.14271  -0.56802 0.26038  -3.97694 7  DT C "C4'" 
634 O "O4'" . DT C 7  ? 4.61038  7.44723  7.21054  -0.52424 0.26637  -3.98316 7  DT C "O4'" 
635 C "C3'" . DT C 7  ? 4.48404  7.53757  7.20452  -0.48169 0.18853  -4.00111 7  DT C "C3'" 
636 O "O3'" . DT C 7  ? 4.46530  7.58984  7.28407  -0.46659 0.13665  -4.03301 7  DT C "O3'" 
637 C "C2'" . DT C 7  ? 4.37816  7.43460  7.26054  -0.39734 0.17431  -4.00101 7  DT C "C2'" 
638 C "C1'" . DT C 7  ? 4.45257  7.40168  7.30052  -0.42094 0.20291  -4.00437 7  DT C "C1'" 
639 N N1    . DT C 7  ? 4.41860  7.25786  7.27786  -0.37739 0.21633  -3.96235 7  DT C N1    
640 C C2    . DT C 7  ? 4.40469  7.15113  7.30611  -0.34429 0.19954  -3.94024 7  DT C C2    
641 O O2    . DT C 7  ? 4.41728  7.17870  7.36594  -0.34782 0.17416  -3.96294 7  DT C O2    
642 N N3    . DT C 7  ? 4.37841  7.01166  7.26384  -0.30662 0.21168  -3.88908 7  DT C N3    
643 C C4    . DT C 7  ? 4.36940  6.96623  7.19436  -0.29906 0.23607  -3.85668 7  DT C C4    
644 O O4    . DT C 7  ? 4.35209  6.84128  7.15859  -0.26448 0.24283  -3.80863 7  DT C O4    
645 C C5    . DT C 7  ? 4.38611  7.07826  7.16835  -0.33507 0.25195  -3.88219 7  DT C C5    
646 C C7    . DT C 7  ? 4.38328  7.03831  7.09611  -0.33041 0.27659  -3.84980 7  DT C C7    
647 C C6    . DT C 7  ? 4.40783  7.21885  7.21224  -0.37225 0.24267  -3.93401 7  DT C C6    
648 P P     . DA C 8  ? 4.44361  7.71955  7.39846  -0.41319 0.06655  -4.05281 8  DA C P     
649 O OP1   . DA C 8  ? 4.53057  7.81053  7.31206  -0.49370 0.08166  -4.03594 8  DA C OP1   
650 O OP2   . DA C 8  ? 4.29982  7.65041  7.42863  -0.31792 0.03877  -4.05523 8  DA C OP2   
651 O "O5'" . DA C 8  ? 4.42998  7.73649  7.50785  -0.38236 0.01097  -4.08344 8  DA C "O5'" 
652 C "C5'" . DA C 8  ? 4.45892  7.68389  7.56707  -0.37940 0.02471  -4.09212 8  DA C "C5'" 
653 C "C4'" . DA C 8  ? 4.32044  7.59823  7.67096  -0.26676 -0.02545 -4.10908 8  DA C "C4'" 
654 O "O4'" . DA C 8  ? 4.31086  7.51006  7.66519  -0.25505 0.01542  -4.09326 8  DA C "O4'" 
655 C "C3'" . DA C 8  ? 4.18628  7.58505  7.68306  -0.18373 -0.07427 -4.11244 8  DA C "C3'" 
656 O "O3'" . DA C 8  ? 4.13706  7.61149  7.76297  -0.13003 -0.14507 -4.13476 8  DA C "O3'" 
657 C "C2'" . DA C 8  ? 4.08520  7.47714  7.71465  -0.11295 -0.07662 -4.10267 8  DA C "C2'" 
658 C "C1'" . DA C 8  ? 4.16576  7.43456  7.73057  -0.15293 -0.03438 -4.09646 8  DA C "C1'" 
659 N N9    . DA C 8  ? 4.15287  7.35591  7.68989  -0.14910 0.00457  -4.06789 8  DA C N9    
660 C C8    . DA C 8  ? 4.16862  7.35301  7.59047  -0.17794 0.04415  -4.04069 8  DA C C8    
661 N N7    . DA C 8  ? 4.16212  7.27167  7.57154  -0.16705 0.06945  -4.01402 8  DA C N7    
662 C C5    . DA C 8  ? 4.13620  7.19350  7.63951  -0.12920 0.04443  -4.00904 8  DA C C5    
663 C C6    . DA C 8  ? 4.12279  7.04277  7.60506  -0.10326 0.05058  -3.95234 8  DA C C6    
664 N N6    . DA C 8  ? 4.13690  6.96693  7.51449  -0.10933 0.08456  -3.90390 8  DA C N6    
665 N N1    . DA C 8  ? 4.09898  6.97479  7.66900  -0.06992 0.01939  -3.94627 8  DA C N1    
666 C C2    . DA C 8  ? 4.09230  7.04883  7.76049  -0.06221 -0.01719 -3.99326 8  DA C C2    
667 N N3    . DA C 8  ? 4.10832  7.18955  7.79796  -0.08261 -0.02845 -4.04740 8  DA C N3    
668 C C4    . DA C 8  ? 4.12895  7.25865  7.73286  -0.11686 0.00526  -4.05285 8  DA C C4    
669 P P     . DG C 9  ? 4.39565  7.98923  8.17349  -0.03733 -0.20089 -4.14113 9  DG C P     
670 O OP1   . DG C 9  ? 4.43079  8.06591  8.19508  -0.04468 -0.24871 -4.15045 9  DG C OP1   
671 O OP2   . DG C 9  ? 4.36180  7.98146  8.08779  -0.04562 -0.16364 -4.12256 9  DG C OP2   
672 O "O5'" . DG C 9  ? 4.27839  7.88529  8.27881  0.06903  -0.24672 -4.15061 9  DG C "O5'" 
673 C "C5'" . DG C 9  ? 4.30140  7.86264  8.37045  0.08523  -0.27820 -4.16423 9  DG C "C5'" 
674 C "C4'" . DG C 9  ? 4.24429  7.76079  8.42591  0.12656  -0.27582 -4.15723 9  DG C "C4'" 
675 O "O4'" . DG C 9  ? 4.26345  7.73764  8.34454  0.08018  -0.21416 -4.13409 9  DG C "O4'" 
676 C "C3'" . DG C 9  ? 4.09594  7.67827  8.50099  0.24226  -0.33915 -4.15628 9  DG C "C3'" 
677 O "O3'" . DG C 9  ? 4.08007  7.62531  8.61198  0.28881  -0.38460 -4.16509 9  DG C "O3'" 
678 C "C2'" . DG C 9  ? 4.03426  7.61547  8.45459  0.24497  -0.31384 -4.12864 9  DG C "C2'" 
679 C "C1'" . DG C 9  ? 4.16300  7.63884  8.38791  0.14424  -0.23741 -4.11871 9  DG C "C1'" 
680 N N9    . DG C 9  ? 4.16639  7.61129  8.29841  0.11191  -0.19025 -4.08944 9  DG C N9    
681 C C8    . DG C 9  ? 4.19080  7.65905  8.19890  0.07223  -0.15473 -4.07901 9  DG C C8    
682 N N7    . DG C 9  ? 4.19948  7.61123  8.13417  0.05044  -0.11735 -4.04846 9  DG C N7    
683 C C5    . DG C 9  ? 4.18010  7.52845  8.19245  0.07656  -0.12896 -4.03757 9  DG C C5    
684 C C6    . DG C 9  ? 4.18796  7.44787  8.16010  0.07057  -0.10353 -4.00311 9  DG C C6    
685 O O6    . DG C 9  ? 4.21611  7.43125  8.07122  0.04230  -0.06442 -3.97500 9  DG C O6    
686 N N1    . DG C 9  ? 4.16694  7.37986  8.24253  0.10210  -0.12867 -4.00017 9  DG C N1    
687 C C2    . DG C 9  ? 4.14036  7.38671  8.34544  0.13521  -0.17332 -4.02705 9  DG C C2    
688 N N2    . DG C 9  ? 4.12517  7.27490  8.37190  0.15845  -0.19153 -3.99239 9  DG C N2    
689 N N3    . DG C 9  ? 4.13617  7.45919  8.37647  0.14357  -0.19766 -4.05930 9  DG C N3    
690 C C4    . DG C 9  ? 4.15710  7.52817  8.29486  0.11310  -0.17332 -4.06267 9  DG C C4    
691 P P     . DA C 10 ? 4.82817  8.28030  9.37959  0.26607  -0.36447 -4.15363 10 DA C P     
692 O OP1   . DA C 10 ? 4.96256  8.32874  9.30828  0.15977  -0.28687 -4.15162 10 DA C OP1   
693 O OP2   . DA C 10 ? 4.80664  8.24037  9.49633  0.32227  -0.42371 -4.16477 10 DA C OP2   
694 O "O5'" . DA C 10 ? 4.71394  8.19271  9.37024  0.31088  -0.37715 -4.12383 10 DA C "O5'" 
695 C "C5'" . DA C 10 ? 4.73690  8.12777  9.36885  0.28135  -0.34791 -4.10034 10 DA C "C5'" 
696 C "C4'" . DA C 10 ? 4.61739  8.03987  9.37473  0.33409  -0.39333 -4.06745 10 DA C "C4'" 
697 O "O4'" . DA C 10 ? 4.61791  8.04857  9.26746  0.30215  -0.35325 -4.04806 10 DA C "O4'" 
698 C "C3'" . DA C 10 ? 4.61217  7.96759  9.36314  0.40110  -0.47285 -4.00798 10 DA C "C3'" 
699 O "O3'" . DA C 10 ? 4.59588  7.84460  9.36847  0.42991  -0.51867 -3.94432 10 DA C "O3'" 
700 C "C2'" . DA C 10 ? 4.59597  7.99909  9.26450  0.39813  -0.46092 -3.99395 10 DA C "C2'" 
701 C "C1'" . DA C 10 ? 4.57805  8.00309  9.21684  0.34921  -0.40469 -4.00137 10 DA C "C1'" 
702 N N9    . DA C 10 ? 4.56952  8.07391  9.13448  0.31778  -0.36149 -4.01725 10 DA C N9    
703 C C8    . DA C 10 ? 4.57898  8.15267  9.10629  0.31931  -0.35727 -4.03806 10 DA C C8    
704 N N7    . DA C 10 ? 4.56845  8.20393  9.03047  0.28339  -0.31341 -4.04693 10 DA C N7    
705 C C5    . DA C 10 ? 4.57731  8.14241  8.99318  0.25576  -0.28684 -4.01872 10 DA C C5    
706 C C6    . DA C 10 ? 4.61927  8.13204  8.89050  0.21026  -0.23626 -3.99039 10 DA C C6    
707 N N6    . DA C 10 ? 4.64288  8.19305  8.81312  0.18070  -0.20502 -3.99190 10 DA C N6    
708 N N1    . DA C 10 ? 4.64267  8.05356  8.86953  0.19761  -0.21850 -3.95796 10 DA C N1    
709 C C2    . DA C 10 ? 4.62233  7.99223  8.94650  0.22463  -0.24983 -3.95426 10 DA C C2    
710 N N3    . DA C 10 ? 4.58018  7.99437  9.04765  0.26337  -0.29990 -3.97813 10 DA C N3    
711 C C4    . DA C 10 ? 4.55954  8.07122  9.06632  0.27902  -0.31622 -4.01033 10 DA C C4    
712 P P     . DG C 11 ? 5.77215  8.94162  10.62973 0.45295  -0.55894 -3.93325 11 DG C P     
713 O OP1   . DG C 11 ? 5.76741  8.99846  10.67622 0.43116  -0.52715 -4.00593 11 DG C OP1   
714 O OP2   . DG C 11 ? 5.81719  8.90365  10.66892 0.50580  -0.63394 -3.86619 11 DG C OP2   
715 O "O5'" . DG C 11 ? 5.69779  8.81812  10.57455 0.42849  -0.53808 -3.91651 11 DG C "O5'" 
716 C "C5'" . DG C 11 ? 5.68506  8.69959  10.60028 0.45537  -0.58890 -3.86303 11 DG C "C5'" 
717 C "C4'" . DG C 11 ? 5.66557  8.62424  10.52163 0.46647  -0.61238 -3.79953 11 DG C "C4'" 
718 O "O4'" . DG C 11 ? 5.65096  8.67875  10.43400 0.44928  -0.57694 -3.81096 11 DG C "O4'" 
719 C "C3'" . DG C 11 ? 5.71582  8.59357  10.55087 0.50886  -0.68671 -3.73169 11 DG C "C3'" 
720 O "O3'" . DG C 11 ? 5.68312  8.47872  10.50075 0.51231  -0.70897 -3.67895 11 DG C "O3'" 
721 C "C2'" . DG C 11 ? 5.74782  8.67855  10.51145 0.51747  -0.68675 -3.72627 11 DG C "C2'" 
722 C "C1'" . DG C 11 ? 5.68441  8.67918  10.41076 0.48070  -0.62383 -3.75625 11 DG C "C1'" 
723 N N9    . DG C 11 ? 5.70526  8.78742  10.37959 0.47169  -0.59509 -3.78302 11 DG C N9    
724 C C8    . DG C 11 ? 5.77583  8.90403  10.44876 0.48846  -0.60531 -3.80359 11 DG C C8    
725 N N7    . DG C 11 ? 5.78262  8.98833  10.40223 0.47301  -0.57121 -3.82642 11 DG C N7    
726 C C5    . DG C 11 ? 5.70739  8.91765  10.29116 0.44353  -0.53707 -3.81933 11 DG C C5    
727 C C6    . DG C 11 ? 5.67567  8.95273  10.19754 0.41467  -0.49222 -3.83474 11 DG C C6    
728 O O6    . DG C 11 ? 5.71087  9.06016  10.19573 0.40737  -0.47274 -3.85807 11 DG C O6    
729 N N1    . DG C 11 ? 5.59579  8.84859  10.09970 0.39264  -0.46909 -3.82103 11 DG C N1    
730 C C2    . DG C 11 ? 5.55692  8.73283  10.09768 0.39872  -0.48633 -3.79688 11 DG C C2    
731 N N2    . DG C 11 ? 5.48500  8.64934  10.00114 0.37742  -0.45885 -3.78904 11 DG C N2    
732 N N3    . DG C 11 ? 5.58756  8.70162  10.18573 0.42354  -0.52729 -3.78184 11 DG C N3    
733 C C4    . DG C 11 ? 5.66047  8.79522  10.27723 0.44432  -0.55116 -3.79367 11 DG C C4    
734 P P     . DA C 12 ? 6.78397  9.47175  11.64588 0.53239  -0.76393 -3.63486 12 DA C P     
735 O OP1   . DA C 12 ? 6.75086  9.44277  11.70064 0.51764  -0.73925 -3.67542 12 DA C OP1   
736 O OP2   . DA C 12 ? 6.85914  9.51187  11.69699 0.56063  -0.82086 -3.60197 12 DA C OP2   
737 O "O5'" . DA C 12 ? 6.75133  9.37275  11.56994 0.53049  -0.77255 -3.58440 12 DA C "O5'" 
738 C "C5'" . DA C 12 ? 6.67669  9.32029  11.50146 0.50550  -0.72351 -3.60446 12 DA C "C5'" 
739 C "C4'" . DA C 12 ? 6.65085  9.28449  11.39618 0.50567  -0.72190 -3.56929 12 DA C "C4'" 
740 O "O4'" . DA C 12 ? 6.65060  9.36548  11.34482 0.49822  -0.69585 -3.59294 12 DA C "O4'" 
741 C "C3'" . DA C 12 ? 6.69862  9.24593  11.39667 0.53078  -0.77980 -3.50186 12 DA C "C3'" 
742 O "O3'" . DA C 12 ? 6.65503  9.16569  11.31693 0.52689  -0.77377 -3.47109 12 DA C "O3'" 
743 C "C2'" . DA C 12 ? 6.74403  9.32877  11.38271 0.54139  -0.79365 -3.49628 12 DA C "C2'" 
744 C "C1'" . DA C 12 ? 6.68974  9.37526  11.31660 0.51895  -0.73486 -3.54570 12 DA C "C1'" 
745 N N9    . DA C 12 ? 6.73007  9.48398  11.33896 0.52281  -0.73079 -3.57011 12 DA C N9    
746 C C8    . DA C 12 ? 6.79816  9.55379  11.43649 0.53920  -0.75969 -3.57788 12 DA C C8    
747 N N7    . DA C 12 ? 6.82643  9.65443  11.44024 0.54108  -0.74704 -3.60146 12 DA C N7    
748 C C5    . DA C 12 ? 6.77096  9.64706  11.33515 0.52211  -0.70627 -3.60974 12 DA C C5    
749 C C6    . DA C 12 ? 6.76813  9.72719  11.28773 0.51229  -0.67411 -3.63351 12 DA C C6    
750 N N6    . DA C 12 ? 6.82814  9.84029  11.34736 0.52339  -0.67742 -3.65468 12 DA C N6    
751 N N1    . DA C 12 ? 6.70315  9.68844  11.17901 0.49099  -0.63765 -3.63536 12 DA C N1    
752 C C2    . DA C 12 ? 6.64707  9.58013  11.12508 0.48317  -0.63417 -3.61547 12 DA C C2    
753 N N3    . DA C 12 ? 6.64681  9.50281  11.16502 0.49271  -0.66137 -3.59254 12 DA C N3    
754 C C4    . DA C 12 ? 6.71018  9.54074  11.27040 0.51103  -0.69671 -3.59067 12 DA C C4    
755 P P     . DA C 13 ? 6.96383  9.40184  11.55356 0.54562  -0.81786 -3.40580 13 DA C P     
756 O OP1   . DA C 13 ? 6.91904  9.31395  11.50347 0.54075  -0.80959 -3.38268 13 DA C OP1   
757 O OP2   . DA C 13 ? 7.03510  9.41560  11.63026 0.56401  -0.86825 -3.37964 13 DA C OP2   
758 O "O5'" . DA C 13 ? 6.95935  9.45807  11.47789 0.54386  -0.80260 -3.40979 13 DA C "O5'" 
759 C "C5'" . DA C 13 ? 6.93173  9.39872  11.37898 0.55003  -0.81438 -3.36759 13 DA C "C5'" 
760 C "C4'" . DA C 13 ? 6.89233  9.43741  11.29731 0.53774  -0.77578 -3.39070 13 DA C "C4'" 
761 O "O4'" . DA C 13 ? 6.88754  9.51616  11.32552 0.52619  -0.74591 -3.44459 13 DA C "O4'" 
762 C "C3'" . DA C 13 ? 6.89839  9.43573  11.22842 0.54901  -0.79656 -3.35677 13 DA C "C3'" 
763 O "O3'" . DA C 13 ? 6.89434  9.42322  11.22405 0.55334  -0.80419 -3.35576 13 DA C "O3'" 
764 C "C2'" . DA C 13 ? 6.89146  9.52679  11.20943 0.53715  -0.76055 -3.39844 13 DA C "C2'" 
765 C "C1'" . DA C 13 ? 6.90116  9.58376  11.28923 0.52694  -0.73906 -3.44944 13 DA C "C1'" 
766 N N9    . DA C 13 ? 6.95098  9.64618  11.35596 0.53954  -0.76428 -3.45795 13 DA C N9    
767 C C8    . DA C 13 ? 6.99549  9.63893  11.44378 0.55267  -0.80075 -3.44946 13 DA C C8    
768 N N7    . DA C 13 ? 7.03685  9.70691  11.49160 0.56246  -0.81770 -3.46298 13 DA C N7    
769 C C5    . DA C 13 ? 7.01559  9.76348  11.42995 0.55551  -0.78867 -3.48128 13 DA C C5    
770 C C6    . DA C 13 ? 7.04525  9.85684  11.44667 0.56120  -0.78690 -3.50173 13 DA C C6    
771 N N6    . DA C 13 ? 7.08683  9.89168  11.51535 0.57682  -0.81846 -3.50768 13 DA C N6    
772 N N1    . DA C 13 ? 7.02615  9.90869  11.38609 0.55013  -0.75104 -3.51671 13 DA C N1    
773 C C2    . DA C 13 ? 6.97989  9.86583  11.31191 0.53359  -0.72115 -3.51191 13 DA C C2    
774 N N3    . DA C 13 ? 6.94898  9.77904  11.28933 0.52819  -0.72088 -3.49378 13 DA C N3    
775 C C4    . DA C 13 ? 6.96956  9.73273  11.35250 0.54027  -0.75522 -3.47862 13 DA C C4    
776 P P     . DT C 14 ? 7.45327  9.97580  11.72181 0.56543  -0.82711 -3.33011 14 DT C P     
777 O OP1   . DT C 14 ? 7.45244  9.94556  11.73590 0.57255  -0.84259 -3.32554 14 DT C OP1   
778 O OP2   . DT C 14 ? 7.45961  9.93533  11.68796 0.57725  -0.86093 -3.29304 14 DT C OP2   
779 O "O5'" . DT C 14 ? 7.42853  10.04525 11.67180 0.55068  -0.78279 -3.36409 14 DT C "O5'" 
780 C "C5'" . DT C 14 ? 7.41835  10.05255 11.60533 0.55658  -0.79027 -3.34916 14 DT C "C5'" 
781 C "C4'" . DT C 14 ? 7.40722  10.12820 11.57269 0.54023  -0.74696 -3.37907 14 DT C "C4'" 
782 O "O4'" . DT C 14 ? 7.42108  10.14942 11.59190 0.53516  -0.73808 -3.38103 14 DT C "O4'" 
783 C "C3'" . DT C 14 ? 7.38921  10.13051 11.49561 0.54567  -0.75332 -3.36201 14 DT C "C3'" 
784 O "O3'" . DT C 14 ? 7.37519  10.20587 11.47288 0.52673  -0.70581 -3.40103 14 DT C "O3'" 
785 C "C2'" . DT C 14 ? 7.40006  10.11080 11.47807 0.55373  -0.77520 -3.33226 14 DT C "C2'" 
786 C "C1'" . DT C 14 ? 7.43118  10.18521 11.57523 0.54391  -0.75328 -3.37797 14 DT C "C1'" 
787 N N1    . DT C 14 ? 7.47046  10.19053 11.64893 0.55797  -0.79053 -3.37580 14 DT C N1    
788 C C2    . DT C 14 ? 7.49646  10.26313 11.67702 0.56318  -0.79688 -3.39540 14 DT C C2    
789 O O2    . DT C 14 ? 7.48853  10.32636 11.64516 0.55693  -0.77186 -3.41385 14 DT C O2    
790 N N3    . DT C 14 ? 7.53323  10.25938 11.74500 0.57570  -0.83367 -3.39374 14 DT C N3    
791 C C4    . DT C 14 ? 7.54551  10.19019 11.78621 0.58222  -0.86250 -3.37475 14 DT C C4    
792 O O4    . DT C 14 ? 7.58050  10.18923 11.84597 0.59203  -0.89477 -3.37704 14 DT C O4    
793 C C5    . DT C 14 ? 7.51570  10.11905 11.75483 0.57633  -0.85186 -3.35351 14 DT C C5    
794 C C7    . DT C 14 ? 7.52528  10.04387 11.79702 0.58236  -0.87848 -3.33139 14 DT C C7    
795 C C6    . DT C 14 ? 7.48098  10.12339 11.68886 0.56517  -0.81768 -3.35526 14 DT C C6    
796 O "O5'" . DA D 1  ? 3.72545  4.87758  10.09812 0.20757  -2.59490 -0.97242 1  DA D "O5'" 
797 C "C5'" . DA D 1  ? 3.72000  4.73620  9.94194  0.24724  -2.60581 -1.02174 1  DA D "C5'" 
798 C "C4'" . DA D 1  ? 3.68105  4.61322  9.92419  0.32742  -2.56826 -1.05851 1  DA D "C4'" 
799 O "O4'" . DA D 1  ? 3.67772  4.46108  9.75157  0.35298  -2.57964 -1.11917 1  DA D "O4'" 
800 C "C3'" . DA D 1  ? 3.67034  4.66392  10.03473 0.42630  -2.54081 -1.01269 1  DA D "C3'" 
801 O "O3'" . DA D 1  ? 3.66077  4.77874  10.19644 0.42668  -2.50751 -0.96508 1  DA D "O3'" 
802 C "C2'" . DA D 1  ? 3.64476  4.51180  9.93007  0.50195  -2.51113 -1.07084 1  DA D "C2'" 
803 C "C1'" . DA D 1  ? 3.64771  4.37764  9.75007  0.44594  -2.54451 -1.13934 1  DA D "C1'" 
804 N N9    . DA D 1  ? 3.65471  4.27500  9.62560  0.49929  -2.55960 -1.16982 1  DA D N9    
805 C C8    . DA D 1  ? 3.66846  4.30280  9.66404  0.57826  -2.55323 -1.13853 1  DA D C8    
806 N N7    . DA D 1  ? 3.67657  4.18979  9.53231  0.60945  -2.56839 -1.17713 1  DA D N7    
807 C C5    . DA D 1  ? 3.66473  4.08017  9.39305  0.54998  -2.58546 -1.23804 1  DA D C5    
808 C C6    . DA D 1  ? 3.66733  3.93557  9.21350  0.54783  -2.60307 -1.29817 1  DA D C6    
809 N N6    . DA D 1  ? 3.68015  3.87269  9.14799  0.60584  -2.61232 -1.30595 1  DA D N6    
810 N N1    . DA D 1  ? 3.66288  3.86244  9.10384  0.48461  -2.60369 -1.34774 1  DA D N1    
811 C C2    . DA D 1  ? 3.65879  3.92946  9.17633  0.42405  -2.58905 -1.33882 1  DA D C2    
812 N N3    . DA D 1  ? 3.65343  4.06115  9.34934  0.41500  -2.57806 -1.28538 1  DA D N3    
813 C C4    . DA D 1  ? 3.65466  4.13173  9.44832  0.48208  -2.57706 -1.23556 1  DA D C4    
814 P P     . DC D 2  ? 3.96236  5.20512  10.64326 0.50101  -2.47985 -0.89267 2  DC D P     
815 O OP1   . DC D 2  ? 3.97447  5.14629  10.58152 0.58720  -2.47471 -0.90519 2  DC D OP1   
816 O OP2   . DC D 2  ? 3.94208  5.27033  10.76276 0.52072  -2.42661 -0.86699 2  DC D OP2   
817 O "O5'" . DC D 2  ? 3.99454  5.34640  10.72581 0.43048  -2.52375 -0.83514 2  DC D "O5'" 
818 C "C5'" . DC D 2  ? 3.99833  5.42143  10.78106 0.33787  -2.53367 -0.82202 2  DC D "C5'" 
819 C "C4'" . DC D 2  ? 4.02579  5.59830  10.92427 0.31445  -2.54837 -0.74551 2  DC D "C4'" 
820 O "O4'" . DC D 2  ? 4.01472  5.69221  11.06832 0.30523  -2.51197 -0.70978 2  DC D "O4'" 
821 C "C3'" . DC D 2  ? 4.04194  5.65581  10.99188 0.39625  -2.54554 -0.69797 2  DC D "C3'" 
822 O "O3'" . DC D 2  ? 4.07562  5.79616  11.07436 0.35154  -2.58139 -0.63711 2  DC D "O3'" 
823 C "C2'" . DC D 2  ? 4.02407  5.70453  11.11350 0.46783  -2.48298 -0.67418 2  DC D "C2'" 
824 C "C1'" . DC D 2  ? 4.01570  5.77865  11.19234 0.38911  -2.47758 -0.65658 2  DC D "C1'" 
825 N N1    . DC D 2  ? 3.98788  5.78069  11.26008 0.42660  -2.41812 -0.65456 2  DC D N1    
826 C C2    . DC D 2  ? 3.99028  5.91751  11.41535 0.40028  -2.39520 -0.59861 2  DC D C2    
827 O O2    . DC D 2  ? 4.01514  6.02914  11.49047 0.34746  -2.42514 -0.55677 2  DC D O2    
828 N N3    . DC D 2  ? 3.96751  5.93077  11.47901 0.43218  -2.33983 -0.58856 2  DC D N3    
829 C C4    . DC D 2  ? 3.94379  5.81794  11.39171 0.48887  -2.30711 -0.63243 2  DC D C4    
830 N N4    . DC D 2  ? 3.92486  5.85126  11.46049 0.51676  -2.25101 -0.61301 2  DC D N4    
831 C C5    . DC D 2  ? 3.94103  5.67304  11.23010 0.51856  -2.32934 -0.69465 2  DC D C5    
832 C C6    . DC D 2  ? 3.96301  5.65793  11.17107 0.48567  -2.38506 -0.70310 2  DC D C6    
833 P P     . DC D 3  ? 4.75118  6.45054  11.67626 0.36419  -2.62651 -0.61216 3  DC D P     
834 O OP1   . DC D 3  ? 4.77207  6.48193  11.59370 0.26139  -2.67556 -0.61667 3  DC D OP1   
835 O OP2   . DC D 3  ? 4.74107  6.31353  11.58729 0.44817  -2.61060 -0.65424 3  DC D OP2   
836 O "O5'" . DC D 3  ? 4.77723  6.61316  11.86314 0.40183  -2.61902 -0.52876 3  DC D "O5'" 
837 C "C5'" . DC D 3  ? 4.76680  6.64247  11.97481 0.48815  -2.56138 -0.51459 3  DC D "C5'" 
838 C "C4'" . DC D 3  ? 4.76227  6.77537  12.11559 0.45534  -2.53876 -0.47155 3  DC D "C4'" 
839 O "O4'" . DC D 3  ? 4.72601  6.71912  12.10720 0.47471  -2.48762 -0.50744 3  DC D "O4'" 
840 C "C3'" . DC D 3  ? 4.78072  6.92115  12.26975 0.51175  -2.51079 -0.40161 3  DC D "C3'" 
841 O "O3'" . DC D 3  ? 4.76632  7.06397  12.27386 0.44033  -2.51541 -0.33642 3  DC D "O3'" 
842 C "C2'" . DC D 3  ? 4.76423  6.92310  12.34979 0.58047  -2.44284 -0.41670 3  DC D "C2'" 
843 C "C1'" . DC D 3  ? 4.72838  6.84426  12.26656 0.51500  -2.44139 -0.45842 3  DC D "C1'" 
844 N N1    . DC D 3  ? 4.69804  6.78797  12.25506 0.57251  -2.37801 -0.49008 3  DC D N1    
845 C C2    . DC D 3  ? 4.68771  6.89201  12.38002 0.57155  -2.33343 -0.45321 3  DC D C2    
846 O O2    . DC D 3  ? 4.70352  7.02038  12.49567 0.52401  -2.34825 -0.39933 3  DC D O2    
847 N N3    . DC D 3  ? 4.66305  6.85618  12.37076 0.62145  -2.27449 -0.47441 3  DC D N3    
848 C C4    . DC D 3  ? 4.64944  6.72002  12.24015 0.67206  -2.25911 -0.53381 3  DC D C4    
849 N N4    . DC D 3  ? 4.62835  6.70171  12.23510 0.71930  -2.19852 -0.54904 3  DC D N4    
850 C C5    . DC D 3  ? 4.65938  6.60403  12.10937 0.67503  -2.30424 -0.57665 3  DC D C5    
851 C C6    . DC D 3  ? 4.68325  6.64433  12.12385 0.62395  -2.36297 -0.55089 3  DC D C6    
# 
